data_6L8H
#
_entry.id   6L8H
#
_cell.length_a   61.749
_cell.length_b   127.322
_cell.length_c   143.671
_cell.angle_alpha   90.000
_cell.angle_beta   92.220
_cell.angle_gamma   90.000
#
_symmetry.space_group_name_H-M   'P 1 21 1'
#
loop_
_entity.id
_entity.type
_entity.pdbx_description
1 polymer 'Carotene epsilon-monooxygenase, chloroplastic'
2 non-polymer 'PROTOPORPHYRIN IX CONTAINING FE'
3 non-polymer GLYCEROL
4 non-polymer 'octyl 1-thio-beta-D-glucopyranoside'
5 water water
#
_entity_poly.entity_id   1
_entity_poly.type   'polypeptide(L)'
_entity_poly.pdbx_seq_one_letter_code
;GSSGKNDESGIPIANAKLDDVADLLGGALFLPLYKWMNEYGPIYRLAAGPRNFVIVSDPAIAKHVLRNYPKYAKGLVAEV
SEFLFGSGFAIAEGPLWTARRRAVVPSLHRRYLSVIVERVFCKCAERLVEKLQPYAEDGSAVNMEAKFSQMTLDVIGLSL
FNYNFDSLTTDSPVIEAVYTALKEAELRSTDLLPYWKIDALCKIVPRQVKAEKAVTLIRETVEDLIAKCKEIVEREGERI
NDEEYVNDADPSILRFLLASREEVSSVQLRDDLLSMLVAGHETTGSVLTWTLYLLSKNSSALRKAQEEVDRVLEGRNPAF
EDIKELKYITRCINESMRLYPHPPVLIRRAQVPDILPGNYKVNTGQDIMISVYNIHRSSEVWEKAEEFLPERFDIDGAIP
NETNTDFKFIPFSGGPRKCVGDQFALMEAIVALAVFLQRLNVELVPDQTISMTTGATIHTTNGLYMKVSQR
;
_entity_poly.pdbx_strand_id   A,B,C,D
#
loop_
_chem_comp.id
_chem_comp.type
_chem_comp.name
_chem_comp.formula
GOL non-polymer GLYCEROL 'C3 H8 O3'
HEM non-polymer 'PROTOPORPHYRIN IX CONTAINING FE' 'C34 H32 Fe N4 O4'
SOG D-saccharide 'octyl 1-thio-beta-D-glucopyranoside' 'C14 H28 O5 S'
#
# COMPACT_ATOMS: atom_id res chain seq x y z
N ASN A 6 -40.51 -5.34 59.67
CA ASN A 6 -39.43 -4.66 58.98
C ASN A 6 -38.07 -5.10 59.50
N ASP A 7 -37.30 -5.85 58.69
CA ASP A 7 -35.94 -6.17 59.12
C ASP A 7 -34.94 -5.07 58.76
N GLU A 8 -35.41 -3.95 58.22
CA GLU A 8 -34.66 -2.73 57.93
C GLU A 8 -33.71 -2.88 56.75
N SER A 9 -33.69 -4.02 56.08
CA SER A 9 -32.82 -4.20 54.92
C SER A 9 -33.43 -3.62 53.65
N GLY A 10 -34.75 -3.47 53.61
CA GLY A 10 -35.44 -3.02 52.42
C GLY A 10 -35.66 -4.11 51.39
N ILE A 11 -35.27 -5.34 51.66
CA ILE A 11 -35.30 -6.42 50.69
C ILE A 11 -36.57 -7.25 50.93
N PRO A 12 -37.44 -7.40 49.95
CA PRO A 12 -38.60 -8.27 50.13
C PRO A 12 -38.18 -9.72 50.29
N ILE A 13 -39.00 -10.48 51.00
CA ILE A 13 -38.76 -11.89 51.28
C ILE A 13 -39.70 -12.73 50.44
N ALA A 14 -39.15 -13.66 49.65
CA ALA A 14 -39.98 -14.53 48.84
C ALA A 14 -40.56 -15.66 49.69
N ASN A 15 -41.80 -16.03 49.39
CA ASN A 15 -42.47 -17.10 50.12
C ASN A 15 -42.35 -18.41 49.33
N ALA A 16 -41.36 -19.24 49.70
CA ALA A 16 -41.05 -20.47 48.98
C ALA A 16 -41.82 -21.67 49.52
N LYS A 17 -42.34 -22.48 48.62
CA LYS A 17 -43.03 -23.71 49.01
C LYS A 17 -42.14 -24.89 48.67
N LEU A 18 -42.55 -26.07 49.18
CA LEU A 18 -41.80 -27.31 48.95
C LEU A 18 -41.52 -27.53 47.46
N ASP A 19 -42.52 -27.26 46.61
CA ASP A 19 -42.35 -27.42 45.18
C ASP A 19 -41.23 -26.53 44.64
N ASP A 20 -41.11 -25.31 45.15
CA ASP A 20 -40.02 -24.43 44.73
C ASP A 20 -38.68 -24.99 45.18
N VAL A 21 -38.63 -25.53 46.40
CA VAL A 21 -37.39 -26.10 46.92
C VAL A 21 -36.98 -27.33 46.11
N ALA A 22 -37.93 -28.17 45.74
CA ALA A 22 -37.63 -29.27 44.82
C ALA A 22 -36.94 -28.77 43.55
N ASP A 23 -37.46 -27.68 42.99
CA ASP A 23 -36.87 -27.09 41.78
C ASP A 23 -35.46 -26.57 42.04
N LEU A 24 -35.23 -25.94 43.21
CA LEU A 24 -33.91 -25.40 43.52
C LEU A 24 -32.86 -26.52 43.67
N LEU A 25 -33.25 -27.65 44.24
CA LEU A 25 -32.34 -28.78 44.40
C LEU A 25 -32.28 -29.67 43.16
N GLY A 26 -33.26 -29.59 42.27
CA GLY A 26 -33.40 -30.64 41.26
C GLY A 26 -33.07 -30.27 39.83
N GLY A 27 -32.22 -29.27 39.61
CA GLY A 27 -31.86 -28.84 38.27
C GLY A 27 -32.85 -27.92 37.59
N ALA A 28 -33.77 -27.31 38.34
CA ALA A 28 -34.70 -26.34 37.77
C ALA A 28 -34.63 -25.05 38.56
N LEU A 29 -33.43 -24.73 39.04
CA LEU A 29 -33.17 -23.52 39.81
C LEU A 29 -33.74 -22.26 39.15
N PHE A 30 -33.64 -22.17 37.82
CA PHE A 30 -34.06 -20.97 37.11
C PHE A 30 -35.55 -20.73 37.28
N LEU A 31 -36.32 -21.78 37.55
CA LEU A 31 -37.77 -21.66 37.48
C LEU A 31 -38.32 -20.80 38.61
N PRO A 32 -38.15 -21.16 39.91
CA PRO A 32 -38.64 -20.26 40.96
C PRO A 32 -37.96 -18.89 40.99
N LEU A 33 -36.66 -18.84 40.70
CA LEU A 33 -35.98 -17.55 40.72
C LEU A 33 -36.58 -16.58 39.70
N TYR A 34 -36.96 -17.08 38.54
CA TYR A 34 -37.59 -16.23 37.52
C TYR A 34 -39.00 -15.82 37.96
N LYS A 35 -39.78 -16.79 38.43
CA LYS A 35 -41.12 -16.48 38.94
C LYS A 35 -41.06 -15.44 40.06
N TRP A 36 -40.10 -15.58 40.97
CA TRP A 36 -40.01 -14.61 42.06
C TRP A 36 -39.48 -13.25 41.57
N MET A 37 -38.66 -13.22 40.52
CA MET A 37 -38.27 -11.91 39.98
C MET A 37 -39.52 -11.13 39.53
N ASN A 38 -40.41 -11.80 38.82
CA ASN A 38 -41.60 -11.14 38.30
C ASN A 38 -42.58 -10.76 39.40
N GLU A 39 -42.55 -11.45 40.52
CA GLU A 39 -43.49 -11.11 41.60
C GLU A 39 -42.92 -10.09 42.56
N TYR A 40 -41.62 -10.17 42.89
CA TYR A 40 -41.02 -9.34 43.94
C TYR A 40 -40.05 -8.28 43.43
N GLY A 41 -39.56 -8.40 42.20
CA GLY A 41 -38.78 -7.37 41.58
C GLY A 41 -37.30 -7.67 41.47
N PRO A 42 -36.50 -6.60 41.41
CA PRO A 42 -35.08 -6.76 41.07
C PRO A 42 -34.20 -7.27 42.21
N ILE A 43 -34.73 -7.38 43.43
CA ILE A 43 -33.96 -7.96 44.53
C ILE A 43 -34.93 -8.53 45.55
N TYR A 44 -34.65 -9.75 46.02
CA TYR A 44 -35.50 -10.37 47.04
C TYR A 44 -34.68 -11.41 47.80
N ARG A 45 -35.19 -11.84 48.95
CA ARG A 45 -34.51 -12.79 49.81
C ARG A 45 -35.16 -14.16 49.72
N LEU A 46 -34.32 -15.19 49.65
CA LEU A 46 -34.76 -16.57 49.79
C LEU A 46 -34.12 -17.14 51.04
N ALA A 47 -34.92 -17.42 52.07
CA ALA A 47 -34.41 -18.00 53.30
C ALA A 47 -35.08 -19.35 53.46
N ALA A 48 -34.39 -20.40 53.07
CA ALA A 48 -34.91 -21.77 53.07
C ALA A 48 -34.01 -22.62 53.95
N GLY A 49 -34.46 -22.87 55.19
CA GLY A 49 -33.72 -23.68 56.12
C GLY A 49 -32.39 -23.07 56.51
N PRO A 50 -31.29 -23.78 56.21
CA PRO A 50 -29.97 -23.26 56.57
C PRO A 50 -29.48 -22.15 55.65
N ARG A 51 -30.06 -22.01 54.46
CA ARG A 51 -29.58 -21.06 53.47
C ARG A 51 -30.30 -19.71 53.59
N ASN A 52 -29.57 -18.64 53.25
CA ASN A 52 -30.12 -17.30 53.23
C ASN A 52 -29.41 -16.58 52.08
N PHE A 53 -30.11 -16.41 50.96
CA PHE A 53 -29.58 -15.77 49.76
C PHE A 53 -30.37 -14.49 49.45
N VAL A 54 -29.63 -13.44 49.12
CA VAL A 54 -30.20 -12.26 48.49
C VAL A 54 -30.04 -12.45 46.98
N ILE A 55 -31.16 -12.51 46.27
CA ILE A 55 -31.15 -12.86 44.86
C ILE A 55 -31.31 -11.59 44.04
N VAL A 56 -30.38 -11.34 43.14
CA VAL A 56 -30.28 -10.07 42.42
C VAL A 56 -30.61 -10.29 40.96
N SER A 57 -31.60 -9.54 40.43
CA SER A 57 -32.06 -9.69 39.05
C SER A 57 -31.95 -8.38 38.27
N ASP A 58 -31.01 -7.53 38.67
CA ASP A 58 -30.94 -6.15 38.19
C ASP A 58 -29.54 -5.81 37.70
N PRO A 59 -29.40 -5.28 36.47
CA PRO A 59 -28.07 -4.86 35.98
C PRO A 59 -27.26 -3.97 36.92
N ALA A 60 -27.88 -2.93 37.49
CA ALA A 60 -27.13 -1.98 38.31
C ALA A 60 -26.61 -2.64 39.59
N ILE A 61 -27.44 -3.44 40.24
CA ILE A 61 -26.99 -4.12 41.45
C ILE A 61 -25.94 -5.16 41.11
N ALA A 62 -26.14 -5.92 40.02
CA ALA A 62 -25.16 -6.93 39.63
C ALA A 62 -23.80 -6.30 39.36
N LYS A 63 -23.80 -5.19 38.64
CA LYS A 63 -22.56 -4.47 38.37
C LYS A 63 -21.85 -4.08 39.66
N HIS A 64 -22.58 -3.50 40.61
CA HIS A 64 -22.02 -3.13 41.90
C HIS A 64 -21.38 -4.33 42.58
N VAL A 65 -22.10 -5.47 42.62
CA VAL A 65 -21.59 -6.66 43.30
C VAL A 65 -20.35 -7.20 42.59
N LEU A 66 -20.39 -7.31 41.26
CA LEU A 66 -19.30 -7.97 40.55
C LEU A 66 -18.06 -7.09 40.49
N ARG A 67 -18.24 -5.78 40.35
CA ARG A 67 -17.06 -4.92 40.30
C ARG A 67 -16.42 -4.75 41.66
N ASN A 68 -17.19 -4.90 42.74
CA ASN A 68 -16.66 -4.69 44.10
C ASN A 68 -16.17 -5.99 44.71
N TYR A 69 -15.16 -6.57 44.04
CA TYR A 69 -14.36 -7.67 44.57
C TYR A 69 -13.08 -7.09 45.15
N PRO A 70 -12.65 -7.47 46.37
CA PRO A 70 -13.22 -8.56 47.18
C PRO A 70 -14.29 -8.20 48.22
N LYS A 71 -14.82 -6.97 48.25
CA LYS A 71 -15.94 -6.68 49.15
C LYS A 71 -17.01 -7.76 49.08
N TYR A 72 -17.32 -8.21 47.87
CA TYR A 72 -18.12 -9.40 47.64
C TYR A 72 -17.16 -10.49 47.19
N ALA A 73 -16.94 -11.48 48.05
CA ALA A 73 -15.96 -12.51 47.82
C ALA A 73 -16.64 -13.73 47.22
N LYS A 74 -15.85 -14.76 46.90
CA LYS A 74 -16.40 -15.88 46.13
C LYS A 74 -17.41 -16.69 46.92
N GLY A 75 -17.35 -16.65 48.25
CA GLY A 75 -18.39 -17.29 49.04
C GLY A 75 -18.47 -18.80 48.90
N LEU A 76 -19.71 -19.29 48.79
CA LEU A 76 -19.96 -20.72 48.91
C LEU A 76 -19.31 -21.53 47.80
N VAL A 77 -19.21 -20.95 46.59
CA VAL A 77 -18.68 -21.67 45.44
C VAL A 77 -17.25 -22.12 45.70
N ALA A 78 -16.43 -21.21 46.22
CA ALA A 78 -15.04 -21.52 46.51
C ALA A 78 -14.94 -22.59 47.59
N GLU A 79 -15.97 -22.70 48.44
CA GLU A 79 -15.91 -23.68 49.50
C GLU A 79 -16.38 -25.05 49.05
N VAL A 80 -17.35 -25.11 48.12
CA VAL A 80 -17.93 -26.40 47.77
C VAL A 80 -17.07 -27.20 46.77
N SER A 81 -16.23 -26.55 45.96
CA SER A 81 -15.45 -27.27 44.96
C SER A 81 -13.98 -27.39 45.31
N GLU A 82 -13.60 -27.07 46.55
CA GLU A 82 -12.23 -27.24 47.01
C GLU A 82 -11.71 -28.65 46.77
N PHE A 83 -12.58 -29.67 46.97
CA PHE A 83 -12.17 -31.06 46.78
C PHE A 83 -11.59 -31.33 45.39
N LEU A 84 -12.03 -30.57 44.38
CA LEU A 84 -11.56 -30.79 43.02
C LEU A 84 -10.43 -29.85 42.61
N PHE A 85 -10.52 -28.57 42.99
CA PHE A 85 -9.56 -27.56 42.54
C PHE A 85 -8.45 -27.26 43.54
N GLY A 86 -8.62 -27.69 44.79
CA GLY A 86 -7.63 -27.37 45.80
C GLY A 86 -7.55 -25.87 45.93
N SER A 87 -6.35 -25.31 45.74
CA SER A 87 -6.17 -23.87 45.76
C SER A 87 -5.98 -23.30 44.35
N GLY A 88 -6.49 -23.99 43.32
CA GLY A 88 -6.39 -23.44 41.98
C GLY A 88 -7.06 -22.08 41.90
N PHE A 89 -6.49 -21.18 41.07
CA PHE A 89 -6.84 -19.78 41.24
C PHE A 89 -8.27 -19.45 40.84
N ALA A 90 -9.00 -20.36 40.17
CA ALA A 90 -10.41 -20.05 39.90
C ALA A 90 -11.24 -19.97 41.18
N ILE A 91 -10.80 -20.60 42.29
CA ILE A 91 -11.50 -20.46 43.56
C ILE A 91 -10.62 -19.90 44.67
N ALA A 92 -9.33 -19.67 44.43
CA ALA A 92 -8.49 -19.06 45.45
C ALA A 92 -8.81 -17.59 45.59
N GLU A 93 -8.40 -17.02 46.73
CA GLU A 93 -8.61 -15.62 47.05
C GLU A 93 -7.34 -15.07 47.67
N GLY A 94 -7.30 -13.75 47.87
CA GLY A 94 -6.19 -13.12 48.53
C GLY A 94 -4.96 -13.04 47.65
N PRO A 95 -3.80 -12.77 48.26
CA PRO A 95 -2.58 -12.57 47.45
C PRO A 95 -2.22 -13.75 46.56
N LEU A 96 -2.55 -14.99 46.96
CA LEU A 96 -2.34 -16.14 46.07
C LEU A 96 -3.13 -15.99 44.77
N TRP A 97 -4.44 -15.70 44.87
CA TRP A 97 -5.23 -15.44 43.68
C TRP A 97 -4.65 -14.31 42.85
N THR A 98 -4.38 -13.15 43.46
CA THR A 98 -3.79 -12.03 42.73
C THR A 98 -2.54 -12.43 41.93
N ALA A 99 -1.65 -13.22 42.55
CA ALA A 99 -0.40 -13.61 41.89
C ALA A 99 -0.61 -14.64 40.80
N ARG A 100 -1.45 -15.66 41.05
CA ARG A 100 -1.64 -16.70 40.04
C ARG A 100 -2.43 -16.18 38.84
N ARG A 101 -3.45 -15.33 39.06
CA ARG A 101 -4.16 -14.78 37.89
C ARG A 101 -3.22 -13.89 37.07
N ARG A 102 -2.42 -13.06 37.75
CA ARG A 102 -1.44 -12.24 37.08
CA ARG A 102 -1.45 -12.24 37.05
C ARG A 102 -0.44 -13.09 36.30
N ALA A 103 -0.14 -14.29 36.79
CA ALA A 103 0.82 -15.13 36.10
C ALA A 103 0.20 -15.86 34.91
N VAL A 104 -1.09 -16.16 34.95
CA VAL A 104 -1.71 -17.00 33.94
C VAL A 104 -2.28 -16.19 32.77
N VAL A 105 -2.87 -15.04 33.02
CA VAL A 105 -3.46 -14.21 31.96
C VAL A 105 -2.48 -13.93 30.80
N PRO A 106 -1.18 -13.67 31.04
CA PRO A 106 -0.29 -13.44 29.89
C PRO A 106 -0.17 -14.61 28.93
N SER A 107 -0.44 -15.85 29.36
CA SER A 107 -0.38 -16.99 28.46
C SER A 107 -1.46 -16.91 27.38
N LEU A 108 -2.53 -16.17 27.60
CA LEU A 108 -3.64 -16.16 26.65
C LEU A 108 -3.52 -15.06 25.60
N HIS A 109 -2.31 -14.81 25.09
CA HIS A 109 -2.06 -13.66 24.23
C HIS A 109 -2.42 -13.98 22.77
N ARG A 110 -2.35 -12.94 21.93
CA ARG A 110 -2.87 -12.99 20.56
C ARG A 110 -2.15 -14.03 19.70
N ARG A 111 -0.82 -14.10 19.81
CA ARG A 111 -0.08 -15.07 19.00
C ARG A 111 -0.43 -16.48 19.41
N TYR A 112 -0.62 -16.72 20.71
CA TYR A 112 -1.02 -18.05 21.15
C TYR A 112 -2.41 -18.39 20.60
N LEU A 113 -3.34 -17.42 20.64
CA LEU A 113 -4.69 -17.65 20.12
C LEU A 113 -4.63 -17.93 18.62
N SER A 114 -3.79 -17.20 17.88
CA SER A 114 -3.70 -17.43 16.44
C SER A 114 -3.23 -18.85 16.13
N VAL A 115 -2.24 -19.35 16.88
CA VAL A 115 -1.77 -20.71 16.69
C VAL A 115 -2.85 -21.72 17.04
N ILE A 116 -3.55 -21.51 18.16
CA ILE A 116 -4.58 -22.46 18.60
C ILE A 116 -5.72 -22.53 17.60
N VAL A 117 -6.14 -21.39 17.04
CA VAL A 117 -7.20 -21.40 16.03
C VAL A 117 -6.85 -22.39 14.92
N GLU A 118 -5.63 -22.33 14.40
CA GLU A 118 -5.25 -23.17 13.28
C GLU A 118 -5.08 -24.63 13.71
N ARG A 119 -4.35 -24.87 14.80
CA ARG A 119 -3.91 -26.21 15.09
C ARG A 119 -4.79 -26.95 16.10
N VAL A 120 -5.69 -26.25 16.81
CA VAL A 120 -6.54 -26.92 17.79
C VAL A 120 -8.03 -26.73 17.46
N PHE A 121 -8.48 -25.48 17.32
CA PHE A 121 -9.91 -25.24 17.07
C PHE A 121 -10.34 -25.84 15.74
N CYS A 122 -9.62 -25.54 14.64
CA CYS A 122 -9.95 -26.10 13.34
C CYS A 122 -9.78 -27.62 13.31
N LYS A 123 -8.70 -28.11 13.93
CA LYS A 123 -8.43 -29.54 13.95
C LYS A 123 -9.55 -30.32 14.65
N CYS A 124 -9.95 -29.88 15.83
CA CYS A 124 -11.00 -30.61 16.53
C CYS A 124 -12.37 -30.44 15.86
N ALA A 125 -12.62 -29.28 15.26
CA ALA A 125 -13.89 -29.09 14.57
C ALA A 125 -13.95 -29.93 13.31
N GLU A 126 -12.85 -30.00 12.56
CA GLU A 126 -12.81 -30.95 11.46
C GLU A 126 -12.95 -32.38 11.95
N ARG A 127 -12.39 -32.71 13.13
CA ARG A 127 -12.58 -34.06 13.63
C ARG A 127 -14.03 -34.31 14.00
N LEU A 128 -14.69 -33.30 14.57
CA LEU A 128 -16.11 -33.43 14.87
C LEU A 128 -16.91 -33.71 13.60
N VAL A 129 -16.71 -32.90 12.57
CA VAL A 129 -17.38 -33.11 11.29
C VAL A 129 -17.11 -34.53 10.75
N GLU A 130 -15.87 -35.03 10.89
CA GLU A 130 -15.55 -36.37 10.42
C GLU A 130 -16.33 -37.43 11.19
N LYS A 131 -16.49 -37.24 12.50
CA LYS A 131 -17.29 -38.16 13.27
C LYS A 131 -18.77 -38.08 12.93
N LEU A 132 -19.20 -37.00 12.29
CA LEU A 132 -20.60 -36.91 11.89
CA LEU A 132 -20.60 -36.89 11.88
C LEU A 132 -20.85 -37.45 10.48
N GLN A 133 -19.80 -37.82 9.75
CA GLN A 133 -20.01 -38.34 8.41
C GLN A 133 -20.89 -39.59 8.35
N PRO A 134 -20.81 -40.54 9.28
CA PRO A 134 -21.73 -41.68 9.22
C PRO A 134 -23.19 -41.29 9.36
N TYR A 135 -23.50 -40.25 10.15
CA TYR A 135 -24.88 -39.78 10.30
C TYR A 135 -25.34 -39.03 9.08
N ALA A 136 -24.45 -38.26 8.46
CA ALA A 136 -24.81 -37.56 7.23
C ALA A 136 -25.19 -38.57 6.14
N GLU A 137 -24.47 -39.69 6.07
CA GLU A 137 -24.73 -40.69 5.04
C GLU A 137 -26.00 -41.49 5.30
N ASP A 138 -26.24 -41.92 6.54
CA ASP A 138 -27.37 -42.82 6.83
C ASP A 138 -28.61 -42.09 7.35
N GLY A 139 -28.56 -40.76 7.47
CA GLY A 139 -29.70 -39.98 7.85
C GLY A 139 -30.17 -40.09 9.29
N SER A 140 -29.49 -40.85 10.15
CA SER A 140 -30.02 -41.04 11.48
C SER A 140 -29.67 -39.86 12.39
N ALA A 141 -30.32 -39.81 13.54
CA ALA A 141 -30.18 -38.73 14.52
C ALA A 141 -28.92 -38.86 15.37
N VAL A 142 -28.34 -37.72 15.73
CA VAL A 142 -27.14 -37.70 16.56
C VAL A 142 -27.35 -36.67 17.67
N ASN A 143 -26.90 -37.01 18.89
CA ASN A 143 -26.96 -36.11 20.03
C ASN A 143 -25.83 -35.10 19.93
N MET A 144 -26.13 -33.92 19.42
CA MET A 144 -25.09 -32.90 19.25
C MET A 144 -24.61 -32.33 20.58
N GLU A 145 -25.41 -32.42 21.66
CA GLU A 145 -24.91 -31.97 22.95
C GLU A 145 -23.75 -32.85 23.44
N ALA A 146 -23.84 -34.17 23.25
CA ALA A 146 -22.70 -35.02 23.61
C ALA A 146 -21.52 -34.75 22.69
N LYS A 147 -21.76 -34.57 21.39
CA LYS A 147 -20.68 -34.31 20.46
C LYS A 147 -19.93 -33.03 20.80
N PHE A 148 -20.66 -31.97 21.16
CA PHE A 148 -20.00 -30.71 21.47
C PHE A 148 -19.21 -30.80 22.77
N SER A 149 -19.75 -31.54 23.74
CA SER A 149 -19.04 -31.79 24.98
C SER A 149 -17.71 -32.51 24.74
N GLN A 150 -17.72 -33.54 23.88
CA GLN A 150 -16.48 -34.22 23.50
C GLN A 150 -15.51 -33.27 22.80
N MET A 151 -16.00 -32.46 21.86
CA MET A 151 -15.08 -31.57 21.13
C MET A 151 -14.42 -30.53 22.05
N THR A 152 -15.21 -29.91 22.93
CA THR A 152 -14.66 -28.85 23.78
C THR A 152 -13.73 -29.42 24.85
N LEU A 153 -13.97 -30.66 25.30
CA LEU A 153 -13.01 -31.32 26.15
C LEU A 153 -11.71 -31.56 25.41
N ASP A 154 -11.79 -32.08 24.18
CA ASP A 154 -10.58 -32.32 23.42
C ASP A 154 -9.83 -31.03 23.15
N VAL A 155 -10.56 -29.94 22.86
CA VAL A 155 -9.93 -28.64 22.65
C VAL A 155 -9.18 -28.18 23.90
N ILE A 156 -9.86 -28.17 25.06
CA ILE A 156 -9.23 -27.55 26.21
C ILE A 156 -7.97 -28.31 26.62
N GLY A 157 -8.01 -29.65 26.52
CA GLY A 157 -6.83 -30.44 26.90
C GLY A 157 -5.65 -30.17 25.99
N LEU A 158 -5.90 -30.08 24.67
CA LEU A 158 -4.85 -29.73 23.73
C LEU A 158 -4.31 -28.33 23.99
N SER A 159 -5.20 -27.37 24.27
CA SER A 159 -4.78 -26.00 24.46
C SER A 159 -4.02 -25.82 25.78
N LEU A 160 -4.36 -26.60 26.81
CA LEU A 160 -3.67 -26.47 28.11
C LEU A 160 -2.38 -27.27 28.18
N PHE A 161 -2.37 -28.51 27.66
CA PHE A 161 -1.29 -29.46 27.88
C PHE A 161 -0.64 -29.97 26.60
N ASN A 162 -1.18 -29.65 25.42
CA ASN A 162 -0.79 -30.29 24.15
C ASN A 162 -1.01 -31.81 24.19
N TYR A 163 -2.04 -32.23 24.92
CA TYR A 163 -2.45 -33.61 25.06
C TYR A 163 -3.89 -33.74 24.57
N ASN A 164 -4.17 -34.74 23.72
CA ASN A 164 -5.52 -34.94 23.21
C ASN A 164 -6.23 -36.06 23.98
N PHE A 165 -7.23 -35.69 24.79
CA PHE A 165 -8.10 -36.70 25.38
C PHE A 165 -8.72 -37.58 24.32
N ASP A 166 -8.95 -37.02 23.12
CA ASP A 166 -9.53 -37.76 22.00
C ASP A 166 -10.88 -38.39 22.34
N SER A 167 -11.69 -37.69 23.13
CA SER A 167 -13.01 -38.22 23.48
C SER A 167 -13.97 -38.19 22.30
N LEU A 168 -13.66 -37.39 21.27
CA LEU A 168 -14.44 -37.49 20.04
C LEU A 168 -14.34 -38.88 19.43
N THR A 169 -13.26 -39.60 19.71
CA THR A 169 -13.03 -40.93 19.13
C THR A 169 -13.45 -42.07 20.06
N THR A 170 -13.03 -42.04 21.33
CA THR A 170 -13.48 -43.07 22.24
C THR A 170 -13.35 -42.59 23.68
N ASP A 171 -14.07 -43.27 24.56
CA ASP A 171 -14.03 -43.08 26.01
C ASP A 171 -12.70 -43.59 26.59
N SER A 172 -12.38 -43.12 27.80
CA SER A 172 -11.16 -43.53 28.49
C SER A 172 -11.38 -43.37 29.99
N PRO A 173 -10.56 -44.04 30.82
CA PRO A 173 -10.67 -43.83 32.28
C PRO A 173 -10.51 -42.37 32.71
N VAL A 174 -9.55 -41.63 32.17
CA VAL A 174 -9.42 -40.25 32.61
C VAL A 174 -10.61 -39.42 32.12
N ILE A 175 -11.16 -39.73 30.93
CA ILE A 175 -12.34 -39.01 30.47
C ILE A 175 -13.52 -39.27 31.40
N GLU A 176 -13.75 -40.54 31.74
CA GLU A 176 -14.80 -40.88 32.70
C GLU A 176 -14.58 -40.17 34.03
N ALA A 177 -13.33 -40.08 34.47
CA ALA A 177 -13.04 -39.45 35.76
C ALA A 177 -13.44 -37.97 35.75
N VAL A 178 -13.24 -37.31 34.61
CA VAL A 178 -13.60 -35.89 34.48
C VAL A 178 -15.10 -35.70 34.73
N TYR A 179 -15.93 -36.50 34.05
CA TYR A 179 -17.36 -36.35 34.25
C TYR A 179 -17.80 -36.80 35.64
N THR A 180 -17.11 -37.78 36.21
CA THR A 180 -17.43 -38.17 37.58
C THR A 180 -17.15 -37.03 38.56
N ALA A 181 -16.01 -36.34 38.38
CA ALA A 181 -15.68 -35.21 39.23
C ALA A 181 -16.67 -34.07 39.07
N LEU A 182 -17.05 -33.77 37.83
CA LEU A 182 -18.01 -32.68 37.61
C LEU A 182 -19.33 -32.98 38.27
N LYS A 183 -19.80 -34.22 38.15
CA LYS A 183 -21.02 -34.65 38.80
C LYS A 183 -20.94 -34.44 40.30
N GLU A 184 -19.83 -34.86 40.91
CA GLU A 184 -19.69 -34.73 42.36
C GLU A 184 -19.76 -33.28 42.78
N ALA A 185 -19.06 -32.40 42.05
CA ALA A 185 -19.13 -30.96 42.34
C ALA A 185 -20.56 -30.45 42.29
N GLU A 186 -21.35 -30.89 41.29
CA GLU A 186 -22.75 -30.46 41.21
C GLU A 186 -23.57 -31.00 42.37
N LEU A 187 -23.39 -32.29 42.71
CA LEU A 187 -24.19 -32.85 43.80
C LEU A 187 -23.87 -32.18 45.13
N ARG A 188 -22.60 -31.81 45.34
CA ARG A 188 -22.23 -31.18 46.61
C ARG A 188 -22.88 -29.82 46.77
N SER A 189 -23.12 -29.10 45.68
CA SER A 189 -23.80 -27.81 45.82
C SER A 189 -25.28 -27.96 46.16
N THR A 190 -25.87 -29.15 46.01
CA THR A 190 -27.29 -29.35 46.31
C THR A 190 -27.56 -30.34 47.45
N ASP A 191 -26.52 -30.95 48.03
CA ASP A 191 -26.72 -31.84 49.17
C ASP A 191 -27.42 -31.12 50.31
N LEU A 192 -28.42 -31.77 50.88
CA LEU A 192 -29.07 -31.23 52.07
C LEU A 192 -28.11 -31.20 53.25
N LEU A 193 -27.37 -32.27 53.45
CA LEU A 193 -26.37 -32.33 54.51
C LEU A 193 -24.98 -32.59 53.92
N PRO A 194 -23.99 -31.75 54.20
CA PRO A 194 -22.64 -32.00 53.65
C PRO A 194 -21.94 -33.14 54.38
N TYR A 195 -22.50 -34.35 54.29
CA TYR A 195 -21.93 -35.52 54.96
C TYR A 195 -20.49 -35.79 54.53
N TRP A 196 -20.09 -35.35 53.34
CA TRP A 196 -18.75 -35.61 52.85
C TRP A 196 -17.69 -34.82 53.58
N LYS A 197 -18.09 -33.99 54.54
CA LYS A 197 -17.12 -33.34 55.42
C LYS A 197 -16.53 -34.32 56.43
N ILE A 198 -17.19 -35.44 56.68
CA ILE A 198 -16.74 -36.46 57.62
C ILE A 198 -15.93 -37.51 56.84
N ASP A 199 -14.65 -37.66 57.19
CA ASP A 199 -13.74 -38.46 56.38
C ASP A 199 -14.12 -39.94 56.39
N ALA A 200 -14.59 -40.46 57.54
CA ALA A 200 -14.97 -41.87 57.58
C ALA A 200 -16.11 -42.17 56.61
N LEU A 201 -17.06 -41.24 56.47
CA LEU A 201 -18.16 -41.48 55.54
C LEU A 201 -17.69 -41.47 54.10
N CYS A 202 -16.63 -40.71 53.80
CA CYS A 202 -16.07 -40.70 52.45
C CYS A 202 -15.44 -42.04 52.09
N LYS A 203 -15.05 -42.82 53.08
CA LYS A 203 -14.45 -44.12 52.83
C LYS A 203 -15.48 -45.23 52.66
N ILE A 204 -16.75 -44.99 53.00
CA ILE A 204 -17.74 -46.05 52.94
C ILE A 204 -18.92 -45.73 52.02
N VAL A 205 -19.21 -44.46 51.74
CA VAL A 205 -20.34 -44.16 50.86
C VAL A 205 -19.89 -44.34 49.42
N PRO A 206 -20.57 -45.19 48.63
CA PRO A 206 -20.06 -45.53 47.30
C PRO A 206 -19.80 -44.33 46.40
N ARG A 207 -20.70 -43.35 46.42
CA ARG A 207 -20.51 -42.15 45.62
C ARG A 207 -19.21 -41.44 45.98
N GLN A 208 -18.85 -41.44 47.26
CA GLN A 208 -17.63 -40.74 47.68
C GLN A 208 -16.38 -41.54 47.34
N VAL A 209 -16.42 -42.88 47.44
CA VAL A 209 -15.18 -43.56 47.10
C VAL A 209 -14.98 -43.52 45.59
N LYS A 210 -16.05 -43.47 44.80
CA LYS A 210 -15.90 -43.31 43.36
C LYS A 210 -15.41 -41.91 43.01
N ALA A 211 -15.98 -40.89 43.65
CA ALA A 211 -15.52 -39.52 43.40
C ALA A 211 -14.05 -39.36 43.75
N GLU A 212 -13.61 -39.96 44.86
CA GLU A 212 -12.22 -39.81 45.28
C GLU A 212 -11.26 -40.45 44.27
N LYS A 213 -11.63 -41.62 43.75
CA LYS A 213 -10.80 -42.26 42.72
C LYS A 213 -10.68 -41.40 41.47
N ALA A 214 -11.79 -40.81 41.02
CA ALA A 214 -11.77 -39.93 39.85
C ALA A 214 -10.84 -38.73 40.08
N VAL A 215 -10.97 -38.06 41.23
CA VAL A 215 -10.13 -36.90 41.49
C VAL A 215 -8.66 -37.29 41.52
N THR A 216 -8.35 -38.46 42.09
CA THR A 216 -6.96 -38.91 42.12
C THR A 216 -6.42 -39.12 40.71
N LEU A 217 -7.19 -39.82 39.86
CA LEU A 217 -6.72 -40.10 38.49
C LEU A 217 -6.53 -38.82 37.69
N ILE A 218 -7.44 -37.86 37.84
CA ILE A 218 -7.31 -36.59 37.14
C ILE A 218 -6.06 -35.86 37.62
N ARG A 219 -5.88 -35.77 38.93
CA ARG A 219 -4.72 -35.07 39.47
C ARG A 219 -3.41 -35.74 39.05
N GLU A 220 -3.38 -37.08 39.06
CA GLU A 220 -2.17 -37.79 38.64
C GLU A 220 -1.85 -37.54 37.17
N THR A 221 -2.87 -37.54 36.32
CA THR A 221 -2.69 -37.29 34.89
C THR A 221 -2.09 -35.90 34.67
N VAL A 222 -2.62 -34.90 35.35
CA VAL A 222 -2.11 -33.55 35.19
C VAL A 222 -0.68 -33.46 35.74
N GLU A 223 -0.41 -34.13 36.88
CA GLU A 223 0.93 -34.08 37.46
C GLU A 223 1.97 -34.66 36.53
N ASP A 224 1.64 -35.82 35.91
CA ASP A 224 2.51 -36.45 34.94
CA ASP A 224 2.54 -36.44 34.96
C ASP A 224 2.78 -35.53 33.76
N LEU A 225 1.74 -34.85 33.26
CA LEU A 225 1.93 -33.94 32.14
C LEU A 225 2.84 -32.77 32.52
N ILE A 226 2.69 -32.24 33.74
CA ILE A 226 3.51 -31.14 34.22
C ILE A 226 4.96 -31.57 34.36
N ALA A 227 5.19 -32.74 34.99
CA ALA A 227 6.54 -33.22 35.22
C ALA A 227 7.26 -33.48 33.91
N LYS A 228 6.56 -34.04 32.92
CA LYS A 228 7.20 -34.31 31.64
C LYS A 228 7.58 -33.02 30.93
N CYS A 229 6.70 -32.02 30.96
CA CYS A 229 7.03 -30.75 30.31
C CYS A 229 8.16 -30.03 31.05
N LYS A 230 8.13 -30.07 32.38
CA LYS A 230 9.16 -29.40 33.17
C LYS A 230 10.53 -29.99 32.88
N GLU A 231 10.62 -31.31 32.76
CA GLU A 231 11.87 -31.95 32.40
C GLU A 231 12.41 -31.39 31.09
N ILE A 232 11.55 -31.20 30.09
CA ILE A 232 12.03 -30.68 28.81
C ILE A 232 12.49 -29.23 28.97
N VAL A 233 11.67 -28.39 29.62
CA VAL A 233 11.96 -26.97 29.75
C VAL A 233 13.31 -26.75 30.44
N GLU A 234 13.54 -27.47 31.52
CA GLU A 234 14.79 -27.35 32.27
C GLU A 234 15.99 -27.84 31.46
N ARG A 235 15.88 -29.05 30.92
CA ARG A 235 16.94 -29.64 30.12
C ARG A 235 17.37 -28.72 28.99
N GLU A 236 16.41 -28.04 28.36
CA GLU A 236 16.71 -27.22 27.18
C GLU A 236 16.99 -25.78 27.54
N GLY A 237 16.89 -25.41 28.82
CA GLY A 237 17.14 -24.05 29.20
C GLY A 237 16.14 -23.06 28.64
N GLU A 238 14.90 -23.50 28.45
CA GLU A 238 13.90 -22.66 27.82
C GLU A 238 13.46 -21.56 28.77
N ARG A 239 13.44 -20.33 28.27
CA ARG A 239 12.90 -19.20 29.01
C ARG A 239 12.15 -18.33 28.03
N ILE A 240 11.29 -17.48 28.56
CA ILE A 240 10.53 -16.58 27.70
C ILE A 240 11.41 -15.38 27.38
N ASN A 241 11.64 -15.16 26.10
CA ASN A 241 12.56 -14.12 25.67
C ASN A 241 11.90 -13.06 24.82
N ASP A 242 10.72 -13.31 24.29
CA ASP A 242 9.97 -12.34 23.51
C ASP A 242 8.63 -12.08 24.17
N GLU A 243 8.03 -10.96 23.81
CA GLU A 243 6.59 -10.79 24.03
C GLU A 243 5.84 -11.77 23.13
N GLU A 244 4.67 -12.21 23.61
CA GLU A 244 3.79 -13.09 22.85
C GLU A 244 4.49 -14.40 22.49
N TYR A 245 5.11 -15.02 23.50
CA TYR A 245 5.93 -16.21 23.29
C TYR A 245 5.08 -17.45 23.00
N VAL A 246 5.44 -18.20 21.96
CA VAL A 246 4.84 -19.49 21.67
C VAL A 246 5.96 -20.46 21.29
N ASN A 247 6.02 -21.58 22.00
CA ASN A 247 6.88 -22.67 21.58
C ASN A 247 6.20 -23.39 20.42
N ASP A 248 6.84 -23.35 19.25
CA ASP A 248 6.20 -23.90 18.05
C ASP A 248 5.97 -25.41 18.17
N ALA A 249 6.82 -26.13 18.90
CA ALA A 249 6.61 -27.56 19.06
C ALA A 249 5.62 -27.91 20.16
N ASP A 250 5.35 -26.99 21.09
CA ASP A 250 4.41 -27.25 22.19
C ASP A 250 3.67 -25.96 22.50
N PRO A 251 2.69 -25.56 21.64
CA PRO A 251 1.95 -24.31 21.83
C PRO A 251 0.85 -24.43 22.88
N SER A 252 1.26 -24.70 24.13
CA SER A 252 0.31 -24.94 25.21
C SER A 252 0.50 -23.92 26.31
N ILE A 253 -0.55 -23.72 27.11
CA ILE A 253 -0.43 -22.84 28.25
C ILE A 253 0.54 -23.41 29.28
N LEU A 254 0.52 -24.73 29.49
CA LEU A 254 1.48 -25.34 30.41
C LEU A 254 2.91 -24.97 30.03
N ARG A 255 3.24 -25.08 28.74
CA ARG A 255 4.60 -24.78 28.28
C ARG A 255 4.95 -23.32 28.51
N PHE A 256 4.03 -22.41 28.19
CA PHE A 256 4.23 -20.99 28.46
C PHE A 256 4.50 -20.73 29.94
N LEU A 257 3.69 -21.33 30.82
CA LEU A 257 3.86 -21.06 32.25
C LEU A 257 5.20 -21.63 32.76
N LEU A 258 5.58 -22.83 32.31
CA LEU A 258 6.87 -23.37 32.74
C LEU A 258 8.01 -22.53 32.20
N ALA A 259 7.91 -22.11 30.93
CA ALA A 259 8.97 -21.30 30.33
C ALA A 259 9.11 -19.96 31.02
N SER A 260 8.02 -19.41 31.55
CA SER A 260 8.11 -18.13 32.24
C SER A 260 8.89 -18.23 33.53
N ARG A 261 8.99 -19.41 34.13
CA ARG A 261 9.81 -19.66 35.31
C ARG A 261 9.36 -18.80 36.50
N GLU A 262 8.07 -18.46 36.55
CA GLU A 262 7.52 -17.88 37.76
C GLU A 262 7.63 -18.91 38.89
N GLU A 263 7.97 -18.42 40.09
CA GLU A 263 7.98 -19.26 41.29
C GLU A 263 6.56 -19.74 41.60
N VAL A 264 6.33 -21.03 41.43
CA VAL A 264 5.05 -21.64 41.77
C VAL A 264 5.32 -23.08 42.14
N SER A 265 4.66 -23.57 43.19
CA SER A 265 4.79 -24.99 43.52
C SER A 265 4.16 -25.86 42.43
N SER A 266 4.56 -27.13 42.41
CA SER A 266 4.00 -28.06 41.44
C SER A 266 2.52 -28.30 41.67
N VAL A 267 2.09 -28.41 42.93
N VAL A 267 2.10 -28.43 42.93
CA VAL A 267 0.68 -28.67 43.21
CA VAL A 267 0.69 -28.65 43.25
C VAL A 267 -0.17 -27.44 42.88
C VAL A 267 -0.16 -27.44 42.87
N GLN A 268 0.36 -26.23 43.08
CA GLN A 268 -0.41 -25.04 42.74
C GLN A 268 -0.59 -24.95 41.23
N LEU A 269 0.44 -25.32 40.48
CA LEU A 269 0.34 -25.36 39.02
C LEU A 269 -0.66 -26.41 38.55
N ARG A 270 -0.64 -27.60 39.15
CA ARG A 270 -1.63 -28.61 38.85
C ARG A 270 -3.04 -28.10 39.13
N ASP A 271 -3.22 -27.45 40.29
CA ASP A 271 -4.54 -26.95 40.67
C ASP A 271 -5.01 -25.84 39.74
N ASP A 272 -4.10 -24.92 39.38
CA ASP A 272 -4.40 -23.87 38.41
C ASP A 272 -4.90 -24.45 37.09
N LEU A 273 -4.13 -25.40 36.53
CA LEU A 273 -4.49 -25.93 35.22
C LEU A 273 -5.75 -26.78 35.29
N LEU A 274 -5.98 -27.44 36.43
CA LEU A 274 -7.20 -28.23 36.59
C LEU A 274 -8.43 -27.31 36.63
N SER A 275 -8.29 -26.14 37.27
CA SER A 275 -9.40 -25.22 37.29
CA SER A 275 -9.36 -25.16 37.30
C SER A 275 -9.71 -24.67 35.90
N MET A 276 -8.67 -24.47 35.06
CA MET A 276 -8.93 -24.01 33.69
C MET A 276 -9.53 -25.11 32.84
N LEU A 277 -9.12 -26.36 33.06
CA LEU A 277 -9.70 -27.50 32.37
C LEU A 277 -11.22 -27.55 32.59
N VAL A 278 -11.65 -27.38 33.84
CA VAL A 278 -13.08 -27.41 34.13
C VAL A 278 -13.75 -26.14 33.62
N ALA A 279 -13.10 -24.99 33.82
CA ALA A 279 -13.73 -23.74 33.43
C ALA A 279 -13.97 -23.65 31.93
N GLY A 280 -13.09 -24.25 31.12
CA GLY A 280 -13.12 -24.12 29.67
C GLY A 280 -13.85 -25.21 28.88
N HIS A 281 -14.31 -26.28 29.53
CA HIS A 281 -14.90 -27.42 28.85
C HIS A 281 -16.43 -27.32 28.73
N GLU A 282 -17.17 -27.59 29.79
CA GLU A 282 -18.62 -27.77 29.65
C GLU A 282 -19.34 -26.48 29.28
N THR A 283 -18.84 -25.32 29.76
CA THR A 283 -19.38 -24.03 29.33
C THR A 283 -19.37 -23.89 27.81
N THR A 284 -18.20 -24.04 27.21
CA THR A 284 -18.09 -23.89 25.76
C THR A 284 -18.97 -24.91 25.04
N GLY A 285 -19.03 -26.14 25.54
CA GLY A 285 -19.85 -27.14 24.86
C GLY A 285 -21.33 -26.77 24.91
N SER A 286 -21.77 -26.24 26.06
CA SER A 286 -23.16 -25.85 26.23
C SER A 286 -23.52 -24.65 25.38
N VAL A 287 -22.61 -23.65 25.27
CA VAL A 287 -22.84 -22.53 24.35
C VAL A 287 -23.07 -23.06 22.94
N LEU A 288 -22.21 -23.96 22.47
CA LEU A 288 -22.39 -24.46 21.11
C LEU A 288 -23.69 -25.26 20.96
N THR A 289 -24.03 -26.04 21.97
CA THR A 289 -25.27 -26.82 21.96
C THR A 289 -26.49 -25.92 21.78
N TRP A 290 -26.61 -24.84 22.59
CA TRP A 290 -27.80 -24.00 22.51
C TRP A 290 -27.78 -23.12 21.27
N THR A 291 -26.60 -22.67 20.84
CA THR A 291 -26.54 -21.93 19.60
C THR A 291 -27.05 -22.77 18.44
N LEU A 292 -26.63 -24.03 18.37
CA LEU A 292 -27.08 -24.90 17.29
C LEU A 292 -28.58 -25.17 17.37
N TYR A 293 -29.10 -25.40 18.58
CA TYR A 293 -30.55 -25.53 18.77
C TYR A 293 -31.29 -24.29 18.29
N LEU A 294 -30.84 -23.11 18.72
CA LEU A 294 -31.51 -21.87 18.34
C LEU A 294 -31.50 -21.62 16.84
N LEU A 295 -30.39 -21.95 16.17
CA LEU A 295 -30.35 -21.83 14.72
C LEU A 295 -31.27 -22.85 14.04
N SER A 296 -31.40 -24.04 14.61
CA SER A 296 -32.27 -25.04 14.01
C SER A 296 -33.76 -24.75 14.20
N LYS A 297 -34.10 -23.78 15.06
CA LYS A 297 -35.46 -23.29 15.26
C LYS A 297 -35.75 -22.01 14.47
N ASN A 298 -34.75 -21.40 13.83
CA ASN A 298 -34.84 -20.03 13.34
C ASN A 298 -34.19 -19.97 11.94
N SER A 299 -34.93 -20.45 10.94
CA SER A 299 -34.39 -20.66 9.59
C SER A 299 -33.76 -19.41 9.02
N SER A 300 -34.35 -18.24 9.28
CA SER A 300 -33.80 -16.99 8.78
CA SER A 300 -33.79 -16.99 8.78
C SER A 300 -32.39 -16.74 9.34
N ALA A 301 -32.18 -17.05 10.62
CA ALA A 301 -30.85 -16.85 11.21
C ALA A 301 -29.85 -17.84 10.64
N LEU A 302 -30.24 -19.12 10.55
CA LEU A 302 -29.38 -20.16 9.97
C LEU A 302 -28.98 -19.79 8.54
N ARG A 303 -29.93 -19.30 7.74
CA ARG A 303 -29.64 -18.87 6.36
C ARG A 303 -28.64 -17.71 6.35
N LYS A 304 -28.81 -16.75 7.25
CA LYS A 304 -27.88 -15.62 7.29
C LYS A 304 -26.50 -16.07 7.76
N ALA A 305 -26.47 -17.03 8.70
CA ALA A 305 -25.21 -17.61 9.19
C ALA A 305 -24.47 -18.36 8.08
N GLN A 306 -25.18 -19.18 7.31
CA GLN A 306 -24.52 -19.89 6.21
C GLN A 306 -24.06 -18.91 5.12
N GLU A 307 -24.87 -17.91 4.78
CA GLU A 307 -24.44 -16.90 3.83
C GLU A 307 -23.13 -16.24 4.25
N GLU A 308 -22.97 -15.97 5.54
CA GLU A 308 -21.76 -15.31 6.00
C GLU A 308 -20.56 -16.25 5.89
N VAL A 309 -20.69 -17.48 6.37
CA VAL A 309 -19.53 -18.36 6.33
C VAL A 309 -19.17 -18.70 4.88
N ASP A 310 -20.15 -18.79 3.99
CA ASP A 310 -19.84 -19.05 2.59
C ASP A 310 -19.07 -17.90 1.96
N ARG A 311 -19.47 -16.66 2.26
CA ARG A 311 -18.83 -15.51 1.64
C ARG A 311 -17.48 -15.21 2.25
N VAL A 312 -17.37 -15.30 3.57
CA VAL A 312 -16.13 -14.89 4.23
C VAL A 312 -15.00 -15.89 3.95
N LEU A 313 -15.33 -17.18 3.91
CA LEU A 313 -14.30 -18.22 3.87
C LEU A 313 -14.21 -18.94 2.54
N GLU A 314 -15.28 -18.95 1.73
CA GLU A 314 -15.30 -19.70 0.47
C GLU A 314 -14.76 -21.13 0.64
N GLY A 315 -15.11 -21.76 1.77
CA GLY A 315 -14.72 -23.14 2.02
C GLY A 315 -13.40 -23.36 2.74
N ARG A 316 -12.57 -22.33 2.95
CA ARG A 316 -11.32 -22.44 3.70
CA ARG A 316 -11.32 -22.50 3.68
C ARG A 316 -11.59 -22.66 5.18
N ASN A 317 -10.62 -23.27 5.88
CA ASN A 317 -10.62 -23.24 7.33
C ASN A 317 -10.55 -21.80 7.82
N PRO A 318 -11.20 -21.45 8.92
CA PRO A 318 -11.02 -20.12 9.51
C PRO A 318 -9.59 -19.95 10.01
N ALA A 319 -9.04 -18.77 9.74
CA ALA A 319 -7.81 -18.31 10.38
C ALA A 319 -8.14 -17.23 11.39
N PHE A 320 -7.16 -16.93 12.25
CA PHE A 320 -7.37 -15.91 13.28
C PHE A 320 -7.93 -14.63 12.68
N GLU A 321 -7.39 -14.19 11.54
CA GLU A 321 -7.78 -12.91 10.96
C GLU A 321 -9.19 -12.93 10.38
N ASP A 322 -9.75 -14.13 10.13
CA ASP A 322 -11.12 -14.28 9.66
C ASP A 322 -12.17 -14.07 10.74
N ILE A 323 -11.81 -14.19 12.01
CA ILE A 323 -12.81 -14.23 13.06
C ILE A 323 -13.55 -12.89 13.16
N LYS A 324 -12.84 -11.77 12.98
CA LYS A 324 -13.51 -10.47 13.06
C LYS A 324 -14.50 -10.25 11.92
N GLU A 325 -14.44 -11.05 10.85
CA GLU A 325 -15.37 -10.96 9.73
C GLU A 325 -16.58 -11.87 9.88
N LEU A 326 -16.51 -12.86 10.77
CA LEU A 326 -17.65 -13.72 11.07
C LEU A 326 -18.56 -13.04 12.10
N LYS A 327 -19.05 -11.88 11.70
CA LYS A 327 -19.74 -10.98 12.63
C LYS A 327 -21.12 -11.49 13.02
N TYR A 328 -21.91 -11.94 12.04
CA TYR A 328 -23.25 -12.44 12.35
C TYR A 328 -23.17 -13.73 13.14
N ILE A 329 -22.25 -14.62 12.77
CA ILE A 329 -22.07 -15.84 13.54
C ILE A 329 -21.71 -15.52 15.00
N THR A 330 -20.88 -14.49 15.22
CA THR A 330 -20.57 -14.04 16.58
C THR A 330 -21.83 -13.57 17.32
N ARG A 331 -22.66 -12.76 16.66
CA ARG A 331 -23.89 -12.28 17.30
C ARG A 331 -24.89 -13.42 17.56
N CYS A 332 -24.89 -14.47 16.73
CA CYS A 332 -25.71 -15.65 17.03
C CYS A 332 -25.30 -16.30 18.35
N ILE A 333 -23.98 -16.45 18.54
CA ILE A 333 -23.45 -16.97 19.80
C ILE A 333 -23.71 -16.00 20.94
N ASN A 334 -23.53 -14.69 20.72
CA ASN A 334 -23.85 -13.74 21.79
C ASN A 334 -25.31 -13.90 22.24
N GLU A 335 -26.23 -14.02 21.27
CA GLU A 335 -27.66 -14.10 21.59
C GLU A 335 -28.00 -15.44 22.24
N SER A 336 -27.30 -16.51 21.85
CA SER A 336 -27.43 -17.78 22.56
C SER A 336 -26.98 -17.65 24.03
N MET A 337 -25.85 -17.00 24.28
CA MET A 337 -25.42 -16.83 25.67
C MET A 337 -26.35 -15.92 26.46
N ARG A 338 -27.02 -14.97 25.79
CA ARG A 338 -28.05 -14.19 26.49
C ARG A 338 -29.21 -15.09 26.93
N LEU A 339 -29.76 -15.86 26.00
CA LEU A 339 -30.90 -16.73 26.36
C LEU A 339 -30.50 -17.86 27.29
N TYR A 340 -29.26 -18.36 27.16
CA TYR A 340 -28.79 -19.49 27.96
C TYR A 340 -27.43 -19.20 28.57
N PRO A 341 -27.36 -18.51 29.71
CA PRO A 341 -26.06 -18.25 30.36
C PRO A 341 -25.56 -19.42 31.19
N HIS A 342 -24.24 -19.60 31.17
CA HIS A 342 -23.58 -20.69 31.87
C HIS A 342 -22.53 -20.14 32.82
N PRO A 343 -22.66 -20.32 34.15
CA PRO A 343 -23.83 -20.86 34.83
C PRO A 343 -24.95 -19.81 34.87
N PRO A 344 -26.18 -20.25 35.17
CA PRO A 344 -27.29 -19.30 35.14
C PRO A 344 -27.32 -18.36 36.33
N VAL A 345 -26.56 -18.65 37.39
CA VAL A 345 -26.47 -17.78 38.56
C VAL A 345 -24.99 -17.69 38.98
N LEU A 346 -24.59 -16.50 39.44
CA LEU A 346 -23.26 -16.23 39.98
C LEU A 346 -23.39 -16.02 41.48
N ILE A 347 -22.40 -16.52 42.24
CA ILE A 347 -22.46 -16.55 43.70
C ILE A 347 -21.40 -15.59 44.25
N ARG A 348 -21.77 -14.85 45.29
CA ARG A 348 -20.83 -14.00 46.04
C ARG A 348 -21.20 -14.08 47.52
N ARG A 349 -20.39 -13.41 48.34
CA ARG A 349 -20.73 -13.27 49.76
C ARG A 349 -20.13 -11.97 50.30
N ALA A 350 -20.95 -11.16 50.95
CA ALA A 350 -20.46 -9.88 51.48
C ALA A 350 -19.45 -10.13 52.59
N GLN A 351 -18.26 -9.52 52.46
CA GLN A 351 -17.24 -9.64 53.50
CA GLN A 351 -17.18 -9.59 53.45
C GLN A 351 -17.27 -8.51 54.52
N VAL A 352 -18.06 -7.46 54.29
CA VAL A 352 -18.27 -6.34 55.21
C VAL A 352 -19.70 -5.84 54.97
N PRO A 353 -20.28 -5.02 55.86
CA PRO A 353 -21.59 -4.45 55.55
C PRO A 353 -21.51 -3.53 54.32
N ASP A 354 -22.61 -3.46 53.59
CA ASP A 354 -22.62 -2.67 52.37
C ASP A 354 -24.06 -2.26 52.06
N ILE A 355 -24.20 -1.22 51.25
CA ILE A 355 -25.48 -0.74 50.78
C ILE A 355 -25.46 -0.84 49.26
N LEU A 356 -26.36 -1.61 48.72
CA LEU A 356 -26.51 -1.87 47.29
C LEU A 356 -27.31 -0.75 46.63
N PRO A 357 -27.08 -0.51 45.33
CA PRO A 357 -27.87 0.49 44.61
C PRO A 357 -29.36 0.28 44.84
N GLY A 358 -30.05 1.35 45.23
CA GLY A 358 -31.42 1.27 45.68
C GLY A 358 -31.61 1.24 47.18
N ASN A 359 -30.52 1.43 47.95
CA ASN A 359 -30.54 1.47 49.41
C ASN A 359 -31.02 0.15 50.03
N TYR A 360 -30.58 -0.96 49.45
CA TYR A 360 -30.78 -2.28 50.06
C TYR A 360 -29.56 -2.62 50.92
N LYS A 361 -29.80 -3.00 52.16
CA LYS A 361 -28.73 -3.19 53.14
C LYS A 361 -28.45 -4.67 53.35
N VAL A 362 -27.16 -5.05 53.25
CA VAL A 362 -26.70 -6.38 53.56
C VAL A 362 -25.57 -6.34 54.58
N ASN A 363 -25.46 -7.42 55.33
CA ASN A 363 -24.52 -7.54 56.44
C ASN A 363 -23.37 -8.47 56.04
N THR A 364 -22.27 -8.34 56.76
CA THR A 364 -21.18 -9.30 56.67
C THR A 364 -21.71 -10.72 56.69
N GLY A 365 -21.23 -11.54 55.74
CA GLY A 365 -21.64 -12.91 55.64
C GLY A 365 -22.82 -13.19 54.75
N GLN A 366 -23.48 -12.16 54.21
CA GLN A 366 -24.70 -12.36 53.45
C GLN A 366 -24.36 -12.99 52.11
N ASP A 367 -24.89 -14.18 51.87
CA ASP A 367 -24.75 -14.83 50.58
C ASP A 367 -25.62 -14.15 49.52
N ILE A 368 -25.01 -13.93 48.34
CA ILE A 368 -25.57 -13.22 47.20
C ILE A 368 -25.64 -14.17 46.02
N MET A 369 -26.78 -14.20 45.35
CA MET A 369 -26.96 -14.92 44.10
C MET A 369 -27.38 -13.92 43.02
N ILE A 370 -26.58 -13.78 41.96
CA ILE A 370 -26.96 -12.96 40.82
C ILE A 370 -27.55 -13.89 39.79
N SER A 371 -28.83 -13.69 39.44
CA SER A 371 -29.47 -14.53 38.41
C SER A 371 -29.18 -13.88 37.06
N VAL A 372 -28.12 -14.35 36.39
CA VAL A 372 -27.85 -13.89 35.03
C VAL A 372 -28.98 -14.29 34.10
N TYR A 373 -29.53 -15.50 34.30
CA TYR A 373 -30.73 -15.92 33.58
C TYR A 373 -31.87 -14.88 33.68
N ASN A 374 -32.16 -14.40 34.91
CA ASN A 374 -33.21 -13.40 35.10
C ASN A 374 -32.88 -12.08 34.42
N ILE A 375 -31.64 -11.60 34.58
CA ILE A 375 -31.28 -10.31 33.98
C ILE A 375 -31.40 -10.40 32.47
N HIS A 376 -30.90 -11.49 31.87
CA HIS A 376 -30.97 -11.63 30.42
C HIS A 376 -32.40 -11.76 29.90
N ARG A 377 -33.32 -12.29 30.72
CA ARG A 377 -34.66 -12.60 30.24
C ARG A 377 -35.74 -11.72 30.85
N SER A 378 -35.32 -10.69 31.59
CA SER A 378 -36.22 -9.77 32.28
C SER A 378 -36.80 -8.75 31.30
N SER A 379 -38.13 -8.61 31.30
CA SER A 379 -38.75 -7.62 30.43
C SER A 379 -38.47 -6.20 30.91
N GLU A 380 -37.94 -6.02 32.11
CA GLU A 380 -37.49 -4.71 32.52
C GLU A 380 -36.11 -4.35 31.95
N VAL A 381 -35.41 -5.29 31.33
CA VAL A 381 -34.05 -5.07 30.85
C VAL A 381 -33.96 -5.16 29.34
N TRP A 382 -34.64 -6.13 28.73
CA TRP A 382 -34.54 -6.45 27.31
C TRP A 382 -35.92 -6.43 26.67
N GLU A 383 -36.05 -5.73 25.54
CA GLU A 383 -37.23 -5.89 24.71
C GLU A 383 -37.21 -7.27 24.05
N LYS A 384 -38.40 -7.84 23.85
CA LYS A 384 -38.59 -9.15 23.23
C LYS A 384 -37.62 -10.16 23.86
N ALA A 385 -37.58 -10.17 25.19
CA ALA A 385 -36.52 -10.85 25.93
C ALA A 385 -36.47 -12.34 25.62
N GLU A 386 -37.58 -12.94 25.23
CA GLU A 386 -37.65 -14.37 24.98
CA GLU A 386 -37.65 -14.37 24.98
C GLU A 386 -37.37 -14.75 23.53
N GLU A 387 -37.12 -13.79 22.66
CA GLU A 387 -36.96 -14.09 21.25
C GLU A 387 -35.48 -14.19 20.92
N PHE A 388 -35.15 -15.05 19.95
CA PHE A 388 -33.79 -15.20 19.45
C PHE A 388 -33.61 -14.20 18.33
N LEU A 389 -33.02 -13.05 18.63
CA LEU A 389 -32.81 -11.98 17.65
C LEU A 389 -31.35 -11.53 17.68
N PRO A 390 -30.46 -12.24 16.96
CA PRO A 390 -29.08 -11.76 16.81
C PRO A 390 -29.01 -10.34 16.27
N GLU A 391 -30.03 -9.93 15.51
CA GLU A 391 -30.09 -8.58 14.95
C GLU A 391 -30.24 -7.51 16.01
N ARG A 392 -30.59 -7.87 17.26
CA ARG A 392 -30.62 -6.86 18.31
C ARG A 392 -29.24 -6.26 18.61
N PHE A 393 -28.18 -6.88 18.11
CA PHE A 393 -26.83 -6.35 18.30
C PHE A 393 -26.36 -5.67 17.02
N ASP A 394 -25.75 -4.49 17.18
CA ASP A 394 -25.21 -3.78 16.02
C ASP A 394 -24.07 -4.58 15.39
N ILE A 395 -24.29 -5.09 14.18
CA ILE A 395 -23.30 -5.94 13.54
C ILE A 395 -22.00 -5.20 13.23
N ASP A 396 -22.04 -3.87 13.16
CA ASP A 396 -20.85 -3.06 12.98
C ASP A 396 -20.32 -2.50 14.29
N GLY A 397 -21.04 -2.72 15.39
CA GLY A 397 -20.60 -2.21 16.68
C GLY A 397 -19.72 -3.23 17.39
N ALA A 398 -19.21 -2.83 18.56
CA ALA A 398 -18.41 -3.74 19.37
C ALA A 398 -19.23 -4.98 19.73
N ILE A 399 -18.55 -6.11 19.81
CA ILE A 399 -19.19 -7.33 20.31
C ILE A 399 -19.76 -7.04 21.69
N PRO A 400 -21.02 -7.38 21.98
CA PRO A 400 -21.58 -6.99 23.28
C PRO A 400 -20.90 -7.73 24.40
N ASN A 401 -20.80 -7.07 25.55
CA ASN A 401 -20.26 -7.69 26.74
C ASN A 401 -20.83 -6.94 27.94
N GLU A 402 -20.33 -7.25 29.14
CA GLU A 402 -20.90 -6.63 30.33
C GLU A 402 -20.53 -5.15 30.46
N THR A 403 -19.36 -4.75 29.98
CA THR A 403 -18.96 -3.36 30.11
C THR A 403 -19.75 -2.48 29.15
N ASN A 404 -19.83 -2.85 27.87
CA ASN A 404 -20.49 -1.96 26.92
C ASN A 404 -22.02 -2.07 26.93
N THR A 405 -22.61 -3.00 27.70
CA THR A 405 -24.05 -3.01 27.93
C THR A 405 -24.42 -2.63 29.36
N ASP A 406 -23.43 -2.23 30.17
CA ASP A 406 -23.62 -1.87 31.57
C ASP A 406 -24.32 -3.00 32.35
N PHE A 407 -23.85 -4.23 32.13
CA PHE A 407 -24.29 -5.44 32.83
C PHE A 407 -25.74 -5.81 32.55
N LYS A 408 -26.29 -5.39 31.41
CA LYS A 408 -27.53 -5.98 30.93
C LYS A 408 -27.28 -7.32 30.24
N PHE A 409 -26.08 -7.49 29.66
CA PHE A 409 -25.61 -8.73 29.06
C PHE A 409 -24.37 -9.15 29.85
N ILE A 410 -24.42 -10.31 30.49
CA ILE A 410 -23.29 -10.74 31.32
C ILE A 410 -22.88 -12.15 30.91
N PRO A 411 -22.20 -12.32 29.77
CA PRO A 411 -21.86 -13.67 29.32
C PRO A 411 -20.66 -14.29 30.02
N PHE A 412 -19.75 -13.48 30.58
CA PHE A 412 -18.46 -13.96 31.09
C PHE A 412 -18.18 -13.37 32.46
N SER A 413 -19.23 -13.14 33.24
CA SER A 413 -19.17 -12.45 34.53
C SER A 413 -18.54 -11.06 34.36
N GLY A 414 -17.95 -10.50 35.42
CA GLY A 414 -17.41 -9.15 35.31
C GLY A 414 -16.59 -8.82 36.53
N GLY A 415 -15.97 -7.65 36.49
CA GLY A 415 -15.15 -7.23 37.61
C GLY A 415 -13.87 -8.04 37.75
N PRO A 416 -13.21 -7.92 38.90
CA PRO A 416 -11.87 -8.54 39.04
C PRO A 416 -11.84 -10.05 38.81
N ARG A 417 -12.96 -10.77 39.05
CA ARG A 417 -13.05 -12.20 38.83
C ARG A 417 -13.62 -12.57 37.46
N LYS A 418 -13.70 -11.63 36.53
CA LYS A 418 -14.18 -11.94 35.18
C LYS A 418 -13.46 -13.15 34.59
N CYS A 419 -14.20 -13.96 33.80
CA CYS A 419 -13.62 -15.08 33.07
C CYS A 419 -12.36 -14.65 32.31
N VAL A 420 -11.26 -15.42 32.48
CA VAL A 420 -10.05 -15.13 31.74
C VAL A 420 -10.01 -15.78 30.36
N GLY A 421 -10.90 -16.73 30.09
CA GLY A 421 -10.95 -17.37 28.78
C GLY A 421 -12.03 -16.83 27.86
N ASP A 422 -12.46 -15.57 28.05
CA ASP A 422 -13.60 -15.06 27.29
C ASP A 422 -13.25 -14.89 25.81
N GLN A 423 -12.08 -14.33 25.50
CA GLN A 423 -11.66 -14.26 24.10
CA GLN A 423 -11.65 -14.25 24.10
C GLN A 423 -11.41 -15.66 23.53
N PHE A 424 -10.73 -16.52 24.29
CA PHE A 424 -10.48 -17.89 23.88
C PHE A 424 -11.76 -18.62 23.54
N ALA A 425 -12.73 -18.60 24.47
CA ALA A 425 -13.93 -19.39 24.30
C ALA A 425 -14.78 -18.89 23.15
N LEU A 426 -14.91 -17.57 23.03
CA LEU A 426 -15.72 -17.05 21.94
C LEU A 426 -15.12 -17.43 20.61
N MET A 427 -13.78 -17.41 20.54
CA MET A 427 -13.10 -17.81 19.31
C MET A 427 -13.28 -19.28 19.03
N GLU A 428 -13.31 -20.12 20.08
CA GLU A 428 -13.54 -21.55 19.84
C GLU A 428 -14.94 -21.78 19.28
N ALA A 429 -15.95 -21.17 19.90
CA ALA A 429 -17.32 -21.34 19.40
C ALA A 429 -17.45 -20.82 17.97
N ILE A 430 -16.85 -19.66 17.67
CA ILE A 430 -17.00 -19.09 16.33
C ILE A 430 -16.41 -20.04 15.30
N VAL A 431 -15.20 -20.55 15.57
CA VAL A 431 -14.51 -21.40 14.61
C VAL A 431 -15.24 -22.72 14.44
N ALA A 432 -15.62 -23.37 15.55
CA ALA A 432 -16.29 -24.66 15.46
C ALA A 432 -17.65 -24.53 14.75
N LEU A 433 -18.40 -23.48 15.08
CA LEU A 433 -19.70 -23.32 14.45
C LEU A 433 -19.55 -22.97 12.97
N ALA A 434 -18.54 -22.16 12.62
CA ALA A 434 -18.33 -21.84 11.21
C ALA A 434 -17.97 -23.08 10.40
N VAL A 435 -17.09 -23.94 10.95
CA VAL A 435 -16.71 -25.18 10.27
C VAL A 435 -17.89 -26.13 10.16
N PHE A 436 -18.71 -26.23 11.22
CA PHE A 436 -19.91 -27.05 11.14
C PHE A 436 -20.83 -26.55 10.03
N LEU A 437 -21.14 -25.25 10.04
CA LEU A 437 -22.09 -24.71 9.06
C LEU A 437 -21.54 -24.76 7.65
N GLN A 438 -20.21 -24.81 7.53
CA GLN A 438 -19.56 -24.92 6.23
C GLN A 438 -19.80 -26.30 5.63
N ARG A 439 -19.78 -27.34 6.46
CA ARG A 439 -19.76 -28.71 5.99
C ARG A 439 -21.09 -29.42 6.06
N LEU A 440 -22.01 -28.97 6.91
CA LEU A 440 -23.21 -29.77 7.19
C LEU A 440 -24.48 -28.92 7.17
N ASN A 441 -25.51 -29.43 6.49
CA ASN A 441 -26.84 -28.97 6.80
C ASN A 441 -27.29 -29.64 8.08
N VAL A 442 -28.30 -29.07 8.71
CA VAL A 442 -28.69 -29.53 10.05
C VAL A 442 -30.18 -29.26 10.23
N GLU A 443 -30.87 -30.23 10.84
CA GLU A 443 -32.29 -30.13 11.18
C GLU A 443 -32.55 -30.73 12.56
N LEU A 444 -33.36 -30.03 13.35
CA LEU A 444 -33.81 -30.56 14.63
C LEU A 444 -34.74 -31.76 14.43
N VAL A 445 -34.48 -32.86 15.12
CA VAL A 445 -35.39 -34.01 15.03
C VAL A 445 -36.73 -33.63 15.67
N PRO A 446 -37.87 -33.94 15.05
CA PRO A 446 -39.15 -33.53 15.63
C PRO A 446 -39.53 -34.38 16.84
N ASP A 447 -40.50 -33.86 17.59
CA ASP A 447 -41.13 -34.51 18.75
C ASP A 447 -40.22 -34.59 19.97
N GLN A 448 -39.18 -33.76 20.02
CA GLN A 448 -38.33 -33.69 21.20
C GLN A 448 -38.87 -32.65 22.15
N THR A 449 -38.60 -32.84 23.42
CA THR A 449 -38.78 -31.76 24.39
C THR A 449 -37.37 -31.27 24.76
N ILE A 450 -37.02 -30.11 24.21
CA ILE A 450 -35.75 -29.46 24.51
C ILE A 450 -36.00 -28.56 25.71
N SER A 451 -35.71 -29.07 26.89
CA SER A 451 -35.89 -28.28 28.09
C SER A 451 -34.56 -28.16 28.82
N MET A 452 -34.51 -27.20 29.75
CA MET A 452 -33.30 -26.87 30.51
C MET A 452 -33.17 -27.68 31.78
N THR A 453 -31.95 -28.16 32.04
CA THR A 453 -31.55 -28.68 33.36
C THR A 453 -30.28 -27.95 33.75
N THR A 454 -30.23 -27.41 34.96
CA THR A 454 -29.15 -26.49 35.33
C THR A 454 -28.18 -27.13 36.31
N GLY A 455 -26.90 -26.89 36.06
CA GLY A 455 -25.83 -27.29 36.95
C GLY A 455 -24.74 -26.26 36.86
N ALA A 456 -23.50 -26.68 36.61
CA ALA A 456 -22.45 -25.72 36.29
C ALA A 456 -22.78 -24.97 34.99
N THR A 457 -23.54 -25.58 34.10
CA THR A 457 -24.06 -24.94 32.89
C THR A 457 -25.55 -25.25 32.78
N ILE A 458 -26.23 -24.57 31.85
CA ILE A 458 -27.56 -24.99 31.42
C ILE A 458 -27.39 -26.04 30.34
N HIS A 459 -27.81 -27.26 30.61
CA HIS A 459 -27.74 -28.28 29.56
C HIS A 459 -29.15 -28.78 29.27
N THR A 460 -29.29 -29.58 28.22
CA THR A 460 -30.61 -30.09 27.89
C THR A 460 -31.00 -31.22 28.83
N THR A 461 -32.30 -31.39 29.03
CA THR A 461 -32.80 -32.47 29.88
C THR A 461 -32.65 -33.84 29.20
N ASN A 462 -32.88 -33.91 27.89
CA ASN A 462 -32.98 -35.18 27.17
C ASN A 462 -32.05 -35.30 25.97
N GLY A 463 -31.05 -34.44 25.84
CA GLY A 463 -30.20 -34.44 24.67
C GLY A 463 -30.72 -33.53 23.58
N LEU A 464 -29.87 -33.28 22.59
CA LEU A 464 -30.22 -32.44 21.45
C LEU A 464 -30.00 -33.26 20.18
N TYR A 465 -31.05 -33.91 19.68
CA TYR A 465 -30.90 -34.83 18.55
C TYR A 465 -31.12 -34.08 17.25
N MET A 466 -30.17 -34.21 16.34
CA MET A 466 -30.15 -33.52 15.07
C MET A 466 -29.98 -34.52 13.94
N LYS A 467 -30.46 -34.15 12.77
CA LYS A 467 -30.12 -34.82 11.53
C LYS A 467 -29.19 -33.91 10.73
N VAL A 468 -28.13 -34.47 10.16
CA VAL A 468 -27.19 -33.69 9.40
C VAL A 468 -27.07 -34.30 8.01
N SER A 469 -26.65 -33.48 7.06
CA SER A 469 -26.36 -33.95 5.71
C SER A 469 -25.28 -33.07 5.11
N GLN A 470 -24.53 -33.63 4.16
CA GLN A 470 -23.40 -32.90 3.59
C GLN A 470 -23.88 -31.76 2.71
N ARG A 471 -23.15 -30.65 2.78
CA ARG A 471 -23.42 -29.46 1.98
C ARG A 471 -22.57 -29.49 0.73
N ASP B 7 -35.53 -43.09 -23.79
CA ASP B 7 -34.95 -43.83 -22.67
C ASP B 7 -35.45 -43.29 -21.33
N GLU B 8 -34.99 -43.91 -20.24
CA GLU B 8 -35.39 -43.50 -18.90
C GLU B 8 -34.53 -42.37 -18.33
N SER B 9 -33.56 -41.85 -19.10
CA SER B 9 -32.64 -40.86 -18.53
C SER B 9 -33.30 -39.51 -18.30
N GLY B 10 -34.27 -39.14 -19.14
CA GLY B 10 -34.84 -37.80 -19.08
C GLY B 10 -34.08 -36.74 -19.85
N ILE B 11 -33.04 -37.12 -20.58
CA ILE B 11 -32.12 -36.17 -21.23
C ILE B 11 -32.52 -36.04 -22.70
N PRO B 12 -32.86 -34.85 -23.18
CA PRO B 12 -33.14 -34.68 -24.62
C PRO B 12 -31.94 -35.07 -25.47
N ILE B 13 -32.22 -35.55 -26.67
CA ILE B 13 -31.18 -35.95 -27.62
C ILE B 13 -31.11 -34.91 -28.73
N ALA B 14 -29.92 -34.34 -28.94
CA ALA B 14 -29.75 -33.37 -30.02
C ALA B 14 -29.59 -34.10 -31.34
N ASN B 15 -30.18 -33.54 -32.39
CA ASN B 15 -30.11 -34.12 -33.73
C ASN B 15 -28.97 -33.45 -34.50
N ALA B 16 -27.83 -34.14 -34.59
CA ALA B 16 -26.63 -33.56 -35.17
C ALA B 16 -26.52 -33.91 -36.65
N LYS B 17 -26.31 -32.88 -37.48
CA LYS B 17 -26.03 -33.08 -38.90
C LYS B 17 -24.53 -33.23 -39.14
N LEU B 18 -24.18 -33.60 -40.36
CA LEU B 18 -22.77 -33.72 -40.74
C LEU B 18 -22.04 -32.39 -40.57
N ASP B 19 -22.71 -31.29 -40.90
CA ASP B 19 -22.09 -29.97 -40.73
C ASP B 19 -21.75 -29.73 -39.27
N ASP B 20 -22.65 -30.12 -38.36
CA ASP B 20 -22.37 -30.00 -36.93
C ASP B 20 -21.15 -30.83 -36.53
N VAL B 21 -21.03 -32.06 -37.05
CA VAL B 21 -19.88 -32.90 -36.74
C VAL B 21 -18.59 -32.28 -37.29
N ALA B 22 -18.66 -31.65 -38.47
CA ALA B 22 -17.48 -30.98 -39.00
C ALA B 22 -16.98 -29.90 -38.04
N ASP B 23 -17.91 -29.13 -37.46
CA ASP B 23 -17.57 -28.13 -36.45
C ASP B 23 -16.99 -28.75 -35.18
N LEU B 24 -17.58 -29.86 -34.71
CA LEU B 24 -17.08 -30.50 -33.48
C LEU B 24 -15.64 -30.95 -33.65
N LEU B 25 -15.29 -31.49 -34.83
CA LEU B 25 -13.96 -32.00 -35.09
C LEU B 25 -13.00 -30.93 -35.57
N GLY B 26 -13.50 -29.83 -36.14
CA GLY B 26 -12.66 -28.88 -36.83
C GLY B 26 -12.38 -27.58 -36.12
N GLY B 27 -12.59 -27.53 -34.80
CA GLY B 27 -12.25 -26.34 -34.01
C GLY B 27 -13.37 -25.33 -33.83
N ALA B 28 -14.59 -25.66 -34.23
CA ALA B 28 -15.74 -24.77 -34.05
C ALA B 28 -16.74 -25.39 -33.07
N LEU B 29 -16.21 -26.11 -32.09
CA LEU B 29 -17.03 -26.86 -31.12
C LEU B 29 -18.09 -25.98 -30.47
N PHE B 30 -17.74 -24.72 -30.16
CA PHE B 30 -18.67 -23.82 -29.50
C PHE B 30 -19.94 -23.58 -30.30
N LEU B 31 -19.89 -23.74 -31.63
CA LEU B 31 -21.00 -23.32 -32.47
C LEU B 31 -22.21 -24.24 -32.34
N PRO B 32 -22.11 -25.55 -32.64
CA PRO B 32 -23.28 -26.42 -32.41
C PRO B 32 -23.68 -26.52 -30.95
N LEU B 33 -22.72 -26.52 -30.02
CA LEU B 33 -23.05 -26.70 -28.62
C LEU B 33 -23.87 -25.54 -28.09
N TYR B 34 -23.52 -24.33 -28.50
CA TYR B 34 -24.33 -23.17 -28.14
C TYR B 34 -25.71 -23.22 -28.79
N LYS B 35 -25.75 -23.58 -30.07
CA LYS B 35 -27.05 -23.67 -30.74
C LYS B 35 -27.95 -24.69 -30.04
N TRP B 36 -27.42 -25.85 -29.68
CA TRP B 36 -28.25 -26.89 -29.08
C TRP B 36 -28.68 -26.54 -27.66
N MET B 37 -27.93 -25.70 -26.94
CA MET B 37 -28.41 -25.22 -25.65
C MET B 37 -29.69 -24.41 -25.82
N ASN B 38 -29.71 -23.52 -26.81
CA ASN B 38 -30.92 -22.73 -27.07
C ASN B 38 -32.07 -23.61 -27.52
N GLU B 39 -31.78 -24.70 -28.23
CA GLU B 39 -32.83 -25.56 -28.76
C GLU B 39 -33.33 -26.56 -27.71
N TYR B 40 -32.41 -27.17 -26.96
CA TYR B 40 -32.79 -28.27 -26.07
C TYR B 40 -32.64 -27.97 -24.58
N GLY B 41 -31.92 -26.90 -24.22
CA GLY B 41 -31.85 -26.46 -22.84
C GLY B 41 -30.58 -26.85 -22.10
N PRO B 42 -30.67 -26.86 -20.77
CA PRO B 42 -29.45 -26.95 -19.93
C PRO B 42 -28.75 -28.29 -19.95
N ILE B 43 -29.37 -29.34 -20.48
CA ILE B 43 -28.71 -30.63 -20.60
C ILE B 43 -29.28 -31.32 -21.83
N TYR B 44 -28.40 -31.93 -22.61
CA TYR B 44 -28.84 -32.69 -23.77
C TYR B 44 -27.73 -33.67 -24.14
N ARG B 45 -28.12 -34.70 -24.88
CA ARG B 45 -27.21 -35.73 -25.36
C ARG B 45 -26.76 -35.41 -26.78
N LEU B 46 -25.46 -35.51 -27.02
CA LEU B 46 -24.90 -35.58 -28.36
C LEU B 46 -24.45 -37.01 -28.57
N ALA B 47 -25.06 -37.70 -29.52
CA ALA B 47 -24.72 -39.09 -29.83
C ALA B 47 -24.35 -39.15 -31.31
N ALA B 48 -23.06 -39.10 -31.59
CA ALA B 48 -22.55 -39.14 -32.95
C ALA B 48 -21.58 -40.31 -33.06
N GLY B 49 -22.07 -41.44 -33.58
CA GLY B 49 -21.25 -42.59 -33.82
C GLY B 49 -20.64 -43.19 -32.56
N PRO B 50 -19.30 -43.23 -32.50
CA PRO B 50 -18.63 -43.78 -31.31
C PRO B 50 -18.75 -42.91 -30.06
N ARG B 51 -19.11 -41.64 -30.22
CA ARG B 51 -19.16 -40.71 -29.10
C ARG B 51 -20.58 -40.63 -28.55
N ASN B 52 -20.66 -40.51 -27.22
CA ASN B 52 -21.92 -40.30 -26.53
C ASN B 52 -21.62 -39.35 -25.37
N PHE B 53 -22.09 -38.12 -25.46
CA PHE B 53 -21.80 -37.09 -24.49
C PHE B 53 -23.11 -36.53 -23.94
N VAL B 54 -23.20 -36.43 -22.62
CA VAL B 54 -24.18 -35.56 -21.99
C VAL B 54 -23.56 -34.18 -21.87
N ILE B 55 -24.14 -33.20 -22.56
CA ILE B 55 -23.65 -31.83 -22.58
C ILE B 55 -24.38 -31.01 -21.53
N VAL B 56 -23.64 -30.44 -20.58
CA VAL B 56 -24.20 -29.70 -19.46
C VAL B 56 -23.94 -28.21 -19.63
N SER B 57 -24.99 -27.40 -19.60
CA SER B 57 -24.84 -25.97 -19.76
C SER B 57 -25.46 -25.20 -18.60
N ASP B 58 -25.51 -25.82 -17.43
CA ASP B 58 -26.24 -25.29 -16.28
C ASP B 58 -25.35 -25.22 -15.05
N PRO B 59 -25.28 -24.05 -14.39
CA PRO B 59 -24.43 -23.92 -13.18
C PRO B 59 -24.66 -25.02 -12.13
N ALA B 60 -25.92 -25.35 -11.83
CA ALA B 60 -26.19 -26.30 -10.74
C ALA B 60 -25.77 -27.72 -11.10
N ILE B 61 -25.99 -28.13 -12.36
CA ILE B 61 -25.54 -29.45 -12.76
C ILE B 61 -24.01 -29.50 -12.81
N ALA B 62 -23.39 -28.43 -13.32
CA ALA B 62 -21.92 -28.38 -13.38
C ALA B 62 -21.31 -28.47 -11.99
N LYS B 63 -21.86 -27.72 -11.02
CA LYS B 63 -21.38 -27.77 -9.64
C LYS B 63 -21.44 -29.20 -9.11
N HIS B 64 -22.55 -29.88 -9.36
CA HIS B 64 -22.71 -31.27 -8.93
C HIS B 64 -21.63 -32.17 -9.52
N VAL B 65 -21.39 -32.07 -10.84
CA VAL B 65 -20.43 -32.94 -11.49
C VAL B 65 -19.02 -32.67 -10.97
N LEU B 66 -18.64 -31.38 -10.84
CA LEU B 66 -17.27 -31.04 -10.49
C LEU B 66 -16.97 -31.29 -9.02
N ARG B 67 -17.94 -31.03 -8.13
CA ARG B 67 -17.71 -31.32 -6.73
C ARG B 67 -17.73 -32.81 -6.45
N ASN B 68 -18.40 -33.60 -7.28
CA ASN B 68 -18.50 -35.03 -7.02
C ASN B 68 -17.41 -35.78 -7.79
N TYR B 69 -16.18 -35.38 -7.51
CA TYR B 69 -14.99 -36.18 -7.78
C TYR B 69 -14.65 -36.99 -6.54
N PRO B 70 -14.34 -38.30 -6.63
CA PRO B 70 -14.03 -39.08 -7.84
C PRO B 70 -15.18 -39.82 -8.53
N LYS B 71 -16.43 -39.60 -8.13
CA LYS B 71 -17.53 -40.24 -8.85
C LYS B 71 -17.47 -39.88 -10.33
N TYR B 72 -17.30 -38.60 -10.63
CA TYR B 72 -17.01 -38.18 -12.00
C TYR B 72 -15.50 -38.03 -12.14
N ALA B 73 -14.91 -38.93 -12.91
CA ALA B 73 -13.48 -39.03 -13.16
C ALA B 73 -13.09 -38.23 -14.40
N LYS B 74 -11.77 -38.13 -14.65
CA LYS B 74 -11.24 -37.34 -15.75
C LYS B 74 -11.62 -37.90 -17.12
N GLY B 75 -11.79 -39.20 -17.22
CA GLY B 75 -12.33 -39.78 -18.45
C GLY B 75 -11.42 -39.59 -19.65
N LEU B 76 -12.00 -39.09 -20.74
CA LEU B 76 -11.27 -39.08 -22.01
C LEU B 76 -10.04 -38.17 -21.94
N VAL B 77 -10.09 -37.13 -21.11
CA VAL B 77 -8.96 -36.22 -20.96
C VAL B 77 -7.71 -37.01 -20.55
N ALA B 78 -7.86 -37.92 -19.59
CA ALA B 78 -6.68 -38.66 -19.13
C ALA B 78 -6.16 -39.58 -20.21
N GLU B 79 -7.04 -40.08 -21.09
CA GLU B 79 -6.64 -41.05 -22.10
C GLU B 79 -5.87 -40.38 -23.24
N VAL B 80 -6.32 -39.22 -23.70
CA VAL B 80 -5.65 -38.60 -24.85
C VAL B 80 -4.32 -37.96 -24.49
N SER B 81 -4.04 -37.67 -23.22
CA SER B 81 -2.77 -37.01 -22.90
C SER B 81 -1.79 -37.90 -22.15
N GLU B 82 -2.11 -39.19 -21.99
CA GLU B 82 -1.17 -40.08 -21.31
C GLU B 82 0.18 -40.11 -22.00
N PHE B 83 0.19 -40.09 -23.34
CA PHE B 83 1.46 -40.13 -24.08
C PHE B 83 2.39 -39.02 -23.65
N LEU B 84 1.84 -37.90 -23.17
CA LEU B 84 2.63 -36.74 -22.77
C LEU B 84 2.92 -36.70 -21.27
N PHE B 85 1.89 -36.82 -20.44
CA PHE B 85 2.02 -36.64 -18.99
C PHE B 85 2.37 -37.90 -18.23
N GLY B 86 2.31 -39.07 -18.85
CA GLY B 86 2.47 -40.30 -18.10
C GLY B 86 1.40 -40.42 -17.03
N SER B 87 1.84 -40.60 -15.78
CA SER B 87 0.95 -40.57 -14.63
C SER B 87 1.08 -39.26 -13.85
N GLY B 88 1.43 -38.16 -14.52
CA GLY B 88 1.47 -36.88 -13.85
C GLY B 88 0.12 -36.52 -13.24
N PHE B 89 0.16 -35.80 -12.12
CA PHE B 89 -1.05 -35.74 -11.30
C PHE B 89 -2.19 -34.94 -11.93
N ALA B 90 -1.92 -34.15 -12.97
CA ALA B 90 -3.02 -33.47 -13.65
C ALA B 90 -3.99 -34.47 -14.29
N ILE B 91 -3.52 -35.68 -14.60
CA ILE B 91 -4.41 -36.69 -15.14
C ILE B 91 -4.41 -37.97 -14.32
N ALA B 92 -3.62 -38.05 -13.25
CA ALA B 92 -3.68 -39.19 -12.34
C ALA B 92 -5.01 -39.20 -11.59
N GLU B 93 -5.40 -40.39 -11.12
CA GLU B 93 -6.61 -40.54 -10.32
C GLU B 93 -6.32 -41.45 -9.15
N GLY B 94 -7.32 -41.63 -8.29
CA GLY B 94 -7.20 -42.53 -7.16
C GLY B 94 -6.11 -42.12 -6.17
N PRO B 95 -5.59 -43.11 -5.44
CA PRO B 95 -4.63 -42.80 -4.36
C PRO B 95 -3.39 -42.04 -4.82
N LEU B 96 -2.92 -42.30 -6.05
CA LEU B 96 -1.74 -41.59 -6.56
C LEU B 96 -2.01 -40.09 -6.67
N TRP B 97 -3.17 -39.72 -7.22
CA TRP B 97 -3.52 -38.31 -7.35
C TRP B 97 -3.59 -37.64 -5.99
N THR B 98 -4.27 -38.27 -5.03
CA THR B 98 -4.36 -37.70 -3.68
C THR B 98 -2.99 -37.39 -3.12
N ALA B 99 -2.06 -38.35 -3.20
CA ALA B 99 -0.72 -38.13 -2.65
C ALA B 99 0.02 -37.04 -3.42
N ARG B 100 -0.01 -37.05 -4.75
CA ARG B 100 0.81 -36.08 -5.48
C ARG B 100 0.25 -34.66 -5.38
N ARG B 101 -1.07 -34.51 -5.46
CA ARG B 101 -1.61 -33.16 -5.34
C ARG B 101 -1.36 -32.59 -3.95
N ARG B 102 -1.52 -33.40 -2.90
CA ARG B 102 -1.17 -32.94 -1.56
C ARG B 102 0.29 -32.53 -1.47
N ALA B 103 1.18 -33.20 -2.23
CA ALA B 103 2.59 -32.83 -2.24
C ALA B 103 2.85 -31.53 -3.00
N VAL B 104 2.12 -31.27 -4.08
CA VAL B 104 2.49 -30.15 -4.93
C VAL B 104 1.89 -28.84 -4.45
N VAL B 105 0.66 -28.86 -3.93
CA VAL B 105 -0.04 -27.61 -3.59
C VAL B 105 0.75 -26.74 -2.60
N PRO B 106 1.44 -27.27 -1.58
CA PRO B 106 2.23 -26.38 -0.70
C PRO B 106 3.34 -25.64 -1.40
N SER B 107 3.77 -26.07 -2.59
CA SER B 107 4.84 -25.36 -3.29
C SER B 107 4.40 -23.99 -3.79
N LEU B 108 3.09 -23.78 -3.93
CA LEU B 108 2.55 -22.52 -4.41
C LEU B 108 2.08 -21.61 -3.28
N HIS B 109 2.93 -21.42 -2.28
CA HIS B 109 2.59 -20.57 -1.15
C HIS B 109 2.94 -19.11 -1.43
N ARG B 110 2.53 -18.23 -0.51
CA ARG B 110 2.54 -16.79 -0.74
C ARG B 110 3.96 -16.23 -0.92
N ARG B 111 4.92 -16.69 -0.12
CA ARG B 111 6.29 -16.17 -0.25
C ARG B 111 6.89 -16.54 -1.59
N TYR B 112 6.67 -17.78 -2.05
CA TYR B 112 7.12 -18.18 -3.38
C TYR B 112 6.52 -17.26 -4.45
N LEU B 113 5.21 -17.02 -4.39
CA LEU B 113 4.59 -16.16 -5.40
C LEU B 113 5.17 -14.75 -5.36
N SER B 114 5.48 -14.24 -4.17
CA SER B 114 6.03 -12.89 -4.06
C SER B 114 7.40 -12.80 -4.73
N VAL B 115 8.26 -13.81 -4.54
CA VAL B 115 9.53 -13.83 -5.25
C VAL B 115 9.30 -13.92 -6.75
N ILE B 116 8.39 -14.80 -7.18
CA ILE B 116 8.13 -15.03 -8.60
C ILE B 116 7.61 -13.77 -9.28
N VAL B 117 6.80 -12.97 -8.56
CA VAL B 117 6.26 -11.74 -9.17
C VAL B 117 7.39 -10.83 -9.60
N GLU B 118 8.36 -10.64 -8.72
CA GLU B 118 9.47 -9.73 -8.98
C GLU B 118 10.48 -10.34 -9.94
N ARG B 119 10.88 -11.58 -9.72
CA ARG B 119 12.00 -12.11 -10.47
C ARG B 119 11.61 -12.87 -11.75
N VAL B 120 10.35 -13.21 -11.94
CA VAL B 120 9.94 -13.97 -13.12
C VAL B 120 8.84 -13.23 -13.87
N PHE B 121 7.72 -12.97 -13.22
CA PHE B 121 6.60 -12.29 -13.87
C PHE B 121 7.06 -10.93 -14.44
N CYS B 122 7.65 -10.09 -13.58
CA CYS B 122 8.09 -8.77 -14.04
C CYS B 122 9.20 -8.89 -15.09
N LYS B 123 10.16 -9.78 -14.87
CA LYS B 123 11.29 -9.91 -15.78
C LYS B 123 10.81 -10.31 -17.18
N CYS B 124 9.91 -11.28 -17.25
CA CYS B 124 9.41 -11.73 -18.55
C CYS B 124 8.45 -10.72 -19.18
N ALA B 125 7.64 -10.03 -18.37
CA ALA B 125 6.79 -8.99 -18.95
C ALA B 125 7.64 -7.86 -19.52
N GLU B 126 8.74 -7.51 -18.84
CA GLU B 126 9.60 -6.45 -19.37
C GLU B 126 10.29 -6.92 -20.64
N ARG B 127 10.69 -8.20 -20.69
CA ARG B 127 11.32 -8.73 -21.90
C ARG B 127 10.36 -8.70 -23.07
N LEU B 128 9.10 -9.03 -22.85
CA LEU B 128 8.10 -8.93 -23.92
C LEU B 128 8.04 -7.50 -24.48
N VAL B 129 7.97 -6.51 -23.58
CA VAL B 129 7.94 -5.12 -24.02
C VAL B 129 9.20 -4.78 -24.81
N GLU B 130 10.36 -5.19 -24.31
CA GLU B 130 11.60 -5.04 -25.06
C GLU B 130 11.46 -5.56 -26.49
N LYS B 131 10.90 -6.76 -26.64
CA LYS B 131 10.72 -7.35 -27.95
C LYS B 131 9.74 -6.57 -28.80
N LEU B 132 8.84 -5.80 -28.18
CA LEU B 132 7.89 -5.03 -28.95
C LEU B 132 8.43 -3.67 -29.39
N GLN B 133 9.59 -3.26 -28.88
CA GLN B 133 10.10 -1.93 -29.25
C GLN B 133 10.35 -1.77 -30.75
N PRO B 134 10.89 -2.76 -31.47
CA PRO B 134 11.00 -2.58 -32.93
C PRO B 134 9.67 -2.34 -33.63
N TYR B 135 8.57 -2.93 -33.14
CA TYR B 135 7.27 -2.66 -33.73
C TYR B 135 6.75 -1.28 -33.34
N ALA B 136 7.13 -0.81 -32.16
CA ALA B 136 6.73 0.52 -31.74
C ALA B 136 7.46 1.60 -32.54
N GLU B 137 8.70 1.31 -32.96
CA GLU B 137 9.48 2.25 -33.76
C GLU B 137 8.98 2.32 -35.21
N ASP B 138 8.69 1.17 -35.82
CA ASP B 138 8.41 1.16 -37.26
C ASP B 138 6.94 1.09 -37.61
N GLY B 139 6.06 0.97 -36.61
CA GLY B 139 4.62 1.01 -36.85
C GLY B 139 4.00 -0.23 -37.45
N SER B 140 4.76 -1.31 -37.64
CA SER B 140 4.23 -2.52 -38.22
C SER B 140 3.37 -3.30 -37.22
N ALA B 141 2.53 -4.19 -37.75
CA ALA B 141 1.65 -5.02 -36.93
C ALA B 141 2.40 -6.19 -36.32
N VAL B 142 2.08 -6.51 -35.06
CA VAL B 142 2.67 -7.64 -34.36
C VAL B 142 1.55 -8.59 -33.92
N ASN B 143 1.79 -9.89 -34.08
CA ASN B 143 0.83 -10.89 -33.62
C ASN B 143 1.02 -11.07 -32.12
N MET B 144 0.12 -10.46 -31.33
CA MET B 144 0.24 -10.53 -29.87
C MET B 144 -0.14 -11.92 -29.32
N GLU B 145 -0.92 -12.69 -30.06
CA GLU B 145 -1.22 -14.05 -29.60
C GLU B 145 0.05 -14.88 -29.49
N ALA B 146 0.93 -14.77 -30.49
CA ALA B 146 2.18 -15.51 -30.45
C ALA B 146 3.12 -14.95 -29.39
N LYS B 147 3.21 -13.63 -29.28
CA LYS B 147 4.06 -13.02 -28.25
C LYS B 147 3.65 -13.46 -26.85
N PHE B 148 2.34 -13.46 -26.57
CA PHE B 148 1.86 -13.87 -25.24
C PHE B 148 2.15 -15.35 -24.99
N SER B 149 2.05 -16.19 -26.02
CA SER B 149 2.33 -17.60 -25.85
C SER B 149 3.81 -17.82 -25.52
N GLN B 150 4.70 -17.06 -26.15
CA GLN B 150 6.13 -17.15 -25.84
C GLN B 150 6.41 -16.71 -24.41
N MET B 151 5.81 -15.57 -24.00
CA MET B 151 6.07 -15.05 -22.65
C MET B 151 5.58 -16.02 -21.58
N THR B 152 4.39 -16.59 -21.76
CA THR B 152 3.88 -17.48 -20.72
C THR B 152 4.63 -18.80 -20.70
N LEU B 153 5.13 -19.28 -21.85
CA LEU B 153 6.01 -20.44 -21.82
C LEU B 153 7.28 -20.13 -21.05
N ASP B 154 7.92 -18.99 -21.36
CA ASP B 154 9.15 -18.64 -20.65
C ASP B 154 8.88 -18.49 -19.15
N VAL B 155 7.71 -17.97 -18.78
CA VAL B 155 7.39 -17.81 -17.36
C VAL B 155 7.28 -19.16 -16.65
N ILE B 156 6.47 -20.07 -17.22
CA ILE B 156 6.22 -21.33 -16.52
C ILE B 156 7.51 -22.14 -16.36
N GLY B 157 8.36 -22.14 -17.39
CA GLY B 157 9.62 -22.86 -17.30
C GLY B 157 10.54 -22.30 -16.22
N LEU B 158 10.60 -20.96 -16.10
CA LEU B 158 11.39 -20.37 -15.03
C LEU B 158 10.79 -20.71 -13.66
N SER B 159 9.46 -20.60 -13.53
CA SER B 159 8.84 -20.79 -12.23
C SER B 159 8.90 -22.24 -11.76
N LEU B 160 8.87 -23.20 -12.68
CA LEU B 160 8.92 -24.63 -12.35
C LEU B 160 10.34 -25.16 -12.20
N PHE B 161 11.26 -24.71 -13.05
CA PHE B 161 12.60 -25.30 -13.14
C PHE B 161 13.74 -24.33 -12.92
N ASN B 162 13.48 -23.02 -12.93
CA ASN B 162 14.55 -22.02 -12.95
C ASN B 162 15.39 -22.16 -14.22
N TYR B 163 14.71 -22.44 -15.33
CA TYR B 163 15.35 -22.56 -16.64
C TYR B 163 14.55 -21.75 -17.63
N ASN B 164 15.22 -20.94 -18.44
CA ASN B 164 14.54 -20.04 -19.37
C ASN B 164 14.56 -20.67 -20.77
N PHE B 165 13.39 -21.08 -21.26
CA PHE B 165 13.29 -21.47 -22.65
C PHE B 165 13.69 -20.34 -23.58
N ASP B 166 13.47 -19.09 -23.15
CA ASP B 166 13.82 -17.89 -23.93
C ASP B 166 13.14 -17.89 -25.30
N SER B 167 11.89 -18.36 -25.34
CA SER B 167 11.15 -18.35 -26.60
C SER B 167 10.76 -16.95 -27.02
N LEU B 168 10.80 -15.98 -26.10
CA LEU B 168 10.63 -14.59 -26.50
C LEU B 168 11.77 -14.13 -27.42
N THR B 169 12.97 -14.72 -27.25
CA THR B 169 14.14 -14.36 -28.05
C THR B 169 14.23 -15.18 -29.33
N THR B 170 14.21 -16.51 -29.23
CA THR B 170 14.39 -17.35 -30.40
C THR B 170 13.85 -18.74 -30.13
N ASP B 171 13.67 -19.50 -31.22
CA ASP B 171 13.17 -20.86 -31.21
C ASP B 171 14.28 -21.83 -30.79
N SER B 172 13.87 -23.05 -30.43
CA SER B 172 14.81 -24.10 -30.08
C SER B 172 14.14 -25.45 -30.34
N PRO B 173 14.93 -26.53 -30.43
CA PRO B 173 14.30 -27.85 -30.64
C PRO B 173 13.29 -28.18 -29.55
N VAL B 174 13.64 -27.96 -28.28
CA VAL B 174 12.73 -28.31 -27.19
C VAL B 174 11.47 -27.44 -27.22
N ILE B 175 11.60 -26.18 -27.65
CA ILE B 175 10.42 -25.32 -27.79
C ILE B 175 9.52 -25.86 -28.89
N GLU B 176 10.13 -26.20 -30.03
CA GLU B 176 9.38 -26.83 -31.11
CA GLU B 176 9.40 -26.84 -31.11
C GLU B 176 8.72 -28.12 -30.63
N ALA B 177 9.43 -28.92 -29.82
CA ALA B 177 8.86 -30.15 -29.30
C ALA B 177 7.61 -29.88 -28.46
N VAL B 178 7.69 -28.88 -27.56
CA VAL B 178 6.53 -28.50 -26.75
C VAL B 178 5.31 -28.31 -27.65
N TYR B 179 5.45 -27.48 -28.70
CA TYR B 179 4.31 -27.22 -29.57
C TYR B 179 3.95 -28.45 -30.40
N THR B 180 4.93 -29.30 -30.71
CA THR B 180 4.59 -30.56 -31.38
C THR B 180 3.76 -31.45 -30.45
N ALA B 181 4.20 -31.60 -29.19
CA ALA B 181 3.46 -32.42 -28.24
C ALA B 181 2.05 -31.88 -27.99
N LEU B 182 1.89 -30.54 -27.91
CA LEU B 182 0.55 -29.98 -27.70
C LEU B 182 -0.37 -30.27 -28.87
N LYS B 183 0.14 -30.16 -30.10
CA LYS B 183 -0.67 -30.44 -31.28
C LYS B 183 -1.15 -31.90 -31.29
N GLU B 184 -0.26 -32.83 -30.96
CA GLU B 184 -0.62 -34.24 -30.90
C GLU B 184 -1.75 -34.50 -29.89
N ALA B 185 -1.61 -33.96 -28.68
CA ALA B 185 -2.67 -34.08 -27.68
C ALA B 185 -3.98 -33.55 -28.23
N GLU B 186 -3.93 -32.44 -28.97
CA GLU B 186 -5.12 -31.87 -29.56
C GLU B 186 -5.71 -32.80 -30.62
N LEU B 187 -4.87 -33.35 -31.49
CA LEU B 187 -5.38 -34.23 -32.53
C LEU B 187 -6.01 -35.50 -31.94
N ARG B 188 -5.45 -36.01 -30.84
CA ARG B 188 -5.95 -37.25 -30.26
C ARG B 188 -7.38 -37.13 -29.77
N SER B 189 -7.86 -35.92 -29.45
CA SER B 189 -9.22 -35.77 -29.00
C SER B 189 -10.22 -35.68 -30.15
N THR B 190 -9.74 -35.50 -31.38
CA THR B 190 -10.60 -35.44 -32.55
C THR B 190 -10.43 -36.65 -33.48
N ASP B 191 -9.46 -37.52 -33.23
CA ASP B 191 -9.29 -38.72 -34.03
C ASP B 191 -10.57 -39.55 -34.02
N LEU B 192 -11.01 -40.01 -35.19
CA LEU B 192 -12.21 -40.84 -35.27
C LEU B 192 -12.01 -42.16 -34.53
N LEU B 193 -10.79 -42.70 -34.57
CA LEU B 193 -10.51 -43.96 -33.91
C LEU B 193 -9.17 -43.79 -33.20
N PRO B 194 -9.07 -44.22 -31.94
CA PRO B 194 -7.83 -44.04 -31.17
C PRO B 194 -6.73 -45.02 -31.54
N TYR B 195 -6.32 -44.97 -32.81
CA TYR B 195 -5.36 -45.95 -33.32
C TYR B 195 -4.04 -45.89 -32.56
N TRP B 196 -3.70 -44.73 -31.97
CA TRP B 196 -2.46 -44.58 -31.21
C TRP B 196 -2.44 -45.43 -29.94
N LYS B 197 -3.57 -46.05 -29.58
CA LYS B 197 -3.60 -47.07 -28.53
C LYS B 197 -2.86 -48.35 -28.95
N ILE B 198 -2.65 -48.57 -30.25
CA ILE B 198 -1.87 -49.70 -30.73
C ILE B 198 -0.42 -49.27 -30.91
N ASP B 199 0.48 -49.91 -30.18
CA ASP B 199 1.85 -49.43 -30.12
C ASP B 199 2.59 -49.60 -31.44
N ALA B 200 2.25 -50.63 -32.22
CA ALA B 200 2.93 -50.83 -33.49
C ALA B 200 2.61 -49.70 -34.47
N LEU B 201 1.36 -49.23 -34.45
CA LEU B 201 0.99 -48.09 -35.28
C LEU B 201 1.78 -46.84 -34.90
N CYS B 202 2.04 -46.65 -33.59
CA CYS B 202 2.84 -45.51 -33.16
C CYS B 202 4.27 -45.57 -33.65
N LYS B 203 4.73 -46.71 -34.13
CA LYS B 203 6.09 -46.82 -34.62
C LYS B 203 6.22 -46.55 -36.10
N ILE B 204 5.11 -46.61 -36.84
CA ILE B 204 5.16 -46.48 -38.29
C ILE B 204 4.38 -45.29 -38.82
N VAL B 205 3.42 -44.75 -38.08
CA VAL B 205 2.68 -43.58 -38.58
C VAL B 205 3.56 -42.34 -38.38
N PRO B 206 3.90 -41.61 -39.45
CA PRO B 206 4.84 -40.48 -39.29
C PRO B 206 4.41 -39.48 -38.23
N ARG B 207 3.14 -39.06 -38.25
CA ARG B 207 2.59 -38.21 -37.19
C ARG B 207 2.98 -38.72 -35.81
N GLN B 208 2.83 -40.03 -35.56
CA GLN B 208 3.15 -40.58 -34.25
C GLN B 208 4.64 -40.68 -34.01
N VAL B 209 5.43 -40.90 -35.06
CA VAL B 209 6.88 -40.97 -34.88
C VAL B 209 7.43 -39.61 -34.46
N LYS B 210 6.87 -38.52 -35.00
CA LYS B 210 7.36 -37.19 -34.66
C LYS B 210 6.90 -36.78 -33.27
N ALA B 211 5.69 -37.18 -32.88
CA ALA B 211 5.19 -36.91 -31.55
C ALA B 211 6.04 -37.61 -30.49
N GLU B 212 6.38 -38.88 -30.75
CA GLU B 212 7.23 -39.60 -29.80
C GLU B 212 8.58 -38.95 -29.65
N LYS B 213 9.18 -38.50 -30.76
CA LYS B 213 10.45 -37.77 -30.65
C LYS B 213 10.28 -36.51 -29.82
N ALA B 214 9.18 -35.78 -30.01
CA ALA B 214 8.96 -34.56 -29.25
C ALA B 214 8.86 -34.85 -27.75
N VAL B 215 8.00 -35.79 -27.37
CA VAL B 215 7.86 -36.15 -25.96
C VAL B 215 9.20 -36.57 -25.37
N THR B 216 9.97 -37.38 -26.10
CA THR B 216 11.24 -37.85 -25.59
C THR B 216 12.19 -36.68 -25.31
N LEU B 217 12.22 -35.71 -26.20
CA LEU B 217 13.11 -34.57 -26.01
C LEU B 217 12.67 -33.72 -24.81
N ILE B 218 11.36 -33.53 -24.65
CA ILE B 218 10.85 -32.81 -23.49
C ILE B 218 11.18 -33.55 -22.21
N ARG B 219 10.95 -34.87 -22.20
CA ARG B 219 11.21 -35.67 -21.01
C ARG B 219 12.68 -35.66 -20.63
N GLU B 220 13.57 -35.84 -21.61
CA GLU B 220 15.00 -35.80 -21.33
C GLU B 220 15.42 -34.44 -20.77
N THR B 221 14.86 -33.35 -21.31
CA THR B 221 15.21 -32.03 -20.81
C THR B 221 14.80 -31.84 -19.36
N VAL B 222 13.63 -32.38 -18.98
CA VAL B 222 13.15 -32.24 -17.61
C VAL B 222 13.90 -33.18 -16.68
N GLU B 223 14.17 -34.40 -17.14
CA GLU B 223 14.93 -35.35 -16.32
C GLU B 223 16.31 -34.79 -15.96
N ASP B 224 16.97 -34.14 -16.92
CA ASP B 224 18.29 -33.59 -16.65
C ASP B 224 18.22 -32.45 -15.63
N LEU B 225 17.21 -31.59 -15.74
CA LEU B 225 17.03 -30.53 -14.75
C LEU B 225 16.78 -31.10 -13.36
N ILE B 226 15.95 -32.14 -13.28
CA ILE B 226 15.66 -32.77 -11.99
C ILE B 226 16.95 -33.35 -11.39
N ALA B 227 17.71 -34.09 -12.20
CA ALA B 227 18.95 -34.69 -11.71
C ALA B 227 19.94 -33.62 -11.26
N LYS B 228 20.11 -32.55 -12.05
CA LYS B 228 21.02 -31.48 -11.67
C LYS B 228 20.58 -30.81 -10.38
N CYS B 229 19.27 -30.68 -10.17
CA CYS B 229 18.80 -30.07 -8.93
C CYS B 229 18.93 -31.06 -7.78
N LYS B 230 18.61 -32.32 -8.03
CA LYS B 230 18.64 -33.33 -6.97
C LYS B 230 20.05 -33.54 -6.45
N GLU B 231 21.07 -33.40 -7.31
CA GLU B 231 22.44 -33.54 -6.85
C GLU B 231 22.78 -32.48 -5.81
N ILE B 232 22.38 -31.22 -6.07
CA ILE B 232 22.72 -30.15 -5.16
C ILE B 232 21.95 -30.31 -3.85
N VAL B 233 20.70 -30.77 -3.93
CA VAL B 233 19.87 -30.87 -2.74
C VAL B 233 20.46 -31.87 -1.74
N GLU B 234 20.84 -33.06 -2.23
CA GLU B 234 21.38 -34.07 -1.34
C GLU B 234 22.79 -33.73 -0.89
N ARG B 235 23.57 -33.06 -1.74
CA ARG B 235 24.92 -32.68 -1.38
C ARG B 235 24.94 -31.58 -0.32
N GLU B 236 23.97 -30.67 -0.34
CA GLU B 236 23.95 -29.54 0.58
C GLU B 236 23.15 -29.80 1.85
N GLY B 237 22.63 -31.02 2.04
CA GLY B 237 21.78 -31.30 3.20
C GLY B 237 20.55 -30.40 3.29
N GLU B 238 20.00 -30.00 2.16
CA GLU B 238 18.92 -29.02 2.13
C GLU B 238 17.60 -29.69 2.53
N ARG B 239 16.85 -29.00 3.40
CA ARG B 239 15.58 -29.54 3.89
C ARG B 239 14.68 -28.39 4.32
N ILE B 240 13.38 -28.63 4.22
CA ILE B 240 12.37 -27.69 4.69
C ILE B 240 12.21 -27.86 6.19
N ASN B 241 12.46 -26.78 6.93
CA ASN B 241 12.16 -26.71 8.36
C ASN B 241 11.29 -25.52 8.73
N ASP B 242 10.97 -24.65 7.76
CA ASP B 242 10.04 -23.55 7.97
C ASP B 242 8.93 -23.61 6.92
N GLU B 243 7.77 -23.10 7.30
CA GLU B 243 6.70 -22.89 6.34
C GLU B 243 7.14 -21.86 5.31
N GLU B 244 6.53 -21.95 4.11
CA GLU B 244 6.78 -21.00 3.03
C GLU B 244 8.27 -20.94 2.67
N TYR B 245 8.85 -22.11 2.47
CA TYR B 245 10.26 -22.18 2.12
C TYR B 245 10.49 -21.72 0.68
N VAL B 246 11.47 -20.83 0.49
CA VAL B 246 11.89 -20.37 -0.82
C VAL B 246 13.42 -20.35 -0.84
N ASN B 247 14.01 -21.08 -1.78
CA ASN B 247 15.46 -21.06 -1.96
C ASN B 247 15.83 -19.85 -2.81
N ASP B 248 16.65 -18.94 -2.26
CA ASP B 248 16.95 -17.69 -2.95
C ASP B 248 17.80 -17.90 -4.20
N ALA B 249 18.61 -18.97 -4.25
CA ALA B 249 19.39 -19.24 -5.45
C ALA B 249 18.57 -19.95 -6.51
N ASP B 250 17.54 -20.68 -6.09
CA ASP B 250 16.71 -21.49 -6.99
C ASP B 250 15.28 -21.42 -6.47
N PRO B 251 14.57 -20.31 -6.73
CA PRO B 251 13.18 -20.16 -6.28
C PRO B 251 12.19 -20.83 -7.22
N SER B 252 12.37 -22.13 -7.41
CA SER B 252 11.54 -22.91 -8.32
C SER B 252 10.74 -23.95 -7.54
N ILE B 253 9.64 -24.39 -8.15
CA ILE B 253 8.84 -25.47 -7.59
C ILE B 253 9.66 -26.74 -7.49
N LEU B 254 10.50 -27.01 -8.50
CA LEU B 254 11.34 -28.21 -8.48
C LEU B 254 12.23 -28.23 -7.25
N ARG B 255 12.89 -27.12 -6.98
CA ARG B 255 13.69 -27.00 -5.76
C ARG B 255 12.84 -27.26 -4.52
N PHE B 256 11.70 -26.56 -4.40
CA PHE B 256 10.84 -26.77 -3.24
C PHE B 256 10.48 -28.24 -3.07
N LEU B 257 10.17 -28.93 -4.16
CA LEU B 257 9.68 -30.31 -4.02
C LEU B 257 10.81 -31.26 -3.66
N LEU B 258 12.01 -31.05 -4.21
CA LEU B 258 13.14 -31.89 -3.79
C LEU B 258 13.58 -31.55 -2.36
N ALA B 259 13.52 -30.26 -1.99
CA ALA B 259 13.91 -29.86 -0.64
C ALA B 259 12.97 -30.42 0.41
N SER B 260 11.70 -30.63 0.07
CA SER B 260 10.78 -31.29 1.01
C SER B 260 11.16 -32.74 1.27
N ARG B 261 11.89 -33.37 0.34
CA ARG B 261 12.45 -34.71 0.52
C ARG B 261 11.37 -35.79 0.74
N GLU B 262 10.17 -35.64 0.18
CA GLU B 262 9.22 -36.73 0.24
C GLU B 262 9.57 -37.81 -0.79
N GLU B 263 9.26 -39.06 -0.43
CA GLU B 263 9.57 -40.22 -1.28
C GLU B 263 8.70 -40.18 -2.53
N VAL B 264 9.30 -39.88 -3.67
CA VAL B 264 8.62 -39.98 -4.96
C VAL B 264 9.68 -40.34 -5.99
N SER B 265 9.30 -41.17 -6.94
CA SER B 265 10.24 -41.59 -7.96
C SER B 265 10.58 -40.42 -8.89
N SER B 266 11.72 -40.54 -9.58
CA SER B 266 12.12 -39.52 -10.53
C SER B 266 11.11 -39.40 -11.67
N VAL B 267 10.59 -40.53 -12.15
CA VAL B 267 9.64 -40.55 -13.25
C VAL B 267 8.35 -39.81 -12.88
N GLN B 268 7.84 -40.06 -11.67
CA GLN B 268 6.59 -39.42 -11.25
C GLN B 268 6.78 -37.92 -11.08
N LEU B 269 7.90 -37.51 -10.49
CA LEU B 269 8.20 -36.09 -10.34
C LEU B 269 8.29 -35.42 -11.71
N ARG B 270 9.01 -36.04 -12.65
CA ARG B 270 9.06 -35.54 -14.01
C ARG B 270 7.67 -35.42 -14.61
N ASP B 271 6.82 -36.43 -14.38
CA ASP B 271 5.47 -36.42 -14.93
C ASP B 271 4.62 -35.32 -14.29
N ASP B 272 4.71 -35.16 -12.97
CA ASP B 272 4.00 -34.05 -12.32
C ASP B 272 4.44 -32.71 -12.90
N LEU B 273 5.75 -32.45 -12.94
CA LEU B 273 6.23 -31.14 -13.35
C LEU B 273 5.93 -30.87 -14.82
N LEU B 274 5.99 -31.90 -15.64
CA LEU B 274 5.63 -31.76 -17.05
C LEU B 274 4.13 -31.46 -17.22
N SER B 275 3.28 -32.04 -16.36
CA SER B 275 1.87 -31.71 -16.47
C SER B 275 1.60 -30.27 -16.05
N MET B 276 2.40 -29.73 -15.12
CA MET B 276 2.25 -28.32 -14.76
C MET B 276 2.79 -27.40 -15.84
N LEU B 277 3.83 -27.82 -16.55
CA LEU B 277 4.36 -27.03 -17.67
C LEU B 277 3.28 -26.81 -18.72
N VAL B 278 2.55 -27.88 -19.06
CA VAL B 278 1.49 -27.77 -20.04
C VAL B 278 0.31 -27.01 -19.48
N ALA B 279 -0.09 -27.30 -18.23
CA ALA B 279 -1.24 -26.63 -17.63
C ALA B 279 -1.05 -25.12 -17.54
N GLY B 280 0.16 -24.66 -17.29
CA GLY B 280 0.35 -23.25 -17.02
C GLY B 280 0.76 -22.38 -18.19
N HIS B 281 0.96 -22.97 -19.38
CA HIS B 281 1.47 -22.23 -20.53
C HIS B 281 0.38 -21.64 -21.41
N GLU B 282 -0.29 -22.48 -22.23
CA GLU B 282 -1.19 -21.97 -23.28
CA GLU B 282 -1.16 -21.93 -23.27
C GLU B 282 -2.39 -21.24 -22.70
N THR B 283 -2.97 -21.76 -21.60
CA THR B 283 -4.12 -21.11 -20.97
C THR B 283 -3.79 -19.66 -20.64
N THR B 284 -2.66 -19.44 -19.96
CA THR B 284 -2.34 -18.08 -19.50
C THR B 284 -2.12 -17.16 -20.68
N GLY B 285 -1.42 -17.65 -21.71
CA GLY B 285 -1.24 -16.86 -22.93
C GLY B 285 -2.56 -16.52 -23.58
N SER B 286 -3.48 -17.48 -23.64
CA SER B 286 -4.75 -17.22 -24.30
C SER B 286 -5.61 -16.24 -23.50
N VAL B 287 -5.54 -16.26 -22.16
CA VAL B 287 -6.25 -15.25 -21.37
C VAL B 287 -5.76 -13.86 -21.72
N LEU B 288 -4.43 -13.69 -21.75
CA LEU B 288 -3.86 -12.38 -22.05
C LEU B 288 -4.21 -11.94 -23.46
N THR B 289 -4.18 -12.89 -24.42
CA THR B 289 -4.52 -12.58 -25.80
C THR B 289 -5.92 -12.01 -25.87
N TRP B 290 -6.89 -12.70 -25.25
CA TRP B 290 -8.27 -12.27 -25.39
C TRP B 290 -8.57 -11.04 -24.53
N THR B 291 -7.90 -10.88 -23.38
CA THR B 291 -8.04 -9.64 -22.60
C THR B 291 -7.55 -8.43 -23.41
N LEU B 292 -6.38 -8.56 -24.04
CA LEU B 292 -5.87 -7.46 -24.85
C LEU B 292 -6.78 -7.17 -26.03
N TYR B 293 -7.31 -8.23 -26.66
CA TYR B 293 -8.25 -8.04 -27.75
C TYR B 293 -9.49 -7.28 -27.29
N LEU B 294 -10.04 -7.65 -26.13
CA LEU B 294 -11.26 -7.02 -25.65
C LEU B 294 -11.02 -5.56 -25.28
N LEU B 295 -9.87 -5.25 -24.69
CA LEU B 295 -9.54 -3.86 -24.39
C LEU B 295 -9.37 -3.03 -25.65
N SER B 296 -8.85 -3.62 -26.72
CA SER B 296 -8.64 -2.90 -27.97
C SER B 296 -9.94 -2.62 -28.70
N LYS B 297 -11.03 -3.26 -28.31
CA LYS B 297 -12.36 -3.05 -28.86
C LYS B 297 -13.22 -2.12 -28.01
N ASN B 298 -12.76 -1.72 -26.82
CA ASN B 298 -13.60 -1.07 -25.81
C ASN B 298 -12.77 0.06 -25.21
N SER B 299 -12.84 1.25 -25.84
CA SER B 299 -11.89 2.31 -25.52
C SER B 299 -12.07 2.81 -24.09
N SER B 300 -13.31 2.85 -23.60
CA SER B 300 -13.53 3.29 -22.22
CA SER B 300 -13.51 3.30 -22.22
C SER B 300 -12.92 2.31 -21.22
N ALA B 301 -12.95 1.01 -21.53
CA ALA B 301 -12.32 0.03 -20.64
C ALA B 301 -10.82 0.19 -20.63
N LEU B 302 -10.20 0.34 -21.82
CA LEU B 302 -8.75 0.49 -21.91
C LEU B 302 -8.27 1.75 -21.21
N ARG B 303 -9.05 2.84 -21.33
CA ARG B 303 -8.71 4.07 -20.64
C ARG B 303 -8.73 3.89 -19.13
N LYS B 304 -9.77 3.24 -18.61
CA LYS B 304 -9.85 2.98 -17.18
C LYS B 304 -8.68 2.12 -16.73
N ALA B 305 -8.32 1.11 -17.52
CA ALA B 305 -7.22 0.24 -17.16
C ALA B 305 -5.89 1.00 -17.13
N GLN B 306 -5.66 1.90 -18.09
CA GLN B 306 -4.45 2.71 -18.05
C GLN B 306 -4.45 3.66 -16.86
N GLU B 307 -5.59 4.31 -16.60
CA GLU B 307 -5.68 5.19 -15.45
CA GLU B 307 -5.70 5.19 -15.44
C GLU B 307 -5.32 4.45 -14.16
N GLU B 308 -5.82 3.21 -14.01
CA GLU B 308 -5.52 2.44 -12.81
C GLU B 308 -4.02 2.13 -12.71
N VAL B 309 -3.40 1.67 -13.80
CA VAL B 309 -1.99 1.30 -13.71
C VAL B 309 -1.12 2.54 -13.46
N ASP B 310 -1.54 3.70 -14.00
CA ASP B 310 -0.81 4.93 -13.76
C ASP B 310 -0.90 5.34 -12.29
N ARG B 311 -2.13 5.30 -11.75
CA ARG B 311 -2.35 5.72 -10.36
C ARG B 311 -1.69 4.76 -9.37
N VAL B 312 -1.90 3.44 -9.56
CA VAL B 312 -1.47 2.50 -8.52
C VAL B 312 0.05 2.37 -8.50
N LEU B 313 0.68 2.34 -9.66
CA LEU B 313 2.09 2.00 -9.75
C LEU B 313 3.00 3.20 -10.00
N GLU B 314 2.45 4.30 -10.52
CA GLU B 314 3.26 5.48 -10.85
C GLU B 314 4.56 5.10 -11.56
N GLY B 315 4.47 4.18 -12.52
CA GLY B 315 5.59 3.86 -13.37
C GLY B 315 6.52 2.76 -12.87
N ARG B 316 6.38 2.29 -11.64
CA ARG B 316 7.29 1.25 -11.19
C ARG B 316 6.72 -0.15 -11.49
N ASN B 317 7.58 -1.16 -11.35
CA ASN B 317 7.20 -2.55 -11.55
C ASN B 317 6.16 -2.99 -10.51
N PRO B 318 5.24 -3.86 -10.89
CA PRO B 318 4.32 -4.42 -9.90
C PRO B 318 5.05 -5.27 -8.88
N ALA B 319 4.77 -5.04 -7.59
CA ALA B 319 5.19 -5.94 -6.53
C ALA B 319 3.97 -6.72 -6.05
N PHE B 320 4.24 -7.86 -5.39
CA PHE B 320 3.17 -8.68 -4.82
C PHE B 320 2.07 -7.84 -4.17
N GLU B 321 2.47 -6.87 -3.34
CA GLU B 321 1.50 -6.06 -2.60
C GLU B 321 0.65 -5.18 -3.52
N ASP B 322 1.13 -4.83 -4.71
CA ASP B 322 0.31 -4.03 -5.63
C ASP B 322 -0.83 -4.82 -6.27
N ILE B 323 -0.70 -6.15 -6.35
CA ILE B 323 -1.67 -6.95 -7.11
C ILE B 323 -3.09 -6.65 -6.65
N LYS B 324 -3.34 -6.75 -5.34
CA LYS B 324 -4.68 -6.52 -4.80
C LYS B 324 -5.20 -5.12 -5.08
N GLU B 325 -4.31 -4.16 -5.40
CA GLU B 325 -4.73 -2.81 -5.71
C GLU B 325 -5.04 -2.60 -7.18
N LEU B 326 -4.56 -3.49 -8.06
CA LEU B 326 -4.88 -3.43 -9.49
C LEU B 326 -6.22 -4.10 -9.76
N LYS B 327 -7.29 -3.48 -9.23
CA LYS B 327 -8.59 -4.13 -9.16
C LYS B 327 -9.34 -4.10 -10.49
N TYR B 328 -9.32 -2.98 -11.20
CA TYR B 328 -10.05 -2.94 -12.46
C TYR B 328 -9.40 -3.83 -13.49
N ILE B 329 -8.06 -3.81 -13.55
CA ILE B 329 -7.33 -4.71 -14.43
C ILE B 329 -7.69 -6.15 -14.13
N THR B 330 -7.78 -6.50 -12.84
CA THR B 330 -8.23 -7.84 -12.47
C THR B 330 -9.63 -8.12 -13.02
N ARG B 331 -10.54 -7.18 -12.88
CA ARG B 331 -11.90 -7.43 -13.35
C ARG B 331 -11.95 -7.55 -14.88
N CYS B 332 -11.07 -6.83 -15.60
CA CYS B 332 -11.01 -7.01 -17.05
C CYS B 332 -10.57 -8.43 -17.41
N ILE B 333 -9.58 -8.96 -16.69
CA ILE B 333 -9.15 -10.33 -16.90
C ILE B 333 -10.26 -11.31 -16.56
N ASN B 334 -10.94 -11.12 -15.40
CA ASN B 334 -12.07 -11.99 -15.06
C ASN B 334 -13.12 -11.99 -16.17
N GLU B 335 -13.45 -10.80 -16.69
CA GLU B 335 -14.49 -10.68 -17.70
C GLU B 335 -14.04 -11.31 -19.02
N SER B 336 -12.75 -11.25 -19.32
CA SER B 336 -12.24 -11.95 -20.50
C SER B 336 -12.38 -13.46 -20.33
N MET B 337 -11.98 -13.98 -19.17
CA MET B 337 -12.17 -15.41 -18.89
C MET B 337 -13.64 -15.80 -18.96
N ARG B 338 -14.56 -14.89 -18.61
CA ARG B 338 -15.97 -15.23 -18.77
C ARG B 338 -16.33 -15.41 -20.25
N LEU B 339 -15.94 -14.46 -21.08
CA LEU B 339 -16.28 -14.53 -22.51
C LEU B 339 -15.47 -15.59 -23.24
N TYR B 340 -14.21 -15.80 -22.87
CA TYR B 340 -13.34 -16.79 -23.52
C TYR B 340 -12.72 -17.70 -22.47
N PRO B 341 -13.45 -18.73 -22.04
CA PRO B 341 -12.89 -19.69 -21.08
C PRO B 341 -11.99 -20.73 -21.74
N HIS B 342 -10.91 -21.07 -21.04
CA HIS B 342 -9.91 -22.03 -21.53
C HIS B 342 -9.75 -23.21 -20.58
N PRO B 343 -10.12 -24.45 -20.97
CA PRO B 343 -10.76 -24.80 -22.24
C PRO B 343 -12.24 -24.41 -22.24
N PRO B 344 -12.86 -24.36 -23.41
CA PRO B 344 -14.30 -24.05 -23.46
C PRO B 344 -15.17 -25.15 -22.89
N VAL B 345 -14.67 -26.38 -22.76
CA VAL B 345 -15.45 -27.47 -22.20
C VAL B 345 -14.58 -28.20 -21.20
N LEU B 346 -15.22 -28.74 -20.16
CA LEU B 346 -14.59 -29.61 -19.19
C LEU B 346 -15.15 -31.02 -19.35
N ILE B 347 -14.30 -32.04 -19.22
CA ILE B 347 -14.68 -33.41 -19.53
C ILE B 347 -14.65 -34.27 -18.27
N ARG B 348 -15.68 -35.10 -18.10
CA ARG B 348 -15.72 -36.06 -17.00
C ARG B 348 -16.24 -37.40 -17.53
N ARG B 349 -16.19 -38.42 -16.67
CA ARG B 349 -16.82 -39.70 -16.96
C ARG B 349 -17.37 -40.27 -15.66
N ALA B 350 -18.66 -40.61 -15.66
CA ALA B 350 -19.29 -41.24 -14.50
C ALA B 350 -18.68 -42.60 -14.24
N GLN B 351 -18.23 -42.82 -12.99
CA GLN B 351 -17.61 -44.09 -12.62
C GLN B 351 -18.62 -45.12 -12.14
N VAL B 352 -19.78 -44.66 -11.66
CA VAL B 352 -20.86 -45.50 -11.16
C VAL B 352 -22.13 -44.80 -11.62
N PRO B 353 -23.30 -45.42 -11.49
CA PRO B 353 -24.54 -44.72 -11.85
C PRO B 353 -24.72 -43.51 -10.96
N ASP B 354 -25.45 -42.52 -11.49
CA ASP B 354 -25.68 -41.32 -10.72
C ASP B 354 -26.93 -40.65 -11.27
N ILE B 355 -27.52 -39.78 -10.45
CA ILE B 355 -28.65 -38.95 -10.82
C ILE B 355 -28.24 -37.49 -10.68
N LEU B 356 -28.33 -36.74 -11.79
CA LEU B 356 -27.98 -35.31 -11.79
C LEU B 356 -29.14 -34.47 -11.28
N PRO B 357 -28.87 -33.25 -10.81
CA PRO B 357 -29.96 -32.35 -10.43
C PRO B 357 -30.98 -32.19 -11.55
N GLY B 358 -32.25 -32.33 -11.20
CA GLY B 358 -33.32 -32.41 -12.18
C GLY B 358 -33.69 -33.83 -12.55
N ASN B 359 -33.19 -34.83 -11.83
CA ASN B 359 -33.57 -36.22 -11.98
C ASN B 359 -33.16 -36.79 -13.34
N TYR B 360 -32.06 -36.29 -13.92
CA TYR B 360 -31.50 -36.89 -15.11
C TYR B 360 -30.53 -37.99 -14.67
N LYS B 361 -30.67 -39.19 -15.26
CA LYS B 361 -29.88 -40.33 -14.83
C LYS B 361 -28.76 -40.64 -15.80
N VAL B 362 -27.60 -41.01 -15.24
CA VAL B 362 -26.44 -41.37 -16.04
C VAL B 362 -25.92 -42.72 -15.55
N ASN B 363 -25.42 -43.51 -16.49
CA ASN B 363 -24.91 -44.83 -16.21
CA ASN B 363 -24.91 -44.83 -16.21
C ASN B 363 -23.38 -44.83 -16.14
N THR B 364 -22.85 -45.90 -15.57
CA THR B 364 -21.41 -46.10 -15.52
C THR B 364 -20.80 -45.91 -16.91
N GLY B 365 -19.72 -45.13 -16.98
CA GLY B 365 -18.97 -44.92 -18.21
C GLY B 365 -19.48 -43.79 -19.10
N GLN B 366 -20.55 -43.13 -18.69
CA GLN B 366 -21.16 -42.05 -19.48
C GLN B 366 -20.22 -40.85 -19.53
N ASP B 367 -19.87 -40.42 -20.75
CA ASP B 367 -18.99 -39.27 -20.88
C ASP B 367 -19.81 -37.98 -20.72
N ILE B 368 -19.24 -37.02 -20.00
CA ILE B 368 -19.89 -35.76 -19.65
C ILE B 368 -19.05 -34.64 -20.25
N MET B 369 -19.72 -33.66 -20.85
CA MET B 369 -19.07 -32.45 -21.32
C MET B 369 -19.75 -31.26 -20.68
N ILE B 370 -19.03 -30.54 -19.82
CA ILE B 370 -19.55 -29.29 -19.28
C ILE B 370 -19.05 -28.17 -20.18
N SER B 371 -19.98 -27.48 -20.84
CA SER B 371 -19.64 -26.36 -21.72
C SER B 371 -19.59 -25.11 -20.87
N VAL B 372 -18.39 -24.73 -20.44
CA VAL B 372 -18.21 -23.49 -19.70
C VAL B 372 -18.52 -22.29 -20.59
N TYR B 373 -18.22 -22.40 -21.88
CA TYR B 373 -18.60 -21.37 -22.84
C TYR B 373 -20.11 -21.10 -22.76
N ASN B 374 -20.92 -22.16 -22.82
CA ASN B 374 -22.38 -22.01 -22.76
C ASN B 374 -22.82 -21.39 -21.44
N ILE B 375 -22.28 -21.86 -20.32
CA ILE B 375 -22.69 -21.32 -19.02
C ILE B 375 -22.38 -19.83 -18.95
N HIS B 376 -21.16 -19.45 -19.35
CA HIS B 376 -20.74 -18.06 -19.27
C HIS B 376 -21.53 -17.15 -20.21
N ARG B 377 -22.06 -17.69 -21.30
CA ARG B 377 -22.75 -16.88 -22.30
C ARG B 377 -24.24 -17.19 -22.36
N SER B 378 -24.76 -18.00 -21.45
CA SER B 378 -26.19 -18.31 -21.43
C SER B 378 -26.97 -17.12 -20.89
N SER B 379 -28.02 -16.74 -21.63
CA SER B 379 -28.92 -15.68 -21.18
C SER B 379 -29.71 -16.09 -19.94
N GLU B 380 -29.85 -17.39 -19.67
CA GLU B 380 -30.44 -17.86 -18.43
C GLU B 380 -29.51 -17.67 -17.23
N VAL B 381 -28.23 -17.36 -17.44
CA VAL B 381 -27.25 -17.26 -16.37
C VAL B 381 -26.80 -15.81 -16.17
N TRP B 382 -26.48 -15.12 -17.25
CA TRP B 382 -25.86 -13.79 -17.18
C TRP B 382 -26.72 -12.77 -17.92
N GLU B 383 -26.89 -11.61 -17.30
CA GLU B 383 -27.47 -10.47 -18.00
C GLU B 383 -26.44 -9.91 -18.98
N LYS B 384 -26.89 -9.61 -20.20
CA LYS B 384 -26.01 -9.01 -21.21
C LYS B 384 -24.79 -9.91 -21.46
N ALA B 385 -25.06 -11.20 -21.63
CA ALA B 385 -24.00 -12.20 -21.56
C ALA B 385 -22.96 -12.02 -22.66
N GLU B 386 -23.34 -11.43 -23.80
CA GLU B 386 -22.42 -11.26 -24.91
C GLU B 386 -21.60 -9.98 -24.83
N GLU B 387 -21.78 -9.14 -23.82
CA GLU B 387 -21.08 -7.87 -23.75
C GLU B 387 -19.91 -7.94 -22.78
N PHE B 388 -18.86 -7.19 -23.11
CA PHE B 388 -17.67 -7.09 -22.28
C PHE B 388 -17.90 -5.99 -21.26
N LEU B 389 -18.26 -6.37 -20.03
CA LEU B 389 -18.68 -5.41 -19.01
C LEU B 389 -17.95 -5.72 -17.72
N PRO B 390 -16.67 -5.33 -17.61
CA PRO B 390 -15.91 -5.59 -16.38
C PRO B 390 -16.57 -4.99 -15.15
N GLU B 391 -17.38 -3.95 -15.32
CA GLU B 391 -18.09 -3.36 -14.19
C GLU B 391 -19.25 -4.20 -13.71
N ARG B 392 -19.51 -5.36 -14.32
CA ARG B 392 -20.50 -6.27 -13.77
C ARG B 392 -20.05 -6.90 -12.47
N PHE B 393 -18.77 -6.77 -12.15
CA PHE B 393 -18.19 -7.27 -10.91
C PHE B 393 -17.92 -6.12 -9.96
N ASP B 394 -18.30 -6.32 -8.70
CA ASP B 394 -18.10 -5.35 -7.64
C ASP B 394 -16.60 -5.09 -7.43
N ILE B 395 -16.13 -3.89 -7.79
CA ILE B 395 -14.71 -3.57 -7.68
C ILE B 395 -14.23 -3.68 -6.25
N ASP B 396 -15.15 -3.60 -5.28
CA ASP B 396 -14.85 -3.72 -3.86
C ASP B 396 -15.12 -5.11 -3.31
N GLY B 397 -15.81 -5.96 -4.08
CA GLY B 397 -16.11 -7.30 -3.63
C GLY B 397 -14.97 -8.27 -3.86
N ALA B 398 -15.22 -9.52 -3.48
CA ALA B 398 -14.26 -10.58 -3.74
C ALA B 398 -14.08 -10.75 -5.25
N ILE B 399 -12.86 -11.11 -5.63
CA ILE B 399 -12.63 -11.48 -7.03
C ILE B 399 -13.56 -12.63 -7.40
N PRO B 400 -14.37 -12.51 -8.45
CA PRO B 400 -15.33 -13.58 -8.76
C PRO B 400 -14.65 -14.91 -9.06
N ASN B 401 -15.25 -16.00 -8.60
CA ASN B 401 -14.75 -17.33 -8.90
C ASN B 401 -15.94 -18.29 -8.84
N GLU B 402 -15.67 -19.58 -9.06
CA GLU B 402 -16.75 -20.58 -9.09
C GLU B 402 -17.43 -20.71 -7.74
N THR B 403 -16.72 -20.44 -6.64
CA THR B 403 -17.34 -20.59 -5.33
C THR B 403 -18.25 -19.41 -5.00
N ASN B 404 -17.76 -18.17 -5.16
CA ASN B 404 -18.61 -17.05 -4.76
C ASN B 404 -19.67 -16.68 -5.80
N THR B 405 -19.65 -17.26 -7.00
CA THR B 405 -20.75 -17.14 -7.95
C THR B 405 -21.61 -18.41 -8.04
N ASP B 406 -21.34 -19.43 -7.22
CA ASP B 406 -22.07 -20.70 -7.28
C ASP B 406 -22.07 -21.29 -8.70
N PHE B 407 -20.90 -21.30 -9.32
CA PHE B 407 -20.65 -21.95 -10.61
C PHE B 407 -21.43 -21.29 -11.76
N LYS B 408 -21.79 -20.02 -11.61
CA LYS B 408 -22.18 -19.22 -12.76
C LYS B 408 -20.95 -18.72 -13.53
N PHE B 409 -19.83 -18.57 -12.84
CA PHE B 409 -18.56 -18.18 -13.43
C PHE B 409 -17.56 -19.24 -13.01
N ILE B 410 -16.96 -19.93 -13.98
CA ILE B 410 -16.03 -21.03 -13.71
C ILE B 410 -14.72 -20.76 -14.46
N PRO B 411 -13.86 -19.88 -13.97
CA PRO B 411 -12.62 -19.60 -14.69
C PRO B 411 -11.56 -20.67 -14.52
N PHE B 412 -11.64 -21.46 -13.45
CA PHE B 412 -10.54 -22.36 -13.10
C PHE B 412 -11.06 -23.72 -12.68
N SER B 413 -12.14 -24.19 -13.29
CA SER B 413 -12.85 -25.42 -12.91
C SER B 413 -13.33 -25.29 -11.46
N GLY B 414 -13.51 -26.42 -10.79
CA GLY B 414 -13.91 -26.39 -9.39
C GLY B 414 -13.93 -27.80 -8.84
N GLY B 415 -14.27 -27.90 -7.55
CA GLY B 415 -14.29 -29.17 -6.87
C GLY B 415 -12.87 -29.63 -6.59
N PRO B 416 -12.71 -30.93 -6.27
CA PRO B 416 -11.36 -31.44 -5.94
C PRO B 416 -10.33 -31.31 -7.05
N ARG B 417 -10.71 -31.33 -8.33
CA ARG B 417 -9.75 -31.22 -9.41
C ARG B 417 -9.57 -29.79 -9.90
N LYS B 418 -9.98 -28.81 -9.11
CA LYS B 418 -9.83 -27.41 -9.47
C LYS B 418 -8.37 -27.07 -9.73
N CYS B 419 -8.16 -26.16 -10.68
CA CYS B 419 -6.84 -25.64 -10.99
C CYS B 419 -6.06 -25.27 -9.73
N VAL B 420 -4.84 -25.83 -9.61
CA VAL B 420 -3.97 -25.46 -8.50
C VAL B 420 -3.20 -24.18 -8.76
N GLY B 421 -3.11 -23.75 -10.03
CA GLY B 421 -2.40 -22.52 -10.34
C GLY B 421 -3.27 -21.30 -10.52
N ASP B 422 -4.46 -21.29 -9.87
CA ASP B 422 -5.40 -20.21 -10.13
C ASP B 422 -4.90 -18.87 -9.59
N GLN B 423 -4.26 -18.87 -8.41
CA GLN B 423 -3.67 -17.63 -7.88
C GLN B 423 -2.44 -17.22 -8.70
N PHE B 424 -1.52 -18.16 -8.95
CA PHE B 424 -0.36 -17.96 -9.80
C PHE B 424 -0.74 -17.32 -11.13
N ALA B 425 -1.70 -17.95 -11.83
CA ALA B 425 -2.07 -17.54 -13.18
C ALA B 425 -2.69 -16.15 -13.19
N LEU B 426 -3.65 -15.91 -12.31
CA LEU B 426 -4.26 -14.59 -12.21
C LEU B 426 -3.20 -13.53 -11.94
N MET B 427 -2.22 -13.86 -11.10
CA MET B 427 -1.16 -12.90 -10.80
C MET B 427 -0.27 -12.64 -12.00
N GLU B 428 0.10 -13.70 -12.75
CA GLU B 428 0.90 -13.51 -13.95
C GLU B 428 0.18 -12.62 -14.96
N ALA B 429 -1.10 -12.89 -15.16
CA ALA B 429 -1.86 -12.08 -16.10
C ALA B 429 -1.93 -10.62 -15.65
N ILE B 430 -2.12 -10.39 -14.33
CA ILE B 430 -2.19 -9.03 -13.79
C ILE B 430 -0.90 -8.28 -14.05
N VAL B 431 0.22 -8.90 -13.69
CA VAL B 431 1.51 -8.28 -13.80
C VAL B 431 1.86 -8.01 -15.26
N ALA B 432 1.62 -8.99 -16.14
CA ALA B 432 2.02 -8.82 -17.53
C ALA B 432 1.20 -7.72 -18.21
N LEU B 433 -0.12 -7.73 -17.98
CA LEU B 433 -0.98 -6.72 -18.61
C LEU B 433 -0.71 -5.33 -18.04
N ALA B 434 -0.43 -5.25 -16.73
CA ALA B 434 -0.11 -3.96 -16.13
C ALA B 434 1.17 -3.38 -16.73
N VAL B 435 2.23 -4.20 -16.83
CA VAL B 435 3.49 -3.74 -17.40
C VAL B 435 3.31 -3.33 -18.86
N PHE B 436 2.58 -4.13 -19.63
CA PHE B 436 2.30 -3.76 -21.01
C PHE B 436 1.58 -2.41 -21.10
N LEU B 437 0.46 -2.28 -20.39
CA LEU B 437 -0.33 -1.06 -20.44
C LEU B 437 0.43 0.13 -19.84
N GLN B 438 1.43 -0.14 -19.02
CA GLN B 438 2.28 0.91 -18.50
C GLN B 438 3.15 1.51 -19.59
N ARG B 439 3.64 0.66 -20.50
CA ARG B 439 4.71 1.06 -21.42
C ARG B 439 4.26 1.26 -22.85
N LEU B 440 3.09 0.76 -23.24
CA LEU B 440 2.71 0.81 -24.64
C LEU B 440 1.24 1.20 -24.75
N ASN B 441 0.94 2.05 -25.73
CA ASN B 441 -0.41 2.16 -26.26
C ASN B 441 -0.60 1.07 -27.32
N VAL B 442 -1.85 0.72 -27.57
CA VAL B 442 -2.14 -0.42 -28.44
C VAL B 442 -3.39 -0.11 -29.26
N GLU B 443 -3.37 -0.50 -30.53
CA GLU B 443 -4.57 -0.45 -31.35
C GLU B 443 -4.70 -1.75 -32.12
N LEU B 444 -5.94 -2.17 -32.34
CA LEU B 444 -6.21 -3.35 -33.15
C LEU B 444 -6.03 -2.99 -34.63
N VAL B 445 -5.23 -3.78 -35.34
CA VAL B 445 -5.10 -3.54 -36.78
C VAL B 445 -6.45 -3.79 -37.45
N PRO B 446 -6.94 -2.87 -38.28
CA PRO B 446 -8.29 -3.01 -38.85
C PRO B 446 -8.35 -4.06 -39.96
N ASP B 447 -9.59 -4.40 -40.33
CA ASP B 447 -9.87 -5.36 -41.40
C ASP B 447 -9.42 -6.79 -41.06
N GLN B 448 -9.38 -7.14 -39.78
CA GLN B 448 -9.06 -8.50 -39.38
C GLN B 448 -10.35 -9.29 -39.14
N THR B 449 -10.22 -10.61 -39.22
CA THR B 449 -11.30 -11.52 -38.83
C THR B 449 -10.87 -12.19 -37.52
N ILE B 450 -11.39 -11.68 -36.41
CA ILE B 450 -11.05 -12.21 -35.08
C ILE B 450 -12.15 -13.20 -34.73
N SER B 451 -11.91 -14.46 -35.04
CA SER B 451 -12.83 -15.55 -34.75
C SER B 451 -12.14 -16.57 -33.85
N MET B 452 -12.92 -17.49 -33.33
CA MET B 452 -12.45 -18.48 -32.37
C MET B 452 -12.14 -19.80 -33.06
N THR B 453 -11.02 -20.41 -32.68
CA THR B 453 -10.73 -21.80 -32.98
C THR B 453 -10.42 -22.51 -31.67
N THR B 454 -11.17 -23.56 -31.34
CA THR B 454 -11.10 -24.17 -30.02
C THR B 454 -10.19 -25.40 -30.02
N GLY B 455 -9.49 -25.58 -28.91
CA GLY B 455 -8.69 -26.76 -28.64
C GLY B 455 -8.48 -26.86 -27.15
N ALA B 456 -7.23 -27.03 -26.71
CA ALA B 456 -6.92 -26.93 -25.28
C ALA B 456 -7.34 -25.57 -24.72
N THR B 457 -7.19 -24.51 -25.51
CA THR B 457 -7.71 -23.20 -25.16
C THR B 457 -8.57 -22.71 -26.31
N ILE B 458 -9.19 -21.54 -26.15
CA ILE B 458 -9.77 -20.82 -27.27
C ILE B 458 -8.69 -19.92 -27.84
N HIS B 459 -8.38 -20.09 -29.11
CA HIS B 459 -7.39 -19.20 -29.71
C HIS B 459 -7.99 -18.57 -30.96
N THR B 460 -7.29 -17.56 -31.48
CA THR B 460 -7.77 -16.88 -32.67
C THR B 460 -7.45 -17.72 -33.90
N THR B 461 -8.33 -17.63 -34.89
CA THR B 461 -8.16 -18.35 -36.13
C THR B 461 -6.99 -17.80 -36.94
N ASN B 462 -6.81 -16.48 -36.93
CA ASN B 462 -5.89 -15.81 -37.86
C ASN B 462 -4.79 -15.02 -37.18
N GLY B 463 -4.59 -15.20 -35.87
CA GLY B 463 -3.69 -14.33 -35.12
C GLY B 463 -4.41 -13.09 -34.63
N LEU B 464 -3.75 -12.36 -33.73
CA LEU B 464 -4.29 -11.11 -33.18
C LEU B 464 -3.28 -10.01 -33.42
N TYR B 465 -3.45 -9.24 -34.49
CA TYR B 465 -2.43 -8.28 -34.91
C TYR B 465 -2.73 -6.92 -34.32
N MET B 466 -1.74 -6.37 -33.61
CA MET B 466 -1.86 -5.08 -32.96
C MET B 466 -0.79 -4.12 -33.50
N LYS B 467 -1.10 -2.83 -33.45
CA LYS B 467 -0.09 -1.79 -33.58
C LYS B 467 0.20 -1.21 -32.20
N VAL B 468 1.48 -1.00 -31.92
CA VAL B 468 1.97 -0.69 -30.59
C VAL B 468 2.84 0.57 -30.66
N SER B 469 2.83 1.37 -29.59
CA SER B 469 3.63 2.58 -29.56
C SER B 469 4.00 2.95 -28.13
N GLN B 470 5.13 3.63 -27.98
CA GLN B 470 5.62 3.97 -26.65
C GLN B 470 4.72 5.01 -26.00
N ARG B 471 4.49 4.84 -24.70
CA ARG B 471 3.78 5.82 -23.92
C ARG B 471 4.75 6.90 -23.44
N ASP C 7 -1.06 60.98 10.84
CA ASP C 7 -0.83 59.55 10.57
C ASP C 7 -0.79 59.26 9.08
N GLU C 8 0.39 58.94 8.56
CA GLU C 8 0.59 58.72 7.14
C GLU C 8 0.56 57.26 6.73
N SER C 9 0.17 56.35 7.65
CA SER C 9 0.29 54.92 7.36
C SER C 9 -0.90 54.38 6.58
N GLY C 10 -2.07 55.01 6.70
CA GLY C 10 -3.30 54.46 6.12
C GLY C 10 -3.95 53.33 6.89
N ILE C 11 -3.53 53.06 8.12
CA ILE C 11 -4.01 51.92 8.90
C ILE C 11 -5.04 52.41 9.91
N PRO C 12 -6.28 51.89 9.88
CA PRO C 12 -7.27 52.27 10.89
C PRO C 12 -6.81 51.92 12.30
N ILE C 13 -7.19 52.75 13.27
CA ILE C 13 -6.84 52.56 14.67
C ILE C 13 -8.05 52.02 15.41
N ALA C 14 -7.91 50.87 16.06
CA ALA C 14 -9.01 50.29 16.82
C ALA C 14 -9.20 51.04 18.13
N ASN C 15 -10.44 51.08 18.60
CA ASN C 15 -10.83 51.84 19.79
C ASN C 15 -10.96 50.83 20.92
N ALA C 16 -9.87 50.60 21.65
CA ALA C 16 -9.82 49.58 22.68
C ALA C 16 -10.32 50.14 24.01
N LYS C 17 -11.21 49.39 24.66
CA LYS C 17 -11.69 49.73 26.00
C LYS C 17 -11.07 48.78 27.01
N LEU C 18 -11.30 49.08 28.29
CA LEU C 18 -10.69 48.28 29.36
C LEU C 18 -11.06 46.81 29.22
N ASP C 19 -12.32 46.51 28.92
CA ASP C 19 -12.77 45.13 28.80
C ASP C 19 -12.01 44.39 27.70
N ASP C 20 -11.71 45.09 26.60
CA ASP C 20 -10.88 44.51 25.54
C ASP C 20 -9.47 44.20 26.06
N VAL C 21 -8.87 45.15 26.81
CA VAL C 21 -7.53 44.93 27.36
C VAL C 21 -7.53 43.75 28.32
N ALA C 22 -8.60 43.63 29.12
CA ALA C 22 -8.70 42.48 30.01
C ALA C 22 -8.70 41.17 29.22
N ASP C 23 -9.41 41.13 28.09
CA ASP C 23 -9.41 39.92 27.25
C ASP C 23 -8.02 39.64 26.68
N LEU C 24 -7.31 40.68 26.25
CA LEU C 24 -5.99 40.52 25.64
C LEU C 24 -4.98 39.99 26.65
N LEU C 25 -5.04 40.46 27.89
CA LEU C 25 -4.14 40.00 28.94
C LEU C 25 -4.62 38.73 29.61
N GLY C 26 -5.88 38.36 29.44
CA GLY C 26 -6.41 37.25 30.22
C GLY C 26 -6.62 35.97 29.43
N GLY C 27 -5.90 35.80 28.33
CA GLY C 27 -6.02 34.60 27.53
C GLY C 27 -7.22 34.54 26.63
N ALA C 28 -7.84 35.68 26.34
CA ALA C 28 -9.02 35.75 25.46
C ALA C 28 -8.76 36.68 24.29
N LEU C 29 -7.49 36.74 23.86
CA LEU C 29 -7.04 37.58 22.77
C LEU C 29 -7.93 37.48 21.53
N PHE C 30 -8.39 36.27 21.16
CA PHE C 30 -9.15 36.10 19.93
C PHE C 30 -10.45 36.89 19.94
N LEU C 31 -10.94 37.28 21.12
CA LEU C 31 -12.25 37.93 21.19
C LEU C 31 -12.22 39.35 20.61
N PRO C 32 -11.45 40.29 21.18
CA PRO C 32 -11.39 41.62 20.54
C PRO C 32 -10.80 41.56 19.14
N LEU C 33 -9.80 40.70 18.91
CA LEU C 33 -9.11 40.73 17.63
C LEU C 33 -10.04 40.35 16.49
N TYR C 34 -10.96 39.42 16.73
CA TYR C 34 -11.93 39.04 15.70
C TYR C 34 -12.96 40.15 15.49
N LYS C 35 -13.50 40.70 16.59
CA LYS C 35 -14.41 41.83 16.51
C LYS C 35 -13.82 43.00 15.72
N TRP C 36 -12.54 43.32 15.97
CA TRP C 36 -11.95 44.47 15.28
C TRP C 36 -11.65 44.18 13.81
N MET C 37 -11.48 42.92 13.42
CA MET C 37 -11.39 42.60 11.99
C MET C 37 -12.71 42.87 11.30
N ASN C 38 -13.81 42.50 11.92
CA ASN C 38 -15.11 42.74 11.31
C ASN C 38 -15.45 44.23 11.28
N GLU C 39 -14.92 45.01 12.23
CA GLU C 39 -15.24 46.42 12.35
C GLU C 39 -14.32 47.31 11.52
N TYR C 40 -13.03 46.96 11.43
CA TYR C 40 -12.07 47.79 10.73
C TYR C 40 -11.43 47.10 9.52
N GLY C 41 -11.61 45.79 9.34
CA GLY C 41 -11.11 45.13 8.16
C GLY C 41 -9.76 44.44 8.34
N PRO C 42 -9.08 44.18 7.21
CA PRO C 42 -7.98 43.21 7.19
C PRO C 42 -6.67 43.69 7.81
N ILE C 43 -6.59 44.97 8.18
CA ILE C 43 -5.42 45.49 8.88
C ILE C 43 -5.86 46.65 9.77
N TYR C 44 -5.37 46.65 11.01
CA TYR C 44 -5.68 47.74 11.93
C TYR C 44 -4.60 47.80 12.99
N ARG C 45 -4.59 48.92 13.71
CA ARG C 45 -3.58 49.18 14.73
C ARG C 45 -4.20 49.08 16.11
N LEU C 46 -3.50 48.40 17.02
CA LEU C 46 -3.87 48.33 18.43
C LEU C 46 -2.82 49.13 19.19
N ALA C 47 -3.23 50.26 19.74
CA ALA C 47 -2.32 51.15 20.45
C ALA C 47 -2.86 51.24 21.88
N ALA C 48 -2.37 50.34 22.74
CA ALA C 48 -2.80 50.26 24.13
C ALA C 48 -1.57 50.37 25.02
N GLY C 49 -1.33 51.57 25.53
CA GLY C 49 -0.29 51.80 26.51
C GLY C 49 1.10 51.57 25.95
N PRO C 50 1.83 50.61 26.52
CA PRO C 50 3.20 50.33 26.05
C PRO C 50 3.24 49.57 24.74
N ARG C 51 2.13 49.03 24.26
CA ARG C 51 2.10 48.20 23.07
C ARG C 51 1.57 48.97 21.87
N ASN C 52 2.17 48.71 20.70
CA ASN C 52 1.71 49.26 19.43
C ASN C 52 1.85 48.13 18.41
N PHE C 53 0.74 47.51 18.06
CA PHE C 53 0.72 46.39 17.13
C PHE C 53 -0.08 46.78 15.90
N VAL C 54 0.46 46.45 14.73
CA VAL C 54 -0.32 46.40 13.50
C VAL C 54 -0.85 44.98 13.35
N ILE C 55 -2.17 44.82 13.32
CA ILE C 55 -2.81 43.51 13.37
C ILE C 55 -3.32 43.13 11.99
N VAL C 56 -2.83 42.02 11.45
CA VAL C 56 -3.06 41.60 10.07
C VAL C 56 -3.97 40.38 10.07
N SER C 57 -5.12 40.48 9.38
CA SER C 57 -6.06 39.37 9.21
C SER C 57 -6.30 39.03 7.73
N ASP C 58 -5.29 39.19 6.88
CA ASP C 58 -5.47 39.06 5.43
C ASP C 58 -4.39 38.16 4.83
N PRO C 59 -4.77 37.17 4.01
CA PRO C 59 -3.74 36.26 3.46
C PRO C 59 -2.62 36.96 2.72
N ALA C 60 -2.93 38.00 1.94
CA ALA C 60 -1.92 38.61 1.09
C ALA C 60 -0.88 39.37 1.90
N ILE C 61 -1.31 40.08 2.95
CA ILE C 61 -0.38 40.80 3.81
C ILE C 61 0.44 39.83 4.66
N ALA C 62 -0.20 38.77 5.17
CA ALA C 62 0.52 37.78 5.95
C ALA C 62 1.61 37.12 5.12
N LYS C 63 1.27 36.72 3.89
CA LYS C 63 2.27 36.19 2.96
C LYS C 63 3.44 37.14 2.83
N HIS C 64 3.15 38.41 2.56
CA HIS C 64 4.21 39.41 2.39
C HIS C 64 5.09 39.47 3.64
N VAL C 65 4.47 39.51 4.82
CA VAL C 65 5.24 39.63 6.06
C VAL C 65 6.09 38.39 6.30
N LEU C 66 5.51 37.20 6.10
CA LEU C 66 6.22 35.98 6.46
C LEU C 66 7.36 35.69 5.49
N ARG C 67 7.13 35.90 4.19
CA ARG C 67 8.17 35.62 3.21
C ARG C 67 9.30 36.64 3.31
N ASN C 68 9.00 37.86 3.76
CA ASN C 68 10.02 38.90 3.87
C ASN C 68 10.72 38.84 5.23
N TYR C 69 11.29 37.68 5.51
CA TYR C 69 12.30 37.55 6.53
C TYR C 69 13.67 37.58 5.87
N PRO C 70 14.70 38.27 6.40
CA PRO C 70 14.77 38.91 7.72
C PRO C 70 14.24 40.34 7.86
N LYS C 71 13.65 40.93 6.82
CA LYS C 71 13.13 42.29 6.95
C LYS C 71 12.15 42.39 8.11
N TYR C 72 11.29 41.39 8.26
CA TYR C 72 10.40 41.27 9.41
C TYR C 72 11.00 40.22 10.33
N ALA C 73 11.57 40.68 11.44
CA ALA C 73 12.30 39.83 12.39
C ALA C 73 11.36 39.27 13.45
N LYS C 74 11.90 38.35 14.26
CA LYS C 74 11.09 37.65 15.26
C LYS C 74 10.59 38.58 16.38
N GLY C 75 11.27 39.70 16.63
CA GLY C 75 10.73 40.71 17.54
C GLY C 75 10.44 40.21 18.95
N LEU C 76 9.24 40.49 19.44
CA LEU C 76 8.94 40.28 20.86
C LEU C 76 9.04 38.82 21.26
N VAL C 77 8.73 37.91 20.34
CA VAL C 77 8.73 36.48 20.65
C VAL C 77 10.14 36.02 21.04
N ALA C 78 11.17 36.55 20.38
CA ALA C 78 12.53 36.23 20.78
C ALA C 78 12.87 36.81 22.15
N GLU C 79 12.30 37.96 22.51
CA GLU C 79 12.65 38.59 23.78
C GLU C 79 12.03 37.86 24.95
N VAL C 80 10.79 37.38 24.84
CA VAL C 80 10.16 36.75 25.98
C VAL C 80 10.64 35.32 26.24
N SER C 81 11.27 34.64 25.28
CA SER C 81 11.64 33.24 25.50
CA SER C 81 11.65 33.24 25.47
C SER C 81 13.16 33.04 25.59
N GLU C 82 13.93 34.12 25.62
CA GLU C 82 15.39 33.98 25.67
C GLU C 82 15.84 33.29 26.95
N PHE C 83 15.17 33.57 28.08
CA PHE C 83 15.49 32.93 29.36
C PHE C 83 15.46 31.42 29.26
N LEU C 84 14.61 30.86 28.39
CA LEU C 84 14.45 29.42 28.21
C LEU C 84 15.33 28.86 27.09
N PHE C 85 15.29 29.50 25.92
CA PHE C 85 15.94 28.97 24.71
C PHE C 85 17.39 29.42 24.53
N GLY C 86 17.83 30.45 25.26
CA GLY C 86 19.15 31.00 25.00
C GLY C 86 19.23 31.53 23.58
N SER C 87 20.25 31.08 22.83
CA SER C 87 20.39 31.40 21.42
C SER C 87 19.91 30.26 20.52
N GLY C 88 19.04 29.37 21.03
CA GLY C 88 18.50 28.27 20.25
C GLY C 88 17.93 28.76 18.94
N PHE C 89 18.04 27.97 17.87
CA PHE C 89 17.76 28.58 16.57
C PHE C 89 16.29 28.92 16.35
N ALA C 90 15.37 28.44 17.20
CA ALA C 90 13.97 28.83 17.02
C ALA C 90 13.78 30.32 17.26
N ILE C 91 14.64 30.94 18.06
CA ILE C 91 14.54 32.39 18.27
C ILE C 91 15.77 33.14 17.80
N ALA C 92 16.83 32.44 17.39
CA ALA C 92 18.04 33.07 16.89
C ALA C 92 17.76 33.80 15.59
N GLU C 93 18.63 34.78 15.26
CA GLU C 93 18.53 35.48 14.00
C GLU C 93 19.93 35.62 13.39
N GLY C 94 19.98 36.24 12.22
CA GLY C 94 21.24 36.53 11.55
C GLY C 94 22.01 35.30 11.13
N PRO C 95 23.33 35.46 10.99
CA PRO C 95 24.17 34.32 10.55
C PRO C 95 24.04 33.10 11.45
N LEU C 96 23.81 33.27 12.74
CA LEU C 96 23.72 32.10 13.61
C LEU C 96 22.50 31.26 13.25
N TRP C 97 21.35 31.91 13.01
CA TRP C 97 20.15 31.19 12.63
C TRP C 97 20.35 30.46 11.29
N THR C 98 20.94 31.14 10.30
CA THR C 98 21.19 30.50 9.00
C THR C 98 21.98 29.21 9.17
N ALA C 99 23.05 29.25 9.96
CA ALA C 99 23.92 28.08 10.13
C ALA C 99 23.20 26.96 10.89
N ARG C 100 22.50 27.30 11.97
CA ARG C 100 21.94 26.24 12.80
C ARG C 100 20.71 25.59 12.16
N ARG C 101 19.86 26.39 11.50
CA ARG C 101 18.73 25.76 10.81
C ARG C 101 19.21 24.90 9.66
N ARG C 102 20.24 25.36 8.94
CA ARG C 102 20.82 24.57 7.87
C ARG C 102 21.40 23.26 8.40
N ALA C 103 21.87 23.25 9.65
CA ALA C 103 22.39 22.01 10.25
C ALA C 103 21.28 21.09 10.74
N VAL C 104 20.15 21.63 11.20
CA VAL C 104 19.16 20.79 11.87
C VAL C 104 18.15 20.18 10.89
N VAL C 105 17.78 20.90 9.83
CA VAL C 105 16.75 20.39 8.92
C VAL C 105 17.11 19.02 8.34
N PRO C 106 18.34 18.75 7.91
CA PRO C 106 18.62 17.41 7.34
C PRO C 106 18.42 16.29 8.34
N SER C 107 18.37 16.56 9.65
CA SER C 107 18.10 15.49 10.60
C SER C 107 16.66 14.97 10.49
N LEU C 108 15.76 15.74 9.87
CA LEU C 108 14.35 15.39 9.76
C LEU C 108 14.02 14.63 8.49
N HIS C 109 14.90 13.74 8.03
CA HIS C 109 14.76 13.10 6.72
C HIS C 109 13.84 11.87 6.78
N ARG C 110 13.58 11.29 5.59
CA ARG C 110 12.53 10.27 5.44
C ARG C 110 12.85 8.99 6.20
N ARG C 111 14.10 8.53 6.14
CA ARG C 111 14.46 7.29 6.83
C ARG C 111 14.29 7.41 8.33
N TYR C 112 14.66 8.57 8.87
CA TYR C 112 14.47 8.85 10.29
C TYR C 112 12.99 8.90 10.66
N LEU C 113 12.19 9.64 9.87
CA LEU C 113 10.76 9.68 10.14
C LEU C 113 10.15 8.29 10.08
N SER C 114 10.62 7.45 9.16
CA SER C 114 10.06 6.11 9.04
C SER C 114 10.33 5.30 10.30
N VAL C 115 11.53 5.39 10.85
CA VAL C 115 11.87 4.66 12.07
C VAL C 115 11.09 5.22 13.26
N ILE C 116 10.98 6.55 13.34
CA ILE C 116 10.27 7.18 14.46
C ILE C 116 8.79 6.78 14.47
N VAL C 117 8.17 6.67 13.29
CA VAL C 117 6.76 6.28 13.22
C VAL C 117 6.56 4.94 13.92
N GLU C 118 7.41 3.97 13.59
CA GLU C 118 7.27 2.65 14.16
C GLU C 118 7.65 2.63 15.63
N ARG C 119 8.81 3.20 15.95
CA ARG C 119 9.40 2.97 17.27
C ARG C 119 9.04 4.04 18.30
N VAL C 120 8.56 5.20 17.88
CA VAL C 120 8.18 6.25 18.82
C VAL C 120 6.70 6.60 18.72
N PHE C 121 6.22 6.94 17.51
CA PHE C 121 4.83 7.38 17.38
C PHE C 121 3.87 6.26 17.76
N CYS C 122 4.06 5.07 17.17
CA CYS C 122 3.17 3.94 17.48
C CYS C 122 3.29 3.52 18.93
N LYS C 123 4.50 3.51 19.46
CA LYS C 123 4.69 3.05 20.84
C LYS C 123 4.04 4.00 21.83
N CYS C 124 4.25 5.30 21.68
CA CYS C 124 3.63 6.24 22.61
C CYS C 124 2.12 6.29 22.42
N ALA C 125 1.63 6.11 21.20
CA ALA C 125 0.19 6.05 21.00
C ALA C 125 -0.40 4.80 21.66
N GLU C 126 0.28 3.66 21.54
CA GLU C 126 -0.22 2.47 22.23
C GLU C 126 -0.22 2.67 23.74
N ARG C 127 0.81 3.34 24.26
CA ARG C 127 0.91 3.52 25.70
C ARG C 127 -0.20 4.42 26.22
N LEU C 128 -0.54 5.47 25.46
CA LEU C 128 -1.71 6.28 25.79
C LEU C 128 -2.94 5.40 25.92
N VAL C 129 -3.16 4.52 24.93
CA VAL C 129 -4.33 3.65 24.93
C VAL C 129 -4.33 2.75 26.16
N GLU C 130 -3.17 2.15 26.48
CA GLU C 130 -3.04 1.40 27.73
C GLU C 130 -3.51 2.23 28.93
N LYS C 131 -3.04 3.47 29.01
CA LYS C 131 -3.41 4.33 30.12
C LYS C 131 -4.89 4.67 30.13
N LEU C 132 -5.55 4.58 28.97
CA LEU C 132 -6.98 4.86 28.95
C LEU C 132 -7.84 3.64 29.29
N GLN C 133 -7.24 2.46 29.41
CA GLN C 133 -8.04 1.26 29.66
C GLN C 133 -8.81 1.33 30.97
N PRO C 134 -8.25 1.78 32.10
CA PRO C 134 -9.08 1.92 33.31
C PRO C 134 -10.34 2.77 33.09
N TYR C 135 -10.24 3.84 32.32
CA TYR C 135 -11.44 4.64 32.04
C TYR C 135 -12.43 3.89 31.15
N ALA C 136 -11.94 3.06 30.23
CA ALA C 136 -12.86 2.27 29.42
C ALA C 136 -13.62 1.25 30.25
N GLU C 137 -12.97 0.70 31.29
CA GLU C 137 -13.64 -0.27 32.15
C GLU C 137 -14.66 0.39 33.08
N ASP C 138 -14.31 1.52 33.70
CA ASP C 138 -15.21 2.09 34.70
C ASP C 138 -16.09 3.20 34.14
N GLY C 139 -15.93 3.56 32.87
CA GLY C 139 -16.77 4.57 32.26
C GLY C 139 -16.60 5.97 32.81
N SER C 140 -15.58 6.23 33.64
CA SER C 140 -15.40 7.56 34.19
C SER C 140 -14.77 8.51 33.16
N ALA C 141 -14.87 9.81 33.43
CA ALA C 141 -14.36 10.84 32.52
C ALA C 141 -12.84 10.96 32.60
N VAL C 142 -12.19 11.17 31.45
CA VAL C 142 -10.75 11.36 31.40
C VAL C 142 -10.47 12.65 30.64
N ASN C 143 -9.54 13.45 31.15
CA ASN C 143 -9.19 14.70 30.49
C ASN C 143 -8.22 14.38 29.35
N MET C 144 -8.75 14.36 28.13
CA MET C 144 -7.90 14.04 26.98
C MET C 144 -6.92 15.15 26.63
N GLU C 145 -7.14 16.38 27.09
CA GLU C 145 -6.13 17.42 26.85
C GLU C 145 -4.84 17.14 27.62
N ALA C 146 -4.95 16.71 28.87
CA ALA C 146 -3.76 16.35 29.63
C ALA C 146 -3.11 15.08 29.09
N LYS C 147 -3.91 14.08 28.73
CA LYS C 147 -3.35 12.85 28.16
C LYS C 147 -2.57 13.13 26.89
N PHE C 148 -3.13 13.97 26.00
CA PHE C 148 -2.43 14.26 24.76
C PHE C 148 -1.15 15.06 24.99
N SER C 149 -1.18 15.97 25.97
CA SER C 149 0.02 16.73 26.34
C SER C 149 1.11 15.81 26.88
N GLN C 150 0.73 14.78 27.65
CA GLN C 150 1.72 13.80 28.12
C GLN C 150 2.26 12.97 26.96
N MET C 151 1.37 12.50 26.08
CA MET C 151 1.86 11.68 24.98
C MET C 151 2.81 12.48 24.07
N THR C 152 2.49 13.75 23.79
CA THR C 152 3.35 14.49 22.85
C THR C 152 4.69 14.90 23.48
N LEU C 153 4.71 15.12 24.80
CA LEU C 153 6.00 15.36 25.44
C LEU C 153 6.84 14.10 25.44
N ASP C 154 6.24 12.95 25.73
CA ASP C 154 7.02 11.71 25.71
C ASP C 154 7.54 11.43 24.30
N VAL C 155 6.76 11.75 23.27
CA VAL C 155 7.23 11.54 21.88
C VAL C 155 8.43 12.41 21.59
N ILE C 156 8.35 13.71 21.91
CA ILE C 156 9.41 14.63 21.45
C ILE C 156 10.72 14.37 22.18
N GLY C 157 10.66 14.01 23.47
CA GLY C 157 11.87 13.62 24.16
C GLY C 157 12.53 12.39 23.57
N LEU C 158 11.72 11.37 23.23
CA LEU C 158 12.27 10.17 22.60
C LEU C 158 12.85 10.51 21.24
N SER C 159 12.14 11.31 20.45
CA SER C 159 12.60 11.62 19.10
C SER C 159 13.86 12.49 19.12
N LEU C 160 13.99 13.40 20.08
CA LEU C 160 15.16 14.28 20.10
C LEU C 160 16.37 13.65 20.80
N PHE C 161 16.14 12.86 21.86
CA PHE C 161 17.21 12.41 22.76
C PHE C 161 17.28 10.92 22.97
N ASN C 162 16.32 10.13 22.47
CA ASN C 162 16.20 8.71 22.82
C ASN C 162 15.99 8.53 24.32
N TYR C 163 15.31 9.49 24.93
CA TYR C 163 15.06 9.50 26.37
C TYR C 163 13.55 9.67 26.58
N ASN C 164 12.97 8.84 27.44
CA ASN C 164 11.52 8.87 27.66
C ASN C 164 11.23 9.59 28.98
N PHE C 165 10.67 10.81 28.89
CA PHE C 165 10.15 11.47 30.08
C PHE C 165 9.11 10.61 30.79
N ASP C 166 8.37 9.79 30.04
CA ASP C 166 7.38 8.86 30.59
C ASP C 166 6.34 9.59 31.44
N SER C 167 5.97 10.81 31.02
CA SER C 167 4.92 11.54 31.71
C SER C 167 3.56 10.87 31.56
N LEU C 168 3.40 9.98 30.57
CA LEU C 168 2.19 9.19 30.49
C LEU C 168 2.03 8.31 31.72
N THR C 169 3.15 7.91 32.35
CA THR C 169 3.16 7.03 33.51
C THR C 169 3.12 7.79 34.82
N THR C 170 4.01 8.75 35.02
CA THR C 170 4.01 9.50 36.26
C THR C 170 4.72 10.82 36.07
N ASP C 171 4.41 11.74 36.98
CA ASP C 171 5.07 13.03 37.10
C ASP C 171 6.54 12.84 37.50
N SER C 172 7.32 13.92 37.35
CA SER C 172 8.71 13.95 37.77
C SER C 172 9.12 15.40 37.94
N PRO C 173 10.27 15.67 38.58
CA PRO C 173 10.72 17.07 38.69
C PRO C 173 10.98 17.75 37.35
N VAL C 174 11.63 17.07 36.41
CA VAL C 174 11.93 17.71 35.13
C VAL C 174 10.66 17.93 34.30
N ILE C 175 9.71 16.96 34.35
CA ILE C 175 8.42 17.18 33.71
C ILE C 175 7.78 18.44 34.28
N GLU C 176 7.77 18.56 35.61
CA GLU C 176 7.19 19.75 36.24
CA GLU C 176 7.20 19.75 36.26
C GLU C 176 7.93 21.02 35.82
N ALA C 177 9.27 20.94 35.68
CA ALA C 177 10.05 22.10 35.24
C ALA C 177 9.64 22.55 33.84
N VAL C 178 9.41 21.59 32.93
CA VAL C 178 8.96 21.93 31.57
C VAL C 178 7.69 22.79 31.63
N TYR C 179 6.69 22.36 32.39
CA TYR C 179 5.45 23.11 32.47
C TYR C 179 5.64 24.44 33.19
N THR C 180 6.55 24.49 34.16
CA THR C 180 6.84 25.75 34.83
C THR C 180 7.48 26.74 33.87
N ALA C 181 8.45 26.28 33.09
CA ALA C 181 9.10 27.16 32.12
C ALA C 181 8.12 27.60 31.03
N LEU C 182 7.22 26.73 30.59
CA LEU C 182 6.22 27.12 29.60
C LEU C 182 5.31 28.21 30.14
N LYS C 183 4.86 28.05 31.39
CA LYS C 183 4.03 29.05 32.05
C LYS C 183 4.72 30.41 32.14
N GLU C 184 6.01 30.41 32.49
CA GLU C 184 6.75 31.67 32.60
C GLU C 184 6.81 32.38 31.25
N ALA C 185 7.08 31.64 30.18
CA ALA C 185 7.15 32.29 28.86
C ALA C 185 5.79 32.87 28.45
N GLU C 186 4.69 32.19 28.82
CA GLU C 186 3.37 32.75 28.54
C GLU C 186 3.14 34.05 29.32
N LEU C 187 3.52 34.06 30.60
CA LEU C 187 3.33 35.26 31.41
C LEU C 187 4.15 36.44 30.91
N ARG C 188 5.38 36.19 30.41
CA ARG C 188 6.19 37.32 29.94
C ARG C 188 5.55 38.05 28.77
N SER C 189 4.77 37.33 27.95
CA SER C 189 4.08 37.99 26.85
C SER C 189 2.93 38.90 27.33
N THR C 190 2.46 38.74 28.57
CA THR C 190 1.39 39.57 29.09
C THR C 190 1.81 40.49 30.24
N ASP C 191 3.09 40.50 30.63
CA ASP C 191 3.54 41.41 31.67
C ASP C 191 3.34 42.87 31.22
N LEU C 192 2.81 43.70 32.12
CA LEU C 192 2.68 45.12 31.82
C LEU C 192 4.03 45.77 31.55
N LEU C 193 5.04 45.48 32.38
CA LEU C 193 6.39 45.93 32.14
C LEU C 193 7.34 44.74 32.20
N PRO C 194 8.35 44.66 31.32
CA PRO C 194 9.28 43.52 31.32
C PRO C 194 10.34 43.61 32.43
N TYR C 195 9.88 43.53 33.69
CA TYR C 195 10.81 43.68 34.82
C TYR C 195 11.87 42.59 34.85
N TRP C 196 11.58 41.41 34.26
CA TRP C 196 12.54 40.31 34.28
C TRP C 196 13.79 40.59 33.45
N LYS C 197 13.81 41.68 32.67
CA LYS C 197 15.05 42.13 32.03
C LYS C 197 16.06 42.66 33.03
N ILE C 198 15.64 42.92 34.27
CA ILE C 198 16.53 43.36 35.34
C ILE C 198 16.92 42.14 36.17
N ASP C 199 18.20 41.81 36.16
CA ASP C 199 18.65 40.53 36.73
C ASP C 199 18.41 40.46 38.23
N ALA C 200 18.64 41.57 38.95
CA ALA C 200 18.43 41.57 40.39
C ALA C 200 16.99 41.22 40.75
N LEU C 201 16.02 41.78 40.03
CA LEU C 201 14.63 41.39 40.27
C LEU C 201 14.39 39.91 39.99
N CYS C 202 15.07 39.36 38.98
CA CYS C 202 14.93 37.92 38.73
C CYS C 202 15.40 37.10 39.93
N LYS C 203 16.29 37.65 40.75
CA LYS C 203 16.80 36.90 41.89
C LYS C 203 15.88 36.94 43.11
N ILE C 204 14.92 37.88 43.17
CA ILE C 204 14.14 38.07 44.40
C ILE C 204 12.65 37.83 44.20
N VAL C 205 12.14 38.06 42.99
CA VAL C 205 10.70 37.90 42.77
C VAL C 205 10.38 36.40 42.74
N PRO C 206 9.47 35.89 43.59
CA PRO C 206 9.31 34.43 43.68
C PRO C 206 9.02 33.75 42.35
N ARG C 207 8.15 34.33 41.54
CA ARG C 207 7.81 33.77 40.24
C ARG C 207 9.06 33.57 39.37
N GLN C 208 10.03 34.46 39.50
CA GLN C 208 11.27 34.37 38.71
C GLN C 208 12.25 33.38 39.31
N VAL C 209 12.33 33.32 40.64
CA VAL C 209 13.22 32.33 41.26
C VAL C 209 12.77 30.93 40.88
N LYS C 210 11.46 30.69 40.87
CA LYS C 210 10.96 29.36 40.53
C LYS C 210 11.23 29.03 39.07
N ALA C 211 11.12 30.03 38.19
CA ALA C 211 11.32 29.78 36.77
C ALA C 211 12.79 29.50 36.48
N GLU C 212 13.71 30.23 37.12
CA GLU C 212 15.13 29.97 36.93
C GLU C 212 15.51 28.57 37.37
N LYS C 213 14.98 28.13 38.51
CA LYS C 213 15.21 26.76 38.95
C LYS C 213 14.74 25.76 37.91
N ALA C 214 13.55 25.97 37.34
CA ALA C 214 13.04 25.06 36.32
C ALA C 214 13.95 25.05 35.08
N VAL C 215 14.29 26.22 34.56
CA VAL C 215 15.15 26.28 33.37
C VAL C 215 16.48 25.58 33.65
N THR C 216 17.04 25.79 34.84
CA THR C 216 18.31 25.15 35.15
C THR C 216 18.19 23.62 35.18
N LEU C 217 17.10 23.09 35.72
CA LEU C 217 16.93 21.64 35.77
C LEU C 217 16.76 21.03 34.37
N ILE C 218 15.97 21.67 33.53
CA ILE C 218 15.82 21.22 32.15
C ILE C 218 17.15 21.28 31.41
N ARG C 219 17.85 22.41 31.55
CA ARG C 219 19.14 22.57 30.86
C ARG C 219 20.13 21.49 31.29
N GLU C 220 20.23 21.23 32.59
CA GLU C 220 21.14 20.20 33.06
C GLU C 220 20.75 18.83 32.53
N THR C 221 19.44 18.53 32.50
CA THR C 221 18.99 17.24 31.98
C THR C 221 19.40 17.07 30.52
N VAL C 222 19.22 18.12 29.70
CA VAL C 222 19.61 18.03 28.30
C VAL C 222 21.14 17.99 28.17
N GLU C 223 21.84 18.77 29.00
CA GLU C 223 23.30 18.72 28.96
C GLU C 223 23.81 17.31 29.24
N ASP C 224 23.21 16.63 30.23
CA ASP C 224 23.65 15.27 30.54
C ASP C 224 23.41 14.32 29.37
N LEU C 225 22.26 14.43 28.71
CA LEU C 225 21.99 13.58 27.56
C LEU C 225 23.00 13.85 26.44
N ILE C 226 23.34 15.11 26.21
CA ILE C 226 24.26 15.44 25.13
C ILE C 226 25.65 14.88 25.43
N ALA C 227 26.10 15.00 26.68
CA ALA C 227 27.43 14.51 27.02
C ALA C 227 27.49 12.99 26.95
N LYS C 228 26.47 12.31 27.48
CA LYS C 228 26.45 10.84 27.42
C LYS C 228 26.46 10.35 25.97
N CYS C 229 25.72 11.01 25.08
CA CYS C 229 25.73 10.59 23.68
C CYS C 229 27.06 10.93 23.03
N LYS C 230 27.58 12.13 23.32
CA LYS C 230 28.84 12.55 22.72
C LYS C 230 29.98 11.65 23.16
N GLU C 231 29.91 11.15 24.41
CA GLU C 231 30.90 10.19 24.88
C GLU C 231 30.85 8.89 24.08
N ILE C 232 29.65 8.39 23.80
CA ILE C 232 29.54 7.16 23.01
C ILE C 232 29.96 7.41 21.56
N VAL C 233 29.59 8.56 21.00
CA VAL C 233 29.88 8.85 19.59
C VAL C 233 31.39 8.89 19.37
N GLU C 234 32.09 9.72 20.14
CA GLU C 234 33.53 9.89 19.92
C GLU C 234 34.31 8.63 20.30
N ARG C 235 33.80 7.83 21.23
CA ARG C 235 34.47 6.59 21.59
C ARG C 235 34.40 5.58 20.46
N GLU C 236 33.27 5.54 19.75
CA GLU C 236 33.05 4.53 18.71
C GLU C 236 33.53 4.96 17.33
N GLY C 237 34.10 6.15 17.19
CA GLY C 237 34.47 6.64 15.87
C GLY C 237 33.30 6.77 14.91
N GLU C 238 32.11 7.09 15.42
CA GLU C 238 30.90 7.15 14.61
C GLU C 238 30.88 8.40 13.73
N ARG C 239 30.46 8.24 12.47
CA ARG C 239 30.49 9.30 11.50
C ARG C 239 29.33 9.18 10.53
N ILE C 240 28.90 10.32 10.00
CA ILE C 240 27.95 10.35 8.89
C ILE C 240 28.77 10.28 7.60
N ASN C 241 28.64 9.17 6.88
CA ASN C 241 29.21 9.02 5.56
C ASN C 241 28.15 8.90 4.48
N ASP C 242 26.89 8.76 4.85
CA ASP C 242 25.80 8.61 3.90
C ASP C 242 24.68 9.60 4.22
N GLU C 243 23.93 9.96 3.18
CA GLU C 243 22.68 10.66 3.39
C GLU C 243 21.68 9.74 4.10
N GLU C 244 20.75 10.36 4.82
CA GLU C 244 19.67 9.64 5.50
C GLU C 244 20.20 8.68 6.57
N TYR C 245 21.17 9.14 7.35
CA TYR C 245 21.74 8.34 8.41
C TYR C 245 20.76 8.19 9.58
N VAL C 246 20.67 6.98 10.11
CA VAL C 246 19.87 6.67 11.30
C VAL C 246 20.64 5.63 12.11
N ASN C 247 20.95 5.94 13.37
CA ASN C 247 21.57 4.98 14.27
C ASN C 247 20.51 4.03 14.80
N ASP C 248 20.68 2.74 14.58
CA ASP C 248 19.64 1.80 14.95
C ASP C 248 19.46 1.72 16.47
N ALA C 249 20.54 1.86 17.22
CA ALA C 249 20.42 1.80 18.67
C ALA C 249 19.98 3.13 19.28
N ASP C 250 20.20 4.25 18.58
CA ASP C 250 19.90 5.59 19.09
C ASP C 250 19.39 6.43 17.94
N PRO C 251 18.15 6.19 17.49
CA PRO C 251 17.59 6.90 16.33
C PRO C 251 17.00 8.26 16.71
N SER C 252 17.87 9.18 17.13
CA SER C 252 17.45 10.47 17.66
C SER C 252 18.09 11.59 16.85
N ILE C 253 17.46 12.77 16.93
CA ILE C 253 18.02 13.94 16.30
C ILE C 253 19.39 14.28 16.90
N LEU C 254 19.52 14.12 18.21
CA LEU C 254 20.80 14.39 18.88
C LEU C 254 21.90 13.52 18.31
N ARG C 255 21.66 12.21 18.24
CA ARG C 255 22.63 11.29 17.66
C ARG C 255 22.97 11.66 16.22
N PHE C 256 21.99 12.11 15.43
CA PHE C 256 22.26 12.48 14.05
C PHE C 256 23.17 13.72 13.97
N LEU C 257 22.91 14.71 14.83
CA LEU C 257 23.70 15.94 14.77
C LEU C 257 25.13 15.70 15.26
N LEU C 258 25.31 14.88 16.29
CA LEU C 258 26.65 14.56 16.77
C LEU C 258 27.42 13.72 15.76
N ALA C 259 26.74 12.79 15.07
CA ALA C 259 27.39 11.99 14.05
C ALA C 259 27.77 12.83 12.83
N SER C 260 27.05 13.92 12.57
CA SER C 260 27.32 14.77 11.42
C SER C 260 28.64 15.53 11.54
N ARG C 261 29.24 15.58 12.73
CA ARG C 261 30.56 16.14 12.99
C ARG C 261 30.64 17.66 12.88
N GLU C 262 29.51 18.35 12.70
CA GLU C 262 29.61 19.79 12.48
C GLU C 262 30.07 20.48 13.74
N GLU C 263 30.86 21.54 13.57
CA GLU C 263 31.37 22.27 14.72
C GLU C 263 30.25 23.07 15.37
N VAL C 264 29.92 22.72 16.61
CA VAL C 264 28.96 23.50 17.38
C VAL C 264 29.29 23.32 18.87
N SER C 265 29.20 24.41 19.62
CA SER C 265 29.44 24.36 21.05
C SER C 265 28.37 23.50 21.72
N SER C 266 28.72 22.97 22.89
CA SER C 266 27.75 22.18 23.64
C SER C 266 26.52 23.00 24.05
N VAL C 267 26.71 24.29 24.37
CA VAL C 267 25.59 25.08 24.84
C VAL C 267 24.65 25.40 23.70
N GLN C 268 25.19 25.66 22.51
CA GLN C 268 24.34 25.99 21.37
C GLN C 268 23.55 24.78 20.93
N LEU C 269 24.18 23.59 20.94
CA LEU C 269 23.44 22.36 20.69
C LEU C 269 22.32 22.18 21.71
N ARG C 270 22.63 22.41 22.99
CA ARG C 270 21.61 22.32 24.03
C ARG C 270 20.47 23.28 23.75
N ASP C 271 20.80 24.55 23.44
CA ASP C 271 19.76 25.53 23.16
C ASP C 271 18.92 25.12 21.95
N ASP C 272 19.57 24.66 20.88
CA ASP C 272 18.83 24.23 19.70
C ASP C 272 17.86 23.10 20.03
N LEU C 273 18.34 22.06 20.71
CA LEU C 273 17.47 20.91 20.99
C LEU C 273 16.38 21.25 21.99
N LEU C 274 16.67 22.16 22.93
CA LEU C 274 15.66 22.59 23.87
C LEU C 274 14.57 23.42 23.17
N SER C 275 14.92 24.20 22.15
CA SER C 275 13.88 24.95 21.47
C SER C 275 13.01 24.03 20.63
N MET C 276 13.57 22.92 20.16
CA MET C 276 12.78 21.91 19.45
C MET C 276 11.87 21.15 20.41
N LEU C 277 12.37 20.83 21.61
CA LEU C 277 11.54 20.22 22.64
C LEU C 277 10.29 21.06 22.90
N VAL C 278 10.46 22.37 23.06
CA VAL C 278 9.29 23.20 23.31
C VAL C 278 8.43 23.33 22.05
N ALA C 279 9.05 23.50 20.87
CA ALA C 279 8.28 23.71 19.65
C ALA C 279 7.40 22.51 19.29
N GLY C 280 7.84 21.29 19.63
CA GLY C 280 7.15 20.10 19.19
C GLY C 280 6.25 19.43 20.20
N HIS C 281 6.14 19.97 21.42
CA HIS C 281 5.34 19.37 22.48
C HIS C 281 3.91 19.95 22.51
N GLU C 282 3.72 21.15 23.08
CA GLU C 282 2.35 21.62 23.35
C GLU C 282 1.52 21.77 22.08
N THR C 283 2.12 22.29 21.00
CA THR C 283 1.38 22.43 19.74
C THR C 283 0.77 21.11 19.31
N THR C 284 1.59 20.06 19.25
CA THR C 284 1.09 18.78 18.75
C THR C 284 0.01 18.23 19.68
N GLY C 285 0.21 18.38 20.99
CA GLY C 285 -0.83 17.95 21.92
C GLY C 285 -2.13 18.71 21.71
N SER C 286 -2.03 20.04 21.47
CA SER C 286 -3.24 20.84 21.32
C SER C 286 -3.95 20.56 20.00
N VAL C 287 -3.20 20.17 18.95
CA VAL C 287 -3.86 19.77 17.70
C VAL C 287 -4.70 18.52 17.92
N LEU C 288 -4.12 17.51 18.59
CA LEU C 288 -4.85 16.27 18.81
C LEU C 288 -6.07 16.50 19.69
N THR C 289 -5.92 17.38 20.70
CA THR C 289 -7.00 17.72 21.61
C THR C 289 -8.19 18.31 20.86
N TRP C 290 -7.94 19.32 20.03
CA TRP C 290 -9.05 19.95 19.33
C TRP C 290 -9.59 19.06 18.22
N THR C 291 -8.74 18.24 17.57
CA THR C 291 -9.24 17.29 16.58
C THR C 291 -10.17 16.27 17.23
N LEU C 292 -9.78 15.74 18.39
CA LEU C 292 -10.67 14.80 19.08
C LEU C 292 -11.96 15.48 19.50
N TYR C 293 -11.87 16.73 19.94
CA TYR C 293 -13.08 17.46 20.30
C TYR C 293 -14.02 17.60 19.11
N LEU C 294 -13.50 18.04 17.96
CA LEU C 294 -14.35 18.27 16.80
C LEU C 294 -14.98 16.97 16.30
N LEU C 295 -14.23 15.86 16.36
CA LEU C 295 -14.81 14.57 15.97
C LEU C 295 -15.93 14.15 16.93
N SER C 296 -15.80 14.45 18.23
CA SER C 296 -16.82 14.10 19.22
C SER C 296 -18.08 14.94 19.08
N LYS C 297 -18.02 16.04 18.32
CA LYS C 297 -19.16 16.91 18.03
C LYS C 297 -19.77 16.64 16.65
N ASN C 298 -19.16 15.75 15.85
CA ASN C 298 -19.51 15.60 14.43
C ASN C 298 -19.49 14.11 14.11
N SER C 299 -20.62 13.44 14.37
CA SER C 299 -20.64 11.97 14.36
C SER C 299 -20.38 11.40 12.97
N SER C 300 -20.81 12.09 11.91
CA SER C 300 -20.52 11.61 10.56
CA SER C 300 -20.51 11.63 10.55
C SER C 300 -19.01 11.60 10.30
N ALA C 301 -18.31 12.68 10.69
CA ALA C 301 -16.87 12.72 10.50
C ALA C 301 -16.17 11.66 11.33
N LEU C 302 -16.62 11.46 12.58
CA LEU C 302 -16.08 10.39 13.40
C LEU C 302 -16.28 9.02 12.76
N ARG C 303 -17.45 8.78 12.20
CA ARG C 303 -17.73 7.52 11.51
C ARG C 303 -16.87 7.36 10.29
N LYS C 304 -16.71 8.38 9.50
CA LYS C 304 -15.85 8.30 8.33
C LYS C 304 -14.41 8.01 8.73
N ALA C 305 -13.93 8.62 9.83
CA ALA C 305 -12.55 8.43 10.21
C ALA C 305 -12.31 7.02 10.72
N GLN C 306 -13.26 6.48 11.51
CA GLN C 306 -13.17 5.09 11.94
C GLN C 306 -13.23 4.13 10.74
N GLU C 307 -14.11 4.39 9.79
CA GLU C 307 -14.16 3.58 8.58
CA GLU C 307 -14.15 3.55 8.59
C GLU C 307 -12.79 3.54 7.89
N GLU C 308 -12.10 4.68 7.85
CA GLU C 308 -10.80 4.73 7.19
C GLU C 308 -9.76 3.93 7.95
N VAL C 309 -9.64 4.15 9.27
CA VAL C 309 -8.70 3.36 10.07
CA VAL C 309 -8.68 3.37 10.04
C VAL C 309 -8.97 1.87 9.89
N ASP C 310 -10.24 1.48 9.82
CA ASP C 310 -10.58 0.07 9.73
C ASP C 310 -10.12 -0.50 8.40
N ARG C 311 -10.54 0.13 7.30
CA ARG C 311 -10.18 -0.31 5.96
C ARG C 311 -8.67 -0.28 5.73
N VAL C 312 -8.03 0.85 6.02
CA VAL C 312 -6.63 1.04 5.64
C VAL C 312 -5.70 0.13 6.44
N LEU C 313 -5.91 0.04 7.76
CA LEU C 313 -4.96 -0.65 8.63
C LEU C 313 -5.37 -2.07 8.98
N GLU C 314 -6.66 -2.38 8.94
CA GLU C 314 -7.18 -3.70 9.32
C GLU C 314 -6.60 -4.16 10.65
N GLY C 315 -6.53 -3.24 11.60
CA GLY C 315 -6.13 -3.57 12.95
C GLY C 315 -4.66 -3.47 13.27
N ARG C 316 -3.79 -3.31 12.27
CA ARG C 316 -2.37 -3.27 12.61
C ARG C 316 -1.91 -1.84 12.85
N ASN C 317 -0.72 -1.71 13.46
CA ASN C 317 -0.11 -0.40 13.70
C ASN C 317 0.16 0.31 12.39
N PRO C 318 0.07 1.64 12.35
CA PRO C 318 0.40 2.36 11.12
C PRO C 318 1.90 2.29 10.87
N ALA C 319 2.26 1.99 9.63
CA ALA C 319 3.62 2.14 9.14
C ALA C 319 3.73 3.45 8.40
N PHE C 320 4.98 3.86 8.16
CA PHE C 320 5.24 5.08 7.39
C PHE C 320 4.44 5.10 6.09
N GLU C 321 4.42 3.95 5.38
CA GLU C 321 3.76 3.87 4.09
C GLU C 321 2.24 3.97 4.17
N ASP C 322 1.64 3.63 5.32
CA ASP C 322 0.20 3.82 5.47
C ASP C 322 -0.18 5.29 5.63
N ILE C 323 0.75 6.17 6.01
CA ILE C 323 0.39 7.52 6.39
C ILE C 323 -0.35 8.22 5.25
N LYS C 324 0.16 8.11 4.02
CA LYS C 324 -0.46 8.76 2.87
C LYS C 324 -1.85 8.19 2.55
N GLU C 325 -2.16 6.97 3.02
CA GLU C 325 -3.47 6.39 2.81
C GLU C 325 -4.50 6.80 3.86
N LEU C 326 -4.08 7.35 5.00
CA LEU C 326 -5.02 7.86 6.00
C LEU C 326 -5.47 9.27 5.64
N LYS C 327 -6.13 9.36 4.48
CA LYS C 327 -6.36 10.66 3.84
C LYS C 327 -7.40 11.48 4.60
N TYR C 328 -8.52 10.86 4.96
CA TYR C 328 -9.59 11.60 5.63
C TYR C 328 -9.18 12.03 7.02
N ILE C 329 -8.48 11.16 7.73
CA ILE C 329 -7.93 11.52 9.05
C ILE C 329 -7.02 12.74 8.94
N THR C 330 -6.14 12.73 7.94
CA THR C 330 -5.31 13.92 7.69
C THR C 330 -6.17 15.16 7.49
N ARG C 331 -7.24 15.07 6.70
CA ARG C 331 -8.04 16.27 6.47
C ARG C 331 -8.81 16.68 7.73
N CYS C 332 -9.20 15.72 8.57
CA CYS C 332 -9.78 16.11 9.87
C CYS C 332 -8.78 16.92 10.70
N ILE C 333 -7.53 16.48 10.75
CA ILE C 333 -6.47 17.22 11.43
C ILE C 333 -6.25 18.58 10.78
N ASN C 334 -6.14 18.63 9.44
CA ASN C 334 -6.00 19.91 8.75
C ASN C 334 -7.15 20.85 9.14
N GLU C 335 -8.38 20.34 9.11
CA GLU C 335 -9.52 21.20 9.40
C GLU C 335 -9.54 21.62 10.87
N SER C 336 -9.02 20.79 11.77
CA SER C 336 -8.88 21.19 13.16
C SER C 336 -7.86 22.33 13.32
N MET C 337 -6.73 22.24 12.60
CA MET C 337 -5.74 23.29 12.63
C MET C 337 -6.26 24.57 12.00
N ARG C 338 -7.14 24.47 11.00
CA ARG C 338 -7.79 25.68 10.49
C ARG C 338 -8.61 26.35 11.59
N LEU C 339 -9.49 25.58 12.25
CA LEU C 339 -10.36 26.19 13.25
C LEU C 339 -9.61 26.63 14.50
N TYR C 340 -8.55 25.92 14.88
CA TYR C 340 -7.79 26.20 16.10
C TYR C 340 -6.31 26.17 15.78
N PRO C 341 -5.76 27.29 15.27
CA PRO C 341 -4.31 27.37 15.00
C PRO C 341 -3.51 27.65 16.25
N HIS C 342 -2.32 27.03 16.33
CA HIS C 342 -1.42 27.17 17.47
C HIS C 342 -0.06 27.66 16.99
N PRO C 343 0.43 28.84 17.43
CA PRO C 343 -0.31 29.84 18.19
C PRO C 343 -1.38 30.53 17.32
N PRO C 344 -2.37 31.20 17.94
CA PRO C 344 -3.38 31.88 17.13
C PRO C 344 -2.87 33.13 16.46
N VAL C 345 -1.73 33.66 16.89
CA VAL C 345 -1.14 34.82 16.25
C VAL C 345 0.35 34.58 16.06
N LEU C 346 0.88 35.10 14.95
CA LEU C 346 2.31 35.13 14.66
C LEU C 346 2.83 36.55 14.87
N ILE C 347 4.03 36.66 15.43
CA ILE C 347 4.60 37.95 15.82
C ILE C 347 5.83 38.24 14.96
N ARG C 348 5.91 39.47 14.47
CA ARG C 348 7.10 39.96 13.78
C ARG C 348 7.38 41.39 14.22
N ARG C 349 8.52 41.92 13.77
CA ARG C 349 8.83 43.33 13.99
C ARG C 349 9.63 43.83 12.80
N ALA C 350 9.14 44.87 12.14
CA ALA C 350 9.83 45.43 10.98
C ALA C 350 11.17 46.02 11.40
N GLN C 351 12.22 45.67 10.65
CA GLN C 351 13.57 46.15 10.91
C GLN C 351 13.92 47.40 10.11
N VAL C 352 13.18 47.66 9.03
CA VAL C 352 13.35 48.84 8.18
C VAL C 352 11.97 49.27 7.71
N PRO C 353 11.84 50.49 7.19
CA PRO C 353 10.54 50.89 6.65
C PRO C 353 10.12 49.93 5.54
N ASP C 354 8.80 49.73 5.41
CA ASP C 354 8.29 48.83 4.40
C ASP C 354 6.91 49.30 3.99
N ILE C 355 6.46 48.85 2.81
CA ILE C 355 5.12 49.12 2.31
C ILE C 355 4.40 47.78 2.12
N LEU C 356 3.30 47.59 2.86
CA LEU C 356 2.52 46.36 2.79
C LEU C 356 1.59 46.35 1.59
N PRO C 357 1.14 45.17 1.16
CA PRO C 357 0.14 45.07 0.08
C PRO C 357 -1.13 45.84 0.38
N GLY C 358 -1.49 46.76 -0.52
CA GLY C 358 -2.53 47.72 -0.26
C GLY C 358 -2.02 49.09 0.11
N ASN C 359 -0.69 49.27 0.11
CA ASN C 359 -0.05 50.57 0.30
C ASN C 359 -0.19 51.07 1.73
N TYR C 360 -0.18 50.15 2.70
CA TYR C 360 -0.06 50.50 4.10
C TYR C 360 1.41 50.61 4.47
N LYS C 361 1.73 51.61 5.28
CA LYS C 361 3.11 51.97 5.51
C LYS C 361 3.51 51.64 6.95
N VAL C 362 4.64 50.96 7.11
CA VAL C 362 5.16 50.50 8.39
C VAL C 362 6.57 51.05 8.57
N ASN C 363 6.88 51.49 9.80
CA ASN C 363 8.18 52.06 10.10
C ASN C 363 9.06 51.06 10.84
N THR C 364 10.35 51.39 10.88
CA THR C 364 11.32 50.62 11.65
C THR C 364 10.85 50.41 13.09
N GLY C 365 10.91 49.16 13.54
CA GLY C 365 10.56 48.81 14.91
C GLY C 365 9.08 48.52 15.14
N GLN C 366 8.24 48.66 14.13
CA GLN C 366 6.81 48.44 14.27
C GLN C 366 6.54 46.96 14.54
N ASP C 367 5.89 46.68 15.68
CA ASP C 367 5.50 45.31 16.00
C ASP C 367 4.28 44.91 15.17
N ILE C 368 4.33 43.68 14.67
CA ILE C 368 3.31 43.12 13.79
C ILE C 368 2.69 41.90 14.46
N MET C 369 1.37 41.82 14.44
CA MET C 369 0.66 40.60 14.86
C MET C 369 -0.14 40.11 13.67
N ILE C 370 0.17 38.91 13.20
CA ILE C 370 -0.65 38.24 12.19
C ILE C 370 -1.62 37.32 12.93
N SER C 371 -2.92 37.58 12.80
CA SER C 371 -3.93 36.75 13.45
C SER C 371 -4.30 35.60 12.51
N VAL C 372 -3.65 34.45 12.71
CA VAL C 372 -4.00 33.24 11.96
C VAL C 372 -5.43 32.82 12.26
N TYR C 373 -5.86 33.04 13.51
CA TYR C 373 -7.25 32.77 13.89
C TYR C 373 -8.22 33.59 13.02
N ASN C 374 -7.95 34.88 12.87
CA ASN C 374 -8.82 35.72 12.04
C ASN C 374 -8.84 35.22 10.59
N ILE C 375 -7.67 34.90 10.04
CA ILE C 375 -7.61 34.52 8.63
C ILE C 375 -8.38 33.23 8.41
N HIS C 376 -8.16 32.23 9.28
CA HIS C 376 -8.80 30.93 9.13
C HIS C 376 -10.32 31.01 9.28
N ARG C 377 -10.82 32.00 10.01
CA ARG C 377 -12.24 32.13 10.27
C ARG C 377 -12.88 33.36 9.63
N SER C 378 -12.16 34.07 8.77
CA SER C 378 -12.70 35.22 8.08
C SER C 378 -13.67 34.78 6.99
N SER C 379 -14.85 35.39 6.96
CA SER C 379 -15.81 35.11 5.88
C SER C 379 -15.29 35.57 4.52
N GLU C 380 -14.35 36.51 4.49
CA GLU C 380 -13.71 36.95 3.26
C GLU C 380 -12.68 35.96 2.74
N VAL C 381 -12.35 34.93 3.51
CA VAL C 381 -11.30 33.99 3.14
C VAL C 381 -11.86 32.59 2.93
N TRP C 382 -12.76 32.14 3.81
CA TRP C 382 -13.30 30.79 3.77
C TRP C 382 -14.83 30.86 3.75
N GLU C 383 -15.43 30.03 2.90
CA GLU C 383 -16.86 29.77 3.00
C GLU C 383 -17.12 28.87 4.21
N LYS C 384 -18.22 29.12 4.90
CA LYS C 384 -18.61 28.33 6.07
C LYS C 384 -17.45 28.22 7.06
N ALA C 385 -16.82 29.37 7.33
CA ALA C 385 -15.53 29.37 8.02
C ALA C 385 -15.62 28.83 9.45
N GLU C 386 -16.80 28.79 10.05
CA GLU C 386 -16.97 28.32 11.41
C GLU C 386 -17.42 26.87 11.51
N GLU C 387 -17.62 26.19 10.39
CA GLU C 387 -18.07 24.81 10.39
C GLU C 387 -16.88 23.86 10.25
N PHE C 388 -17.00 22.69 10.88
CA PHE C 388 -16.01 21.63 10.76
C PHE C 388 -16.39 20.78 9.56
N LEU C 389 -15.76 21.04 8.41
CA LEU C 389 -16.01 20.31 7.17
C LEU C 389 -14.68 19.83 6.63
N PRO C 390 -14.19 18.68 7.10
CA PRO C 390 -12.95 18.13 6.50
C PRO C 390 -13.10 17.89 5.02
N GLU C 391 -14.34 17.79 4.53
CA GLU C 391 -14.61 17.54 3.12
C GLU C 391 -14.37 18.76 2.25
N ARG C 392 -13.98 19.86 2.85
CA ARG C 392 -13.67 21.06 2.12
C ARG C 392 -12.33 20.95 1.43
N PHE C 393 -11.61 19.91 1.73
CA PHE C 393 -10.31 19.64 1.13
C PHE C 393 -10.42 18.43 0.23
N ASP C 394 -9.89 18.54 -0.98
CA ASP C 394 -9.90 17.46 -1.94
C ASP C 394 -9.13 16.26 -1.40
N ILE C 395 -9.83 15.15 -1.17
CA ILE C 395 -9.25 13.99 -0.50
C ILE C 395 -8.09 13.40 -1.27
N ASP C 396 -8.02 13.63 -2.57
CA ASP C 396 -6.93 13.15 -3.40
CA ASP C 396 -6.91 13.15 -3.37
C ASP C 396 -5.99 14.28 -3.83
N GLY C 397 -6.31 15.52 -3.46
CA GLY C 397 -5.43 16.64 -3.74
C GLY C 397 -4.27 16.71 -2.77
N ALA C 398 -3.40 17.68 -3.00
CA ALA C 398 -2.31 17.92 -2.08
C ALA C 398 -2.84 18.25 -0.69
N ILE C 399 -2.14 17.78 0.33
CA ILE C 399 -2.49 18.18 1.71
C ILE C 399 -2.43 19.70 1.80
N PRO C 400 -3.48 20.37 2.28
CA PRO C 400 -3.48 21.85 2.29
C PRO C 400 -2.35 22.42 3.13
N ASN C 401 -1.74 23.50 2.65
CA ASN C 401 -0.74 24.22 3.44
C ASN C 401 -0.73 25.68 3.00
N GLU C 402 0.25 26.43 3.48
CA GLU C 402 0.25 27.87 3.22
C GLU C 402 0.63 28.18 1.78
N THR C 403 1.41 27.30 1.15
CA THR C 403 1.86 27.50 -0.22
C THR C 403 0.74 27.21 -1.21
N ASN C 404 0.09 26.05 -1.11
CA ASN C 404 -0.90 25.70 -2.10
C ASN C 404 -2.26 26.33 -1.84
N THR C 405 -2.47 26.98 -0.69
CA THR C 405 -3.64 27.83 -0.48
C THR C 405 -3.32 29.32 -0.57
N ASP C 406 -2.06 29.69 -0.88
CA ASP C 406 -1.61 31.09 -0.94
C ASP C 406 -1.97 31.85 0.34
N PHE C 407 -1.66 31.22 1.48
CA PHE C 407 -1.73 31.79 2.82
C PHE C 407 -3.15 32.05 3.29
N LYS C 408 -4.12 31.34 2.73
CA LYS C 408 -5.45 31.32 3.33
C LYS C 408 -5.52 30.29 4.45
N PHE C 409 -4.67 29.27 4.40
CA PHE C 409 -4.51 28.26 5.44
C PHE C 409 -3.06 28.32 5.85
N ILE C 410 -2.79 28.69 7.10
CA ILE C 410 -1.41 28.81 7.59
C ILE C 410 -1.27 27.94 8.83
N PRO C 411 -1.09 26.62 8.68
CA PRO C 411 -0.99 25.75 9.87
C PRO C 411 0.38 25.74 10.52
N PHE C 412 1.43 25.95 9.72
CA PHE C 412 2.82 25.78 10.17
C PHE C 412 3.65 27.03 9.84
N SER C 413 3.03 28.21 9.86
CA SER C 413 3.66 29.47 9.47
C SER C 413 4.10 29.40 8.01
N GLY C 414 5.07 30.23 7.63
CA GLY C 414 5.54 30.21 6.25
C GLY C 414 6.74 31.11 6.12
N GLY C 415 7.28 31.15 4.91
CA GLY C 415 8.47 31.93 4.65
C GLY C 415 9.69 31.26 5.23
N PRO C 416 10.79 32.00 5.32
CA PRO C 416 12.04 31.40 5.83
C PRO C 416 11.95 30.82 7.24
N ARG C 417 11.10 31.36 8.11
CA ARG C 417 11.00 30.86 9.47
C ARG C 417 9.92 29.78 9.63
N LYS C 418 9.48 29.17 8.53
CA LYS C 418 8.44 28.15 8.61
C LYS C 418 8.84 27.03 9.57
N CYS C 419 7.84 26.46 10.23
CA CYS C 419 8.07 25.31 11.11
C CYS C 419 8.92 24.24 10.41
N VAL C 420 9.97 23.77 11.09
CA VAL C 420 10.77 22.70 10.52
C VAL C 420 10.16 21.32 10.80
N GLY C 421 9.23 21.23 11.76
CA GLY C 421 8.66 19.96 12.15
C GLY C 421 7.29 19.70 11.55
N ASP C 422 7.00 20.34 10.41
CA ASP C 422 5.64 20.28 9.87
C ASP C 422 5.28 18.88 9.40
N GLN C 423 6.22 18.17 8.77
CA GLN C 423 5.96 16.78 8.37
C GLN C 423 5.95 15.85 9.58
N PHE C 424 6.92 16.03 10.48
CA PHE C 424 6.99 15.25 11.71
C PHE C 424 5.71 15.35 12.51
N ALA C 425 5.21 16.57 12.73
CA ALA C 425 4.05 16.77 13.60
C ALA C 425 2.78 16.22 12.95
N LEU C 426 2.63 16.40 11.65
CA LEU C 426 1.48 15.81 10.97
C LEU C 426 1.50 14.30 11.08
N MET C 427 2.67 13.68 10.89
CA MET C 427 2.76 12.24 10.98
C MET C 427 2.45 11.75 12.39
N GLU C 428 2.97 12.46 13.41
CA GLU C 428 2.62 12.08 14.78
C GLU C 428 1.12 12.18 15.01
N ALA C 429 0.50 13.28 14.59
CA ALA C 429 -0.93 13.45 14.86
C ALA C 429 -1.76 12.39 14.12
N ILE C 430 -1.42 12.13 12.86
CA ILE C 430 -2.10 11.08 12.10
C ILE C 430 -1.97 9.73 12.79
N VAL C 431 -0.75 9.37 13.17
CA VAL C 431 -0.51 8.06 13.76
C VAL C 431 -1.24 7.89 15.09
N ALA C 432 -1.11 8.89 15.98
CA ALA C 432 -1.71 8.75 17.30
C ALA C 432 -3.23 8.73 17.23
N LEU C 433 -3.81 9.56 16.36
CA LEU C 433 -5.26 9.57 16.21
C LEU C 433 -5.76 8.27 15.58
N ALA C 434 -4.99 7.72 14.63
CA ALA C 434 -5.37 6.44 14.03
C ALA C 434 -5.36 5.33 15.07
N VAL C 435 -4.29 5.23 15.84
CA VAL C 435 -4.21 4.21 16.88
C VAL C 435 -5.34 4.40 17.89
N PHE C 436 -5.62 5.65 18.27
CA PHE C 436 -6.72 5.92 19.19
C PHE C 436 -8.05 5.45 18.61
N LEU C 437 -8.36 5.87 17.37
CA LEU C 437 -9.66 5.54 16.79
C LEU C 437 -9.76 4.06 16.48
N GLN C 438 -8.62 3.40 16.29
CA GLN C 438 -8.60 1.94 16.12
C GLN C 438 -9.08 1.23 17.38
N ARG C 439 -8.74 1.75 18.55
CA ARG C 439 -8.94 1.00 19.78
C ARG C 439 -10.09 1.46 20.65
N LEU C 440 -10.55 2.70 20.48
CA LEU C 440 -11.51 3.26 21.41
C LEU C 440 -12.63 3.98 20.66
N ASN C 441 -13.85 3.79 21.13
CA ASN C 441 -14.92 4.74 20.87
C ASN C 441 -14.80 5.87 21.87
N VAL C 442 -15.31 7.04 21.48
CA VAL C 442 -15.14 8.25 22.29
C VAL C 442 -16.43 9.04 22.20
N GLU C 443 -16.80 9.67 23.31
CA GLU C 443 -17.93 10.60 23.32
C GLU C 443 -17.64 11.70 24.31
N LEU C 444 -18.07 12.92 23.98
CA LEU C 444 -17.84 14.06 24.84
C LEU C 444 -18.69 13.96 26.10
N VAL C 445 -18.08 14.18 27.25
CA VAL C 445 -18.86 14.19 28.51
C VAL C 445 -19.80 15.39 28.50
N PRO C 446 -21.07 15.23 28.81
CA PRO C 446 -22.02 16.34 28.67
C PRO C 446 -21.86 17.36 29.78
N ASP C 447 -22.48 18.53 29.57
CA ASP C 447 -22.55 19.63 30.52
C ASP C 447 -21.23 20.38 30.67
N GLN C 448 -20.31 20.24 29.72
CA GLN C 448 -19.02 20.90 29.77
C GLN C 448 -19.10 22.27 29.10
N THR C 449 -18.21 23.16 29.54
CA THR C 449 -17.96 24.43 28.85
C THR C 449 -16.62 24.31 28.12
N ILE C 450 -16.67 23.96 26.84
CA ILE C 450 -15.46 23.86 26.02
C ILE C 450 -15.28 25.24 25.38
N SER C 451 -14.46 26.07 26.01
CA SER C 451 -14.09 27.38 25.50
C SER C 451 -12.57 27.42 25.30
N MET C 452 -12.11 28.49 24.66
CA MET C 452 -10.71 28.66 24.33
C MET C 452 -10.01 29.52 25.36
N THR C 453 -8.77 29.17 25.68
CA THR C 453 -7.85 30.07 26.33
C THR C 453 -6.54 30.02 25.57
N THR C 454 -6.05 31.18 25.17
CA THR C 454 -4.92 31.26 24.26
C THR C 454 -3.63 31.49 25.03
N GLY C 455 -2.57 30.88 24.55
CA GLY C 455 -1.22 31.12 25.00
C GLY C 455 -0.28 30.79 23.88
N ALA C 456 0.75 29.98 24.17
CA ALA C 456 1.55 29.41 23.10
C ALA C 456 0.67 28.60 22.14
N THR C 457 -0.39 27.99 22.67
CA THR C 457 -1.37 27.29 21.85
C THR C 457 -2.76 27.76 22.25
N ILE C 458 -3.75 27.35 21.50
CA ILE C 458 -5.13 27.47 21.95
C ILE C 458 -5.39 26.23 22.79
N HIS C 459 -5.64 26.42 24.08
CA HIS C 459 -6.01 25.26 24.87
C HIS C 459 -7.38 25.50 25.45
N THR C 460 -7.93 24.46 26.07
CA THR C 460 -9.27 24.55 26.63
C THR C 460 -9.20 25.22 28.00
N THR C 461 -10.27 25.94 28.31
CA THR C 461 -10.37 26.64 29.58
C THR C 461 -10.46 25.67 30.75
N ASN C 462 -11.22 24.58 30.60
CA ASN C 462 -11.59 23.74 31.73
C ASN C 462 -11.22 22.28 31.54
N GLY C 463 -10.46 21.94 30.51
CA GLY C 463 -10.16 20.56 30.19
C GLY C 463 -11.10 20.01 29.14
N LEU C 464 -10.73 18.87 28.58
CA LEU C 464 -11.55 18.22 27.56
C LEU C 464 -11.87 16.80 28.05
N TYR C 465 -13.02 16.66 28.70
CA TYR C 465 -13.37 15.38 29.31
C TYR C 465 -14.16 14.52 28.33
N MET C 466 -13.70 13.30 28.16
CA MET C 466 -14.30 12.33 27.26
C MET C 466 -14.64 11.07 28.02
N LYS C 467 -15.60 10.32 27.50
CA LYS C 467 -15.83 8.95 27.92
C LYS C 467 -15.30 8.02 26.83
N VAL C 468 -14.60 6.97 27.25
CA VAL C 468 -13.86 6.12 26.35
C VAL C 468 -14.30 4.68 26.57
N SER C 469 -14.31 3.87 25.50
CA SER C 469 -14.69 2.47 25.62
C SER C 469 -14.04 1.64 24.53
N GLN C 470 -13.89 0.34 24.80
CA GLN C 470 -13.17 -0.52 23.87
C GLN C 470 -14.01 -0.83 22.63
N ARG C 471 -13.35 -0.80 21.46
CA ARG C 471 -14.01 -1.22 20.22
C ARG C 471 -13.99 -2.74 20.05
N ASN D 6 13.14 17.70 -69.19
CA ASN D 6 12.82 16.63 -68.24
C ASN D 6 14.04 15.78 -67.87
N ASP D 7 14.49 15.92 -66.61
CA ASP D 7 15.62 15.12 -66.14
C ASP D 7 15.21 13.74 -65.63
N GLU D 8 13.93 13.38 -65.75
CA GLU D 8 13.37 12.07 -65.41
C GLU D 8 13.31 11.81 -63.90
N SER D 9 13.68 12.78 -63.06
CA SER D 9 13.61 12.58 -61.61
C SER D 9 12.22 12.85 -61.04
N GLY D 10 11.38 13.62 -61.71
CA GLY D 10 10.12 14.04 -61.14
C GLY D 10 10.21 15.22 -60.21
N ILE D 11 11.40 15.77 -59.99
CA ILE D 11 11.62 16.77 -58.95
C ILE D 11 11.65 18.14 -59.61
N PRO D 12 10.71 19.03 -59.30
CA PRO D 12 10.74 20.38 -59.88
C PRO D 12 11.97 21.16 -59.43
N ILE D 13 12.43 22.06 -60.29
CA ILE D 13 13.65 22.84 -60.08
C ILE D 13 13.25 24.27 -59.74
N ALA D 14 13.77 24.78 -58.62
CA ALA D 14 13.46 26.14 -58.21
C ALA D 14 14.39 27.12 -58.91
N ASN D 15 13.86 28.30 -59.22
CA ASN D 15 14.58 29.34 -59.96
C ASN D 15 15.13 30.35 -58.95
N ALA D 16 16.38 30.12 -58.53
CA ALA D 16 16.99 30.96 -57.51
C ALA D 16 17.56 32.23 -58.11
N LYS D 17 17.40 33.34 -57.40
CA LYS D 17 18.02 34.60 -57.78
C LYS D 17 19.16 34.92 -56.83
N LEU D 18 19.93 35.96 -57.18
CA LEU D 18 21.03 36.38 -56.32
C LEU D 18 20.52 36.80 -54.94
N ASP D 19 19.32 37.43 -54.88
CA ASP D 19 18.75 37.81 -53.59
C ASP D 19 18.37 36.58 -52.76
N ASP D 20 17.95 35.50 -53.42
CA ASP D 20 17.70 34.25 -52.70
C ASP D 20 18.99 33.66 -52.18
N VAL D 21 20.03 33.65 -53.01
CA VAL D 21 21.33 33.09 -52.62
C VAL D 21 21.94 33.86 -51.46
N ALA D 22 21.75 35.19 -51.42
CA ALA D 22 22.19 35.96 -50.26
C ALA D 22 21.52 35.48 -48.98
N ASP D 23 20.20 35.24 -49.02
CA ASP D 23 19.48 34.70 -47.87
C ASP D 23 20.01 33.34 -47.45
N LEU D 24 20.33 32.48 -48.42
CA LEU D 24 20.85 31.15 -48.11
C LEU D 24 22.20 31.21 -47.41
N LEU D 25 23.05 32.15 -47.80
CA LEU D 25 24.36 32.29 -47.19
C LEU D 25 24.37 33.25 -46.00
N GLY D 26 23.38 34.13 -45.87
CA GLY D 26 23.46 35.19 -44.88
C GLY D 26 22.58 35.07 -43.65
N GLY D 27 22.17 33.86 -43.29
CA GLY D 27 21.40 33.64 -42.08
C GLY D 27 19.91 33.71 -42.25
N ALA D 28 19.41 33.81 -43.49
CA ALA D 28 17.96 33.83 -43.74
C ALA D 28 17.55 32.66 -44.62
N LEU D 29 18.32 31.56 -44.53
CA LEU D 29 18.09 30.30 -45.21
C LEU D 29 16.61 29.90 -45.20
N PHE D 30 15.91 30.15 -44.09
CA PHE D 30 14.51 29.76 -43.99
C PHE D 30 13.62 30.52 -44.96
N LEU D 31 14.06 31.69 -45.43
CA LEU D 31 13.14 32.54 -46.20
C LEU D 31 12.90 31.99 -47.61
N PRO D 32 13.91 31.81 -48.46
CA PRO D 32 13.63 31.22 -49.79
C PRO D 32 13.09 29.80 -49.73
N LEU D 33 13.66 28.95 -48.85
CA LEU D 33 13.21 27.57 -48.73
C LEU D 33 11.71 27.48 -48.46
N TYR D 34 11.20 28.34 -47.57
CA TYR D 34 9.78 28.32 -47.27
C TYR D 34 8.97 28.86 -48.45
N LYS D 35 9.47 29.92 -49.09
CA LYS D 35 8.80 30.46 -50.27
C LYS D 35 8.71 29.42 -51.38
N TRP D 36 9.79 28.67 -51.59
CA TRP D 36 9.79 27.68 -52.65
C TRP D 36 8.94 26.47 -52.29
N MET D 37 8.76 26.19 -50.99
CA MET D 37 7.80 25.16 -50.60
C MET D 37 6.40 25.52 -51.06
N ASN D 38 6.00 26.77 -50.86
CA ASN D 38 4.65 27.13 -51.27
C ASN D 38 4.53 27.20 -52.79
N GLU D 39 5.63 27.50 -53.48
CA GLU D 39 5.58 27.60 -54.94
C GLU D 39 5.68 26.22 -55.60
N TYR D 40 6.61 25.39 -55.14
CA TYR D 40 6.91 24.13 -55.82
C TYR D 40 6.41 22.88 -55.10
N GLY D 41 6.18 22.94 -53.79
CA GLY D 41 5.58 21.83 -53.08
C GLY D 41 6.52 21.12 -52.13
N PRO D 42 6.24 19.84 -51.87
CA PRO D 42 6.97 19.10 -50.82
C PRO D 42 8.36 18.62 -51.23
N ILE D 43 8.75 18.77 -52.50
CA ILE D 43 10.11 18.46 -52.89
C ILE D 43 10.46 19.29 -54.12
N TYR D 44 11.64 19.91 -54.10
CA TYR D 44 12.13 20.67 -55.23
C TYR D 44 13.65 20.67 -55.18
N ARG D 45 14.27 21.14 -56.28
CA ARG D 45 15.72 21.10 -56.42
C ARG D 45 16.27 22.51 -56.43
N LEU D 46 17.38 22.68 -55.72
CA LEU D 46 18.10 23.94 -55.68
C LEU D 46 19.49 23.67 -56.25
N ALA D 47 19.78 24.25 -57.40
CA ALA D 47 21.05 24.04 -58.09
C ALA D 47 21.68 25.40 -58.33
N ALA D 48 22.53 25.83 -57.41
CA ALA D 48 23.20 27.13 -57.48
C ALA D 48 24.69 26.89 -57.48
N GLY D 49 25.34 27.14 -58.63
CA GLY D 49 26.77 27.00 -58.75
C GLY D 49 27.27 25.59 -58.52
N PRO D 50 28.14 25.41 -57.53
CA PRO D 50 28.66 24.07 -57.24
C PRO D 50 27.67 23.20 -56.47
N ARG D 51 26.61 23.78 -55.93
CA ARG D 51 25.70 23.05 -55.05
C ARG D 51 24.52 22.49 -55.84
N ASN D 52 24.03 21.34 -55.37
CA ASN D 52 22.88 20.68 -55.97
C ASN D 52 22.16 19.96 -54.82
N PHE D 53 21.07 20.55 -54.33
CA PHE D 53 20.32 20.03 -53.21
C PHE D 53 18.89 19.69 -53.62
N VAL D 54 18.44 18.53 -53.18
CA VAL D 54 17.02 18.20 -53.20
C VAL D 54 16.46 18.63 -51.86
N ILE D 55 15.50 19.57 -51.86
CA ILE D 55 14.93 20.13 -50.65
C ILE D 55 13.64 19.40 -50.32
N VAL D 56 13.56 18.84 -49.12
CA VAL D 56 12.44 18.00 -48.68
C VAL D 56 11.66 18.75 -47.60
N SER D 57 10.35 18.95 -47.83
CA SER D 57 9.46 19.65 -46.90
C SER D 57 8.24 18.80 -46.56
N ASP D 58 8.41 17.49 -46.48
CA ASP D 58 7.27 16.59 -46.42
C ASP D 58 7.58 15.48 -45.41
N PRO D 59 6.71 15.25 -44.44
CA PRO D 59 6.99 14.23 -43.41
C PRO D 59 7.31 12.86 -43.99
N ALA D 60 6.52 12.39 -44.95
CA ALA D 60 6.73 11.04 -45.47
C ALA D 60 8.11 10.88 -46.08
N ILE D 61 8.53 11.85 -46.91
CA ILE D 61 9.86 11.77 -47.50
C ILE D 61 10.94 11.92 -46.43
N ALA D 62 10.71 12.81 -45.46
CA ALA D 62 11.69 13.01 -44.38
C ALA D 62 11.89 11.71 -43.59
N LYS D 63 10.79 11.09 -43.22
CA LYS D 63 10.85 9.78 -42.55
C LYS D 63 11.67 8.78 -43.37
N HIS D 64 11.39 8.70 -44.68
CA HIS D 64 12.13 7.77 -45.53
C HIS D 64 13.62 8.06 -45.50
N VAL D 65 14.00 9.34 -45.66
CA VAL D 65 15.43 9.69 -45.68
C VAL D 65 16.09 9.40 -44.32
N LEU D 66 15.46 9.84 -43.23
CA LEU D 66 16.10 9.71 -41.91
C LEU D 66 16.16 8.25 -41.47
N ARG D 67 15.11 7.48 -41.71
CA ARG D 67 15.14 6.10 -41.26
C ARG D 67 16.08 5.23 -42.10
N ASN D 68 16.34 5.60 -43.35
CA ASN D 68 17.19 4.80 -44.23
C ASN D 68 18.65 5.29 -44.16
N TYR D 69 19.23 5.07 -42.98
CA TYR D 69 20.67 5.23 -42.75
C TYR D 69 21.28 3.84 -42.65
N PRO D 70 22.40 3.55 -43.34
CA PRO D 70 23.24 4.53 -44.04
C PRO D 70 22.98 4.75 -45.53
N LYS D 71 21.86 4.26 -46.08
CA LYS D 71 21.57 4.57 -47.48
C LYS D 71 21.67 6.07 -47.72
N TYR D 72 21.16 6.86 -46.78
CA TYR D 72 21.37 8.30 -46.74
C TYR D 72 22.37 8.58 -45.63
N ALA D 73 23.58 9.00 -46.00
CA ALA D 73 24.70 9.21 -45.10
C ALA D 73 24.80 10.69 -44.71
N LYS D 74 25.75 11.00 -43.81
CA LYS D 74 25.82 12.33 -43.20
C LYS D 74 26.18 13.41 -44.22
N GLY D 75 26.99 13.07 -45.21
CA GLY D 75 27.25 14.01 -46.30
C GLY D 75 28.08 15.22 -45.89
N LEU D 76 27.63 16.38 -46.34
CA LEU D 76 28.40 17.61 -46.19
C LEU D 76 28.63 17.98 -44.73
N VAL D 77 27.71 17.61 -43.85
CA VAL D 77 27.85 18.00 -42.44
C VAL D 77 29.13 17.43 -41.86
N ALA D 78 29.41 16.15 -42.11
CA ALA D 78 30.65 15.55 -41.63
C ALA D 78 31.88 16.27 -42.17
N GLU D 79 31.77 16.92 -43.34
CA GLU D 79 32.96 17.46 -43.97
C GLU D 79 33.31 18.85 -43.44
N VAL D 80 32.32 19.69 -43.18
CA VAL D 80 32.63 21.06 -42.78
C VAL D 80 33.05 21.15 -41.31
N SER D 81 32.75 20.15 -40.48
CA SER D 81 33.04 20.23 -39.06
C SER D 81 34.17 19.28 -38.62
N GLU D 82 34.78 18.55 -39.56
CA GLU D 82 35.84 17.60 -39.21
C GLU D 82 37.03 18.29 -38.53
N PHE D 83 37.22 19.60 -38.74
CA PHE D 83 38.33 20.32 -38.12
C PHE D 83 38.18 20.43 -36.61
N LEU D 84 36.95 20.30 -36.09
CA LEU D 84 36.64 20.46 -34.68
C LEU D 84 36.37 19.13 -33.99
N PHE D 85 35.62 18.24 -34.64
CA PHE D 85 35.20 16.97 -34.09
C PHE D 85 36.15 15.83 -34.42
N GLY D 86 37.06 16.01 -35.35
CA GLY D 86 37.93 14.90 -35.75
C GLY D 86 37.07 13.74 -36.20
N SER D 87 37.23 12.60 -35.53
CA SER D 87 36.43 11.42 -35.80
C SER D 87 35.43 11.14 -34.68
N GLY D 88 35.03 12.18 -33.94
CA GLY D 88 34.02 12.01 -32.92
C GLY D 88 32.69 11.54 -33.51
N PHE D 89 31.99 10.68 -32.76
CA PHE D 89 30.96 9.86 -33.38
C PHE D 89 29.76 10.65 -33.91
N ALA D 90 29.61 11.92 -33.56
CA ALA D 90 28.49 12.68 -34.10
C ALA D 90 28.64 12.93 -35.60
N ILE D 91 29.86 12.81 -36.15
CA ILE D 91 30.07 12.93 -37.59
C ILE D 91 30.80 11.72 -38.17
N ALA D 92 31.24 10.78 -37.35
CA ALA D 92 31.84 9.56 -37.86
C ALA D 92 30.77 8.66 -38.46
N GLU D 93 31.22 7.75 -39.34
CA GLU D 93 30.33 6.82 -40.01
C GLU D 93 30.92 5.42 -39.95
N GLY D 94 30.12 4.45 -40.35
CA GLY D 94 30.57 3.08 -40.43
C GLY D 94 30.76 2.41 -39.08
N PRO D 95 31.58 1.35 -39.06
CA PRO D 95 31.75 0.58 -37.81
C PRO D 95 32.24 1.42 -36.65
N LEU D 96 33.06 2.44 -36.90
CA LEU D 96 33.51 3.31 -35.84
C LEU D 96 32.33 4.00 -35.17
N TRP D 97 31.42 4.56 -35.99
CA TRP D 97 30.22 5.20 -35.45
C TRP D 97 29.37 4.22 -34.66
N THR D 98 29.04 3.08 -35.26
CA THR D 98 28.31 2.02 -34.58
C THR D 98 28.88 1.75 -33.21
N ALA D 99 30.19 1.51 -33.15
CA ALA D 99 30.82 1.13 -31.89
C ALA D 99 30.83 2.28 -30.89
N ARG D 100 31.09 3.51 -31.35
CA ARG D 100 31.19 4.58 -30.36
C ARG D 100 29.81 5.01 -29.88
N ARG D 101 28.80 5.01 -30.75
CA ARG D 101 27.45 5.29 -30.30
C ARG D 101 26.98 4.24 -29.29
N ARG D 102 27.24 2.96 -29.57
CA ARG D 102 26.80 1.91 -28.64
C ARG D 102 27.48 2.02 -27.29
N ALA D 103 28.68 2.60 -27.25
CA ALA D 103 29.36 2.83 -25.99
C ALA D 103 28.80 4.03 -25.23
N VAL D 104 28.37 5.08 -25.96
CA VAL D 104 28.00 6.32 -25.30
C VAL D 104 26.56 6.29 -24.81
N VAL D 105 25.67 5.64 -25.56
CA VAL D 105 24.25 5.63 -25.19
C VAL D 105 24.01 5.07 -23.79
N PRO D 106 24.65 3.98 -23.34
CA PRO D 106 24.40 3.52 -21.97
C PRO D 106 24.81 4.50 -20.90
N SER D 107 25.65 5.50 -21.22
CA SER D 107 26.02 6.50 -20.23
C SER D 107 24.86 7.42 -19.87
N LEU D 108 23.85 7.52 -20.71
CA LEU D 108 22.72 8.42 -20.47
C LEU D 108 21.58 7.70 -19.77
N HIS D 109 21.85 6.91 -18.73
CA HIS D 109 20.81 6.07 -18.15
C HIS D 109 20.05 6.80 -17.04
N ARG D 110 18.99 6.15 -16.56
CA ARG D 110 18.03 6.80 -15.65
C ARG D 110 18.71 7.30 -14.38
N ARG D 111 19.59 6.49 -13.78
CA ARG D 111 20.21 6.87 -12.51
C ARG D 111 21.15 8.07 -12.69
N TYR D 112 21.92 8.08 -13.79
CA TYR D 112 22.75 9.24 -14.11
C TYR D 112 21.90 10.50 -14.26
N LEU D 113 20.82 10.42 -15.06
CA LEU D 113 19.97 11.60 -15.24
C LEU D 113 19.43 12.11 -13.92
N SER D 114 19.01 11.20 -13.03
CA SER D 114 18.50 11.62 -11.73
C SER D 114 19.52 12.44 -10.96
N VAL D 115 20.76 11.93 -10.87
CA VAL D 115 21.83 12.68 -10.22
C VAL D 115 22.04 14.03 -10.90
N ILE D 116 22.06 14.04 -12.23
CA ILE D 116 22.33 15.27 -12.98
C ILE D 116 21.24 16.30 -12.76
N VAL D 117 19.97 15.85 -12.65
CA VAL D 117 18.86 16.77 -12.40
C VAL D 117 19.09 17.55 -11.11
N GLU D 118 19.48 16.84 -10.04
CA GLU D 118 19.65 17.49 -8.75
C GLU D 118 20.89 18.37 -8.73
N ARG D 119 22.05 17.81 -9.12
CA ARG D 119 23.34 18.41 -8.86
C ARG D 119 23.90 19.24 -10.01
N VAL D 120 23.28 19.22 -11.20
CA VAL D 120 23.75 20.03 -12.32
C VAL D 120 22.65 20.95 -12.84
N PHE D 121 21.54 20.37 -13.32
CA PHE D 121 20.44 21.16 -13.88
C PHE D 121 19.92 22.20 -12.88
N CYS D 122 19.47 21.74 -11.71
CA CYS D 122 18.97 22.65 -10.67
C CYS D 122 20.03 23.66 -10.26
N LYS D 123 21.26 23.19 -10.02
CA LYS D 123 22.35 24.06 -9.56
C LYS D 123 22.63 25.16 -10.57
N CYS D 124 22.77 24.81 -11.85
CA CYS D 124 23.02 25.84 -12.86
C CYS D 124 21.81 26.75 -13.05
N ALA D 125 20.60 26.20 -12.97
CA ALA D 125 19.41 27.04 -13.09
C ALA D 125 19.33 28.03 -11.93
N GLU D 126 19.63 27.58 -10.71
CA GLU D 126 19.62 28.49 -9.57
C GLU D 126 20.72 29.54 -9.72
N ARG D 127 21.88 29.16 -10.25
CA ARG D 127 22.92 30.15 -10.49
C ARG D 127 22.47 31.16 -11.54
N LEU D 128 21.77 30.70 -12.58
CA LEU D 128 21.19 31.66 -13.52
C LEU D 128 20.26 32.63 -12.80
N VAL D 129 19.44 32.13 -11.87
CA VAL D 129 18.52 33.04 -11.18
C VAL D 129 19.29 34.00 -10.27
N GLU D 130 20.41 33.56 -9.68
CA GLU D 130 21.27 34.47 -8.94
C GLU D 130 21.76 35.61 -9.83
N LYS D 131 22.28 35.27 -11.02
CA LYS D 131 22.80 36.28 -11.91
C LYS D 131 21.75 37.27 -12.36
N LEU D 132 20.47 36.90 -12.34
CA LEU D 132 19.43 37.85 -12.71
C LEU D 132 18.98 38.70 -11.53
N GLN D 133 19.44 38.42 -10.32
CA GLN D 133 18.98 39.18 -9.17
C GLN D 133 19.28 40.67 -9.28
N PRO D 134 20.47 41.11 -9.74
CA PRO D 134 20.65 42.56 -9.97
C PRO D 134 19.63 43.17 -10.93
N TYR D 135 19.24 42.44 -11.98
CA TYR D 135 18.24 42.97 -12.90
C TYR D 135 16.87 43.00 -12.27
N ALA D 136 16.54 41.98 -11.45
CA ALA D 136 15.28 42.03 -10.73
C ALA D 136 15.22 43.26 -9.84
N GLU D 137 16.37 43.71 -9.34
CA GLU D 137 16.38 44.80 -8.36
C GLU D 137 16.34 46.18 -9.01
N ASP D 138 17.10 46.40 -10.09
CA ASP D 138 17.14 47.72 -10.74
C ASP D 138 16.18 47.87 -11.91
N GLY D 139 15.45 46.82 -12.28
CA GLY D 139 14.50 46.91 -13.38
C GLY D 139 15.11 47.07 -14.76
N SER D 140 16.40 46.86 -14.91
CA SER D 140 17.07 46.97 -16.20
C SER D 140 16.85 45.71 -17.03
N ALA D 141 17.11 45.82 -18.33
CA ALA D 141 16.89 44.72 -19.27
C ALA D 141 18.09 43.77 -19.30
N VAL D 142 17.81 42.48 -19.50
CA VAL D 142 18.85 41.48 -19.61
C VAL D 142 18.60 40.66 -20.87
N ASN D 143 19.67 40.30 -21.58
CA ASN D 143 19.57 39.49 -22.78
C ASN D 143 19.54 38.03 -22.35
N MET D 144 18.34 37.45 -22.32
CA MET D 144 18.19 36.08 -21.87
C MET D 144 18.79 35.07 -22.83
N GLU D 145 18.92 35.42 -24.12
CA GLU D 145 19.58 34.52 -25.06
C GLU D 145 21.02 34.27 -24.66
N ALA D 146 21.72 35.34 -24.27
CA ALA D 146 23.10 35.19 -23.80
C ALA D 146 23.14 34.38 -22.51
N LYS D 147 22.27 34.72 -21.55
CA LYS D 147 22.22 34.00 -20.27
C LYS D 147 21.96 32.51 -20.51
N PHE D 148 20.95 32.21 -21.34
CA PHE D 148 20.64 30.81 -21.61
C PHE D 148 21.81 30.10 -22.25
N SER D 149 22.55 30.81 -23.12
CA SER D 149 23.71 30.18 -23.75
C SER D 149 24.79 29.85 -22.72
N GLN D 150 25.00 30.76 -21.76
CA GLN D 150 25.96 30.51 -20.68
C GLN D 150 25.55 29.33 -19.80
N MET D 151 24.28 29.33 -19.36
CA MET D 151 23.82 28.24 -18.49
C MET D 151 23.95 26.88 -19.16
N THR D 152 23.56 26.76 -20.45
CA THR D 152 23.60 25.43 -21.08
C THR D 152 25.03 24.99 -21.35
N LEU D 153 25.95 25.93 -21.57
CA LEU D 153 27.35 25.56 -21.67
C LEU D 153 27.86 25.01 -20.35
N ASP D 154 27.60 25.73 -19.26
CA ASP D 154 28.02 25.25 -17.94
C ASP D 154 27.42 23.89 -17.62
N VAL D 155 26.13 23.69 -17.93
CA VAL D 155 25.48 22.40 -17.69
C VAL D 155 26.21 21.29 -18.42
N ILE D 156 26.48 21.48 -19.72
CA ILE D 156 27.00 20.35 -20.49
C ILE D 156 28.43 20.05 -20.07
N GLY D 157 29.20 21.07 -19.69
CA GLY D 157 30.56 20.81 -19.22
C GLY D 157 30.59 19.98 -17.94
N LEU D 158 29.74 20.34 -16.97
CA LEU D 158 29.63 19.57 -15.74
C LEU D 158 29.12 18.16 -16.01
N SER D 159 28.14 18.02 -16.92
CA SER D 159 27.58 16.71 -17.21
C SER D 159 28.58 15.79 -17.89
N LEU D 160 29.45 16.34 -18.75
CA LEU D 160 30.41 15.51 -19.47
C LEU D 160 31.68 15.26 -18.68
N PHE D 161 32.24 16.30 -18.04
CA PHE D 161 33.56 16.22 -17.43
C PHE D 161 33.59 16.49 -15.93
N ASN D 162 32.47 16.86 -15.32
CA ASN D 162 32.46 17.31 -13.92
C ASN D 162 33.35 18.54 -13.75
N TYR D 163 33.38 19.39 -14.76
CA TYR D 163 34.14 20.63 -14.78
C TYR D 163 33.23 21.78 -15.15
N ASN D 164 33.38 22.92 -14.48
CA ASN D 164 32.47 24.04 -14.69
C ASN D 164 33.18 25.16 -15.45
N PHE D 165 32.80 25.34 -16.72
CA PHE D 165 33.22 26.51 -17.47
C PHE D 165 32.91 27.79 -16.72
N ASP D 166 31.85 27.79 -15.93
CA ASP D 166 31.42 28.94 -15.12
C ASP D 166 31.21 30.19 -15.99
N SER D 167 30.74 29.99 -17.21
CA SER D 167 30.46 31.12 -18.10
C SER D 167 29.31 31.95 -17.60
N LEU D 168 28.48 31.40 -16.70
CA LEU D 168 27.47 32.22 -16.06
C LEU D 168 28.11 33.30 -15.19
N THR D 169 29.32 33.06 -14.69
CA THR D 169 30.01 34.02 -13.82
C THR D 169 30.87 34.98 -14.64
N THR D 170 31.81 34.44 -15.42
CA THR D 170 32.74 35.26 -16.16
C THR D 170 33.26 34.50 -17.37
N ASP D 171 33.73 35.25 -18.36
CA ASP D 171 34.37 34.72 -19.54
C ASP D 171 35.72 34.09 -19.19
N SER D 172 36.32 33.44 -20.17
CA SER D 172 37.62 32.79 -19.99
C SER D 172 38.18 32.46 -21.36
N PRO D 173 39.49 32.19 -21.46
CA PRO D 173 40.05 31.86 -22.78
C PRO D 173 39.45 30.62 -23.41
N VAL D 174 39.23 29.55 -22.63
CA VAL D 174 38.64 28.36 -23.23
C VAL D 174 37.19 28.62 -23.64
N ILE D 175 36.46 29.44 -22.88
CA ILE D 175 35.09 29.74 -23.26
C ILE D 175 35.05 30.50 -24.57
N GLU D 176 35.93 31.50 -24.73
CA GLU D 176 36.03 32.19 -26.00
C GLU D 176 36.46 31.25 -27.12
N ALA D 177 37.29 30.25 -26.80
CA ALA D 177 37.70 29.26 -27.80
C ALA D 177 36.51 28.50 -28.35
N VAL D 178 35.62 28.03 -27.47
CA VAL D 178 34.42 27.33 -27.91
C VAL D 178 33.65 28.16 -28.92
N TYR D 179 33.39 29.43 -28.60
CA TYR D 179 32.58 30.25 -29.50
C TYR D 179 33.30 30.57 -30.80
N THR D 180 34.63 30.67 -30.78
CA THR D 180 35.37 30.82 -32.03
C THR D 180 35.23 29.57 -32.90
N ALA D 181 35.39 28.39 -32.30
CA ALA D 181 35.22 27.15 -33.04
C ALA D 181 33.82 27.05 -33.65
N LEU D 182 32.79 27.41 -32.89
CA LEU D 182 31.42 27.34 -33.40
C LEU D 182 31.24 28.27 -34.59
N LYS D 183 31.83 29.47 -34.51
CA LYS D 183 31.73 30.42 -35.61
C LYS D 183 32.49 29.91 -36.83
N GLU D 184 33.67 29.34 -36.63
CA GLU D 184 34.43 28.79 -37.75
C GLU D 184 33.63 27.69 -38.45
N ALA D 185 33.06 26.76 -37.67
CA ALA D 185 32.22 25.71 -38.26
C ALA D 185 31.09 26.31 -39.08
N GLU D 186 30.42 27.32 -38.54
CA GLU D 186 29.33 27.97 -39.26
C GLU D 186 29.83 28.60 -40.55
N LEU D 187 31.00 29.26 -40.52
CA LEU D 187 31.49 29.92 -41.73
C LEU D 187 31.84 28.91 -42.81
N ARG D 188 32.48 27.80 -42.43
CA ARG D 188 32.86 26.79 -43.41
C ARG D 188 31.67 26.25 -44.18
N SER D 189 30.49 26.25 -43.57
CA SER D 189 29.30 25.75 -44.26
C SER D 189 28.74 26.74 -45.27
N THR D 190 29.23 27.98 -45.28
CA THR D 190 28.75 28.99 -46.21
C THR D 190 29.86 29.59 -47.07
N ASP D 191 31.12 29.22 -46.84
CA ASP D 191 32.21 29.70 -47.66
C ASP D 191 31.91 29.43 -49.12
N LEU D 192 32.05 30.46 -49.96
CA LEU D 192 31.92 30.25 -51.39
C LEU D 192 32.92 29.21 -51.88
N LEU D 193 34.18 29.34 -51.46
CA LEU D 193 35.22 28.38 -51.83
C LEU D 193 35.89 27.83 -50.58
N PRO D 194 35.95 26.50 -50.42
CA PRO D 194 36.60 25.92 -49.23
C PRO D 194 38.11 26.09 -49.23
N TYR D 195 38.59 27.33 -49.07
CA TYR D 195 40.02 27.58 -49.12
C TYR D 195 40.76 26.92 -47.96
N TRP D 196 40.07 26.68 -46.84
CA TRP D 196 40.70 26.06 -45.67
C TRP D 196 41.15 24.62 -45.93
N LYS D 197 40.76 24.02 -47.06
CA LYS D 197 41.29 22.70 -47.36
C LYS D 197 42.75 22.75 -47.79
N ILE D 198 43.26 23.95 -48.11
CA ILE D 198 44.67 24.13 -48.45
C ILE D 198 45.43 24.51 -47.19
N ASP D 199 46.42 23.67 -46.81
CA ASP D 199 47.03 23.80 -45.49
C ASP D 199 47.85 25.09 -45.36
N ALA D 200 48.57 25.48 -46.41
CA ALA D 200 49.36 26.70 -46.31
C ALA D 200 48.47 27.91 -46.10
N LEU D 201 47.30 27.94 -46.76
CA LEU D 201 46.35 29.03 -46.55
C LEU D 201 45.85 29.08 -45.11
N CYS D 202 45.68 27.93 -44.48
CA CYS D 202 45.31 27.91 -43.08
C CYS D 202 46.39 28.50 -42.17
N LYS D 203 47.64 28.53 -42.63
CA LYS D 203 48.71 29.09 -41.83
C LYS D 203 48.88 30.60 -41.95
N ILE D 204 48.24 31.23 -42.94
CA ILE D 204 48.44 32.65 -43.18
C ILE D 204 47.16 33.48 -43.09
N VAL D 205 45.98 32.88 -43.21
CA VAL D 205 44.75 33.65 -43.17
C VAL D 205 44.38 33.88 -41.70
N PRO D 206 44.24 35.13 -41.26
CA PRO D 206 43.99 35.39 -39.82
C PRO D 206 42.85 34.58 -39.23
N ARG D 207 41.71 34.52 -39.93
CA ARG D 207 40.56 33.75 -39.41
C ARG D 207 40.92 32.28 -39.17
N GLN D 208 41.77 31.71 -40.02
CA GLN D 208 42.17 30.31 -39.87
C GLN D 208 43.25 30.12 -38.80
N VAL D 209 44.14 31.11 -38.63
CA VAL D 209 45.09 31.03 -37.53
C VAL D 209 44.36 31.07 -36.20
N LYS D 210 43.37 31.97 -36.08
CA LYS D 210 42.62 32.11 -34.83
C LYS D 210 41.77 30.88 -34.54
N ALA D 211 41.12 30.33 -35.58
CA ALA D 211 40.30 29.15 -35.37
C ALA D 211 41.16 27.99 -34.92
N GLU D 212 42.37 27.90 -35.46
CA GLU D 212 43.21 26.78 -35.13
C GLU D 212 43.71 26.88 -33.70
N LYS D 213 44.01 28.08 -33.20
CA LYS D 213 44.38 28.23 -31.78
C LYS D 213 43.22 27.90 -30.86
N ALA D 214 41.98 28.28 -31.25
CA ALA D 214 40.81 27.97 -30.44
C ALA D 214 40.56 26.47 -30.37
N VAL D 215 40.70 25.76 -31.49
CA VAL D 215 40.48 24.32 -31.51
C VAL D 215 41.52 23.61 -30.64
N THR D 216 42.77 24.04 -30.71
CA THR D 216 43.83 23.37 -29.96
C THR D 216 43.65 23.59 -28.46
N LEU D 217 43.27 24.80 -28.04
CA LEU D 217 43.00 25.06 -26.63
C LEU D 217 41.87 24.18 -26.11
N ILE D 218 40.78 24.07 -26.88
CA ILE D 218 39.67 23.19 -26.49
C ILE D 218 40.17 21.76 -26.36
N ARG D 219 40.89 21.27 -27.38
CA ARG D 219 41.34 19.87 -27.36
C ARG D 219 42.27 19.60 -26.19
N GLU D 220 43.16 20.55 -25.88
CA GLU D 220 44.07 20.36 -24.77
C GLU D 220 43.31 20.34 -23.45
N THR D 221 42.37 21.27 -23.28
CA THR D 221 41.55 21.29 -22.05
C THR D 221 40.85 19.95 -21.85
N VAL D 222 40.25 19.43 -22.92
CA VAL D 222 39.57 18.14 -22.84
C VAL D 222 40.57 17.01 -22.63
N GLU D 223 41.73 17.08 -23.31
CA GLU D 223 42.75 16.07 -23.09
C GLU D 223 43.24 16.06 -21.65
N ASP D 224 43.39 17.24 -21.07
CA ASP D 224 43.81 17.33 -19.67
C ASP D 224 42.80 16.69 -18.74
N LEU D 225 41.51 17.02 -18.93
CA LEU D 225 40.46 16.43 -18.11
C LEU D 225 40.43 14.91 -18.24
N ILE D 226 40.66 14.40 -19.46
CA ILE D 226 40.64 12.95 -19.66
C ILE D 226 41.80 12.29 -18.96
N ALA D 227 42.99 12.90 -19.04
CA ALA D 227 44.17 12.32 -18.40
C ALA D 227 43.99 12.30 -16.88
N LYS D 228 43.53 13.41 -16.29
CA LYS D 228 43.31 13.47 -14.86
C LYS D 228 42.35 12.39 -14.40
N CYS D 229 41.15 12.34 -14.98
CA CYS D 229 40.16 11.34 -14.59
C CYS D 229 40.69 9.93 -14.80
N LYS D 230 41.39 9.69 -15.91
CA LYS D 230 41.94 8.36 -16.16
C LYS D 230 42.94 7.96 -15.08
N GLU D 231 43.75 8.93 -14.60
CA GLU D 231 44.71 8.64 -13.55
C GLU D 231 44.00 8.20 -12.27
N ILE D 232 42.85 8.82 -11.96
CA ILE D 232 42.10 8.47 -10.75
C ILE D 232 41.45 7.09 -10.90
N VAL D 233 40.86 6.80 -12.06
CA VAL D 233 40.20 5.51 -12.27
C VAL D 233 41.21 4.38 -12.15
N GLU D 234 42.39 4.54 -12.75
CA GLU D 234 43.40 3.50 -12.68
C GLU D 234 43.91 3.32 -11.26
N ARG D 235 44.21 4.42 -10.58
CA ARG D 235 44.82 4.35 -9.26
C ARG D 235 43.86 3.84 -8.19
N GLU D 236 42.56 4.00 -8.38
CA GLU D 236 41.57 3.56 -7.41
C GLU D 236 41.01 2.17 -7.70
N GLY D 237 41.42 1.54 -8.81
CA GLY D 237 40.86 0.25 -9.18
C GLY D 237 39.39 0.29 -9.50
N GLU D 238 38.90 1.40 -10.04
CA GLU D 238 37.47 1.61 -10.26
C GLU D 238 36.97 0.81 -11.46
N ARG D 239 35.80 0.20 -11.31
CA ARG D 239 35.22 -0.64 -12.35
C ARG D 239 33.70 -0.58 -12.28
N ILE D 240 33.07 -0.95 -13.39
CA ILE D 240 31.62 -1.04 -13.48
C ILE D 240 31.23 -2.46 -13.09
N ASN D 241 30.64 -2.58 -11.91
CA ASN D 241 30.06 -3.83 -11.43
C ASN D 241 28.54 -3.83 -11.44
N ASP D 242 27.92 -2.67 -11.62
CA ASP D 242 26.48 -2.55 -11.63
C ASP D 242 26.01 -2.23 -13.03
N GLU D 243 24.72 -2.43 -13.27
CA GLU D 243 24.05 -1.68 -14.31
C GLU D 243 23.64 -0.34 -13.71
N GLU D 244 23.63 0.70 -14.55
CA GLU D 244 23.26 2.06 -14.13
C GLU D 244 24.33 2.68 -13.24
N TYR D 245 25.59 2.60 -13.66
CA TYR D 245 26.69 3.04 -12.79
C TYR D 245 26.73 4.54 -12.68
N VAL D 246 26.79 5.05 -11.45
CA VAL D 246 27.05 6.46 -11.20
C VAL D 246 28.09 6.56 -10.10
N ASN D 247 29.17 7.28 -10.38
CA ASN D 247 30.18 7.57 -9.38
C ASN D 247 29.74 8.80 -8.60
N ASP D 248 29.55 8.65 -7.29
CA ASP D 248 28.97 9.74 -6.51
C ASP D 248 29.92 10.93 -6.42
N ALA D 249 31.23 10.70 -6.44
CA ALA D 249 32.18 11.80 -6.37
C ALA D 249 32.37 12.49 -7.73
N ASP D 250 32.13 11.77 -8.83
CA ASP D 250 32.36 12.26 -10.18
C ASP D 250 31.25 11.73 -11.07
N PRO D 251 30.06 12.36 -11.05
CA PRO D 251 28.92 11.84 -11.83
C PRO D 251 28.91 12.38 -13.26
N SER D 252 29.90 11.97 -14.06
CA SER D 252 30.06 12.48 -15.41
C SER D 252 30.12 11.33 -16.39
N ILE D 253 29.79 11.65 -17.64
CA ILE D 253 29.84 10.66 -18.72
C ILE D 253 31.27 10.17 -18.94
N LEU D 254 32.24 11.07 -18.84
CA LEU D 254 33.64 10.69 -18.93
C LEU D 254 33.97 9.61 -17.91
N ARG D 255 33.66 9.87 -16.64
CA ARG D 255 33.90 8.89 -15.59
C ARG D 255 33.22 7.56 -15.89
N PHE D 256 31.96 7.61 -16.36
CA PHE D 256 31.25 6.38 -16.70
C PHE D 256 31.97 5.61 -17.80
N LEU D 257 32.43 6.32 -18.85
CA LEU D 257 33.06 5.63 -19.97
C LEU D 257 34.45 5.12 -19.60
N LEU D 258 35.21 5.88 -18.80
CA LEU D 258 36.49 5.38 -18.32
C LEU D 258 36.30 4.19 -17.37
N ALA D 259 35.29 4.24 -16.51
CA ALA D 259 35.05 3.13 -15.59
C ALA D 259 34.54 1.90 -16.33
N SER D 260 33.94 2.09 -17.51
CA SER D 260 33.51 0.95 -18.32
C SER D 260 34.71 0.12 -18.77
N ARG D 261 35.89 0.74 -18.87
CA ARG D 261 37.12 0.07 -19.28
C ARG D 261 37.04 -0.51 -20.69
N GLU D 262 36.26 0.12 -21.56
CA GLU D 262 36.20 -0.31 -22.95
C GLU D 262 37.36 0.28 -23.74
N GLU D 263 37.96 -0.54 -24.60
CA GLU D 263 39.10 -0.13 -25.42
C GLU D 263 38.76 1.06 -26.31
N VAL D 264 39.36 2.21 -26.03
CA VAL D 264 39.22 3.38 -26.88
C VAL D 264 40.50 4.20 -26.76
N SER D 265 40.95 4.75 -27.89
CA SER D 265 42.09 5.64 -27.88
C SER D 265 41.73 6.93 -27.16
N SER D 266 42.74 7.57 -26.56
CA SER D 266 42.51 8.84 -25.88
C SER D 266 41.99 9.91 -26.84
N VAL D 267 42.39 9.85 -28.11
CA VAL D 267 41.95 10.87 -29.07
C VAL D 267 40.51 10.63 -29.51
N GLN D 268 40.12 9.37 -29.74
CA GLN D 268 38.75 9.09 -30.10
C GLN D 268 37.80 9.48 -28.97
N LEU D 269 38.18 9.20 -27.73
CA LEU D 269 37.36 9.60 -26.59
C LEU D 269 37.29 11.12 -26.47
N ARG D 270 38.40 11.82 -26.71
CA ARG D 270 38.38 13.27 -26.74
C ARG D 270 37.42 13.78 -27.81
N ASP D 271 37.49 13.20 -29.02
CA ASP D 271 36.62 13.64 -30.11
C ASP D 271 35.15 13.34 -29.81
N ASP D 272 34.85 12.17 -29.25
CA ASP D 272 33.48 11.83 -28.88
C ASP D 272 32.89 12.87 -27.95
N LEU D 273 33.57 13.16 -26.85
CA LEU D 273 33.05 14.09 -25.86
C LEU D 273 33.02 15.52 -26.40
N LEU D 274 33.99 15.88 -27.24
CA LEU D 274 33.95 17.20 -27.85
C LEU D 274 32.72 17.36 -28.72
N SER D 275 32.32 16.30 -29.42
CA SER D 275 31.13 16.41 -30.25
C SER D 275 29.87 16.44 -29.39
N MET D 276 29.88 15.79 -28.23
CA MET D 276 28.76 15.93 -27.31
C MET D 276 28.72 17.32 -26.68
N LEU D 277 29.89 17.92 -26.46
CA LEU D 277 29.94 19.27 -25.91
C LEU D 277 29.26 20.26 -26.85
N VAL D 278 29.53 20.16 -28.14
CA VAL D 278 28.90 21.06 -29.09
C VAL D 278 27.43 20.69 -29.30
N ALA D 279 27.15 19.39 -29.43
CA ALA D 279 25.79 18.95 -29.71
C ALA D 279 24.82 19.37 -28.61
N GLY D 280 25.27 19.44 -27.36
CA GLY D 280 24.39 19.73 -26.24
C GLY D 280 24.30 21.16 -25.74
N HIS D 281 25.14 22.05 -26.28
CA HIS D 281 25.22 23.43 -25.79
C HIS D 281 24.24 24.38 -26.48
N GLU D 282 24.56 24.80 -27.72
CA GLU D 282 23.79 25.86 -28.36
C GLU D 282 22.33 25.47 -28.58
N THR D 283 22.08 24.21 -28.96
CA THR D 283 20.70 23.77 -29.20
C THR D 283 19.85 23.96 -27.96
N THR D 284 20.33 23.46 -26.81
CA THR D 284 19.54 23.58 -25.59
C THR D 284 19.32 25.05 -25.22
N GLY D 285 20.37 25.88 -25.33
CA GLY D 285 20.20 27.30 -25.05
C GLY D 285 19.17 27.96 -25.94
N SER D 286 19.21 27.65 -27.25
CA SER D 286 18.24 28.27 -28.18
C SER D 286 16.81 27.82 -27.90
N VAL D 287 16.59 26.54 -27.54
CA VAL D 287 15.24 26.12 -27.15
C VAL D 287 14.73 26.97 -25.98
N LEU D 288 15.56 27.15 -24.95
CA LEU D 288 15.12 27.95 -23.81
C LEU D 288 14.86 29.40 -24.21
N THR D 289 15.78 29.98 -24.98
CA THR D 289 15.61 31.35 -25.46
C THR D 289 14.26 31.52 -26.16
N TRP D 290 13.94 30.60 -27.08
CA TRP D 290 12.74 30.78 -27.89
C TRP D 290 11.49 30.49 -27.08
N THR D 291 11.53 29.48 -26.21
CA THR D 291 10.39 29.18 -25.34
C THR D 291 10.06 30.38 -24.45
N LEU D 292 11.08 30.97 -23.83
CA LEU D 292 10.85 32.12 -22.96
C LEU D 292 10.24 33.26 -23.75
N TYR D 293 10.76 33.50 -24.97
CA TYR D 293 10.17 34.52 -25.83
C TYR D 293 8.70 34.24 -26.09
N LEU D 294 8.38 33.01 -26.50
CA LEU D 294 6.99 32.66 -26.79
C LEU D 294 6.11 32.84 -25.58
N LEU D 295 6.62 32.53 -24.40
CA LEU D 295 5.82 32.71 -23.19
C LEU D 295 5.59 34.19 -22.88
N SER D 296 6.60 35.03 -23.11
CA SER D 296 6.47 36.47 -22.90
C SER D 296 5.55 37.13 -23.92
N LYS D 297 5.21 36.44 -25.01
CA LYS D 297 4.26 36.92 -26.00
C LYS D 297 2.85 36.38 -25.77
N ASN D 298 2.70 35.39 -24.90
CA ASN D 298 1.44 34.67 -24.78
C ASN D 298 1.10 34.60 -23.30
N SER D 299 0.33 35.60 -22.85
CA SER D 299 0.08 35.76 -21.41
C SER D 299 -0.64 34.56 -20.83
N SER D 300 -1.64 34.05 -21.55
CA SER D 300 -2.42 32.92 -21.07
CA SER D 300 -2.41 32.94 -21.03
C SER D 300 -1.57 31.67 -20.89
N ALA D 301 -0.58 31.48 -21.78
CA ALA D 301 0.30 30.33 -21.65
C ALA D 301 1.24 30.51 -20.46
N LEU D 302 1.82 31.69 -20.32
CA LEU D 302 2.68 31.96 -19.19
C LEU D 302 1.95 31.73 -17.87
N ARG D 303 0.68 32.13 -17.81
CA ARG D 303 -0.10 31.93 -16.59
CA ARG D 303 -0.12 31.94 -16.59
C ARG D 303 -0.33 30.45 -16.31
N LYS D 304 -0.70 29.69 -17.34
CA LYS D 304 -0.86 28.25 -17.15
C LYS D 304 0.45 27.60 -16.74
N ALA D 305 1.56 28.09 -17.26
CA ALA D 305 2.84 27.50 -16.92
C ALA D 305 3.21 27.79 -15.47
N GLN D 306 2.88 28.99 -14.99
CA GLN D 306 3.13 29.33 -13.59
C GLN D 306 2.22 28.53 -12.66
N GLU D 307 0.93 28.41 -13.02
CA GLU D 307 0.02 27.61 -12.20
C GLU D 307 0.60 26.22 -11.97
N GLU D 308 1.20 25.64 -13.02
CA GLU D 308 1.65 24.27 -12.94
C GLU D 308 2.88 24.14 -12.06
N VAL D 309 3.88 25.00 -12.28
CA VAL D 309 5.10 24.90 -11.48
C VAL D 309 4.80 25.22 -10.01
N ASP D 310 3.82 26.09 -9.75
CA ASP D 310 3.45 26.36 -8.35
C ASP D 310 2.80 25.13 -7.74
N ARG D 311 1.78 24.58 -8.42
CA ARG D 311 1.08 23.40 -7.91
C ARG D 311 2.00 22.19 -7.78
N VAL D 312 2.81 21.90 -8.80
CA VAL D 312 3.54 20.64 -8.81
C VAL D 312 4.66 20.67 -7.77
N LEU D 313 5.35 21.81 -7.64
CA LEU D 313 6.58 21.88 -6.86
C LEU D 313 6.44 22.59 -5.52
N GLU D 314 5.45 23.49 -5.38
CA GLU D 314 5.29 24.28 -4.16
C GLU D 314 6.62 24.89 -3.70
N GLY D 315 7.44 25.32 -4.67
CA GLY D 315 8.67 26.00 -4.37
C GLY D 315 9.92 25.14 -4.25
N ARG D 316 9.78 23.82 -4.19
CA ARG D 316 10.96 22.95 -4.14
C ARG D 316 11.70 22.96 -5.48
N ASN D 317 12.96 22.56 -5.42
CA ASN D 317 13.72 22.25 -6.63
C ASN D 317 13.06 21.07 -7.36
N PRO D 318 13.05 21.09 -8.70
CA PRO D 318 12.57 19.91 -9.45
C PRO D 318 13.46 18.71 -9.17
N ALA D 319 12.83 17.57 -8.89
CA ALA D 319 13.53 16.29 -8.82
C ALA D 319 13.19 15.47 -10.05
N PHE D 320 13.98 14.42 -10.28
CA PHE D 320 13.74 13.58 -11.46
C PHE D 320 12.29 13.16 -11.53
N GLU D 321 11.74 12.73 -10.39
CA GLU D 321 10.38 12.21 -10.35
C GLU D 321 9.35 13.28 -10.64
N ASP D 322 9.71 14.57 -10.48
CA ASP D 322 8.77 15.65 -10.76
C ASP D 322 8.62 15.93 -12.25
N ILE D 323 9.61 15.55 -13.06
CA ILE D 323 9.62 15.92 -14.47
C ILE D 323 8.31 15.49 -15.15
N LYS D 324 7.84 14.27 -14.84
CA LYS D 324 6.66 13.79 -15.55
C LYS D 324 5.41 14.56 -15.19
N GLU D 325 5.42 15.32 -14.08
CA GLU D 325 4.26 16.10 -13.69
C GLU D 325 4.27 17.51 -14.27
N LEU D 326 5.41 17.99 -14.77
CA LEU D 326 5.48 19.30 -15.41
C LEU D 326 5.04 19.17 -16.88
N LYS D 327 3.78 18.74 -17.03
CA LYS D 327 3.27 18.34 -18.34
C LYS D 327 3.11 19.52 -19.27
N TYR D 328 2.44 20.59 -18.80
CA TYR D 328 2.21 21.76 -19.64
C TYR D 328 3.51 22.48 -19.97
N ILE D 329 4.40 22.62 -18.98
CA ILE D 329 5.73 23.16 -19.23
C ILE D 329 6.39 22.39 -20.37
N THR D 330 6.24 21.07 -20.37
CA THR D 330 6.86 20.25 -21.41
C THR D 330 6.27 20.55 -22.78
N ARG D 331 4.95 20.71 -22.84
CA ARG D 331 4.29 21.03 -24.11
C ARG D 331 4.66 22.42 -24.61
N CYS D 332 4.89 23.39 -23.71
CA CYS D 332 5.37 24.71 -24.16
C CYS D 332 6.74 24.58 -24.83
N ILE D 333 7.60 23.74 -24.27
CA ILE D 333 8.89 23.47 -24.87
C ILE D 333 8.76 22.73 -26.20
N ASN D 334 7.88 21.71 -26.26
CA ASN D 334 7.63 21.01 -27.54
C ASN D 334 7.18 21.99 -28.60
N GLU D 335 6.22 22.86 -28.26
CA GLU D 335 5.64 23.75 -29.26
C GLU D 335 6.62 24.83 -29.69
N SER D 336 7.54 25.21 -28.80
CA SER D 336 8.64 26.09 -29.18
C SER D 336 9.59 25.40 -30.16
N MET D 337 9.86 24.12 -29.94
CA MET D 337 10.73 23.41 -30.87
C MET D 337 10.04 23.19 -32.21
N ARG D 338 8.71 23.12 -32.22
CA ARG D 338 7.99 23.04 -33.48
C ARG D 338 8.17 24.34 -34.27
N LEU D 339 7.86 25.49 -33.63
CA LEU D 339 8.03 26.78 -34.29
C LEU D 339 9.49 27.10 -34.61
N TYR D 340 10.44 26.62 -33.80
CA TYR D 340 11.85 26.98 -33.95
C TYR D 340 12.73 25.75 -33.80
N PRO D 341 12.85 24.94 -34.85
CA PRO D 341 13.74 23.78 -34.81
C PRO D 341 15.21 24.14 -34.95
N HIS D 342 16.06 23.39 -34.23
CA HIS D 342 17.51 23.61 -34.22
C HIS D 342 18.24 22.31 -34.54
N PRO D 343 18.96 22.21 -35.68
CA PRO D 343 19.08 23.18 -36.77
C PRO D 343 17.80 23.21 -37.59
N PRO D 344 17.59 24.26 -38.37
CA PRO D 344 16.35 24.33 -39.16
C PRO D 344 16.36 23.39 -40.35
N VAL D 345 17.51 22.79 -40.70
CA VAL D 345 17.60 21.84 -41.80
C VAL D 345 18.50 20.69 -41.39
N LEU D 346 18.18 19.50 -41.90
CA LEU D 346 18.98 18.31 -41.72
C LEU D 346 19.52 17.88 -43.07
N ILE D 347 20.78 17.44 -43.09
CA ILE D 347 21.53 17.22 -44.32
C ILE D 347 21.87 15.74 -44.43
N ARG D 348 21.66 15.17 -45.62
CA ARG D 348 22.08 13.81 -45.95
C ARG D 348 22.64 13.80 -47.38
N ARG D 349 23.20 12.66 -47.77
CA ARG D 349 23.64 12.45 -49.14
C ARG D 349 23.36 10.99 -49.53
N ALA D 350 22.61 10.77 -50.61
CA ALA D 350 22.34 9.42 -51.08
C ALA D 350 23.64 8.67 -51.36
N GLN D 351 23.77 7.46 -50.83
CA GLN D 351 24.95 6.66 -51.13
C GLN D 351 24.74 5.66 -52.26
N VAL D 352 23.50 5.42 -52.66
CA VAL D 352 23.12 4.56 -53.80
C VAL D 352 21.94 5.24 -54.46
N PRO D 353 21.52 4.85 -55.67
CA PRO D 353 20.26 5.40 -56.21
C PRO D 353 19.06 4.94 -55.38
N ASP D 354 18.02 5.75 -55.41
CA ASP D 354 16.87 5.46 -54.56
C ASP D 354 15.65 6.19 -55.10
N ILE D 355 14.48 5.67 -54.75
CA ILE D 355 13.19 6.26 -55.12
C ILE D 355 12.50 6.74 -53.86
N LEU D 356 12.24 7.95 -53.79
CA LEU D 356 11.60 8.55 -52.63
C LEU D 356 10.09 8.43 -52.76
N PRO D 357 9.39 8.40 -51.63
CA PRO D 357 7.93 8.34 -51.66
C PRO D 357 7.35 9.42 -52.56
N GLY D 358 6.47 9.02 -53.46
CA GLY D 358 6.00 9.88 -54.53
C GLY D 358 6.72 9.67 -55.84
N ASN D 359 7.63 8.70 -55.89
CA ASN D 359 8.33 8.29 -57.12
C ASN D 359 9.31 9.37 -57.61
N TYR D 360 9.96 10.06 -56.68
CA TYR D 360 11.05 10.97 -57.03
C TYR D 360 12.35 10.19 -57.01
N LYS D 361 13.15 10.33 -58.06
CA LYS D 361 14.35 9.52 -58.23
C LYS D 361 15.60 10.36 -57.97
N VAL D 362 16.51 9.83 -57.14
CA VAL D 362 17.80 10.45 -56.89
C VAL D 362 18.90 9.42 -57.13
N ASN D 363 20.08 9.93 -57.45
CA ASN D 363 21.25 9.16 -57.86
C ASN D 363 22.27 9.15 -56.73
N THR D 364 23.22 8.22 -56.81
CA THR D 364 24.34 8.21 -55.87
C THR D 364 25.01 9.57 -55.82
N GLY D 365 25.27 10.05 -54.60
CA GLY D 365 25.93 11.32 -54.41
C GLY D 365 25.02 12.52 -54.29
N GLN D 366 23.69 12.35 -54.44
CA GLN D 366 22.77 13.47 -54.40
C GLN D 366 22.68 14.06 -53.00
N ASP D 367 22.96 15.35 -52.85
CA ASP D 367 22.82 16.00 -51.55
C ASP D 367 21.35 16.27 -51.26
N ILE D 368 20.93 15.97 -50.03
CA ILE D 368 19.56 16.11 -49.55
C ILE D 368 19.51 17.14 -48.44
N MET D 369 18.50 18.00 -48.46
CA MET D 369 18.24 18.92 -47.36
C MET D 369 16.80 18.75 -46.91
N ILE D 370 16.61 18.28 -45.68
CA ILE D 370 15.28 18.24 -45.06
C ILE D 370 15.07 19.56 -44.34
N SER D 371 14.02 20.30 -44.71
CA SER D 371 13.71 21.55 -44.02
C SER D 371 12.73 21.24 -42.88
N VAL D 372 13.27 21.02 -41.70
CA VAL D 372 12.42 20.82 -40.52
C VAL D 372 11.57 22.06 -40.28
N TYR D 373 12.15 23.25 -40.49
CA TYR D 373 11.37 24.48 -40.38
C TYR D 373 10.14 24.45 -41.29
N ASN D 374 10.30 24.01 -42.55
CA ASN D 374 9.16 23.96 -43.46
C ASN D 374 8.12 22.94 -42.99
N ILE D 375 8.56 21.75 -42.62
CA ILE D 375 7.63 20.72 -42.19
C ILE D 375 6.81 21.21 -41.01
N HIS D 376 7.48 21.82 -40.02
CA HIS D 376 6.79 22.27 -38.81
C HIS D 376 5.83 23.41 -39.09
N ARG D 377 6.10 24.22 -40.11
CA ARG D 377 5.29 25.40 -40.37
C ARG D 377 4.40 25.26 -41.61
N SER D 378 4.35 24.07 -42.20
CA SER D 378 3.58 23.84 -43.42
C SER D 378 2.10 23.72 -43.08
N SER D 379 1.26 24.51 -43.75
CA SER D 379 -0.18 24.36 -43.57
C SER D 379 -0.71 23.05 -44.15
N GLU D 380 0.06 22.38 -45.02
CA GLU D 380 -0.30 21.04 -45.44
C GLU D 380 -0.04 20.00 -44.35
N VAL D 381 0.60 20.40 -43.23
CA VAL D 381 0.99 19.48 -42.18
C VAL D 381 0.35 19.83 -40.85
N TRP D 382 0.27 21.12 -40.51
CA TRP D 382 -0.18 21.58 -39.19
C TRP D 382 -1.28 22.62 -39.35
N GLU D 383 -2.40 22.42 -38.64
CA GLU D 383 -3.38 23.48 -38.53
C GLU D 383 -2.79 24.60 -37.68
N LYS D 384 -3.12 25.85 -38.04
CA LYS D 384 -2.66 27.04 -37.32
C LYS D 384 -1.15 26.98 -37.08
N ALA D 385 -0.43 26.66 -38.17
CA ALA D 385 0.98 26.28 -38.07
C ALA D 385 1.85 27.40 -37.55
N GLU D 386 1.43 28.65 -37.72
CA GLU D 386 2.24 29.77 -37.26
C GLU D 386 1.93 30.21 -35.83
N GLU D 387 0.91 29.64 -35.19
CA GLU D 387 0.49 30.09 -33.88
C GLU D 387 1.06 29.19 -32.79
N PHE D 388 1.40 29.81 -31.66
CA PHE D 388 1.93 29.12 -30.47
C PHE D 388 0.76 28.55 -29.67
N LEU D 389 0.47 27.27 -29.86
CA LEU D 389 -0.65 26.60 -29.21
C LEU D 389 -0.15 25.32 -28.54
N PRO D 390 0.43 25.43 -27.34
CA PRO D 390 0.83 24.22 -26.60
C PRO D 390 -0.31 23.25 -26.38
N GLU D 391 -1.55 23.72 -26.40
CA GLU D 391 -2.71 22.87 -26.24
C GLU D 391 -2.98 21.99 -27.45
N ARG D 392 -2.20 22.10 -28.53
CA ARG D 392 -2.38 21.18 -29.65
C ARG D 392 -1.90 19.77 -29.31
N PHE D 393 -1.11 19.61 -28.25
CA PHE D 393 -0.65 18.30 -27.82
C PHE D 393 -1.50 17.85 -26.63
N ASP D 394 -2.01 16.61 -26.70
CA ASP D 394 -2.73 16.02 -25.58
C ASP D 394 -1.87 16.03 -24.31
N ILE D 395 -2.32 16.75 -23.29
CA ILE D 395 -1.51 16.88 -22.08
C ILE D 395 -1.42 15.54 -21.34
N ASP D 396 -2.36 14.62 -21.58
CA ASP D 396 -2.34 13.30 -20.97
C ASP D 396 -1.84 12.22 -21.92
N GLY D 397 -1.46 12.58 -23.15
CA GLY D 397 -0.88 11.63 -24.06
C GLY D 397 0.63 11.60 -23.98
N ALA D 398 1.22 10.82 -24.88
CA ALA D 398 2.68 10.76 -24.98
C ALA D 398 3.25 12.10 -25.39
N ILE D 399 4.41 12.43 -24.84
CA ILE D 399 5.12 13.63 -25.28
C ILE D 399 5.39 13.52 -26.78
N PRO D 400 5.01 14.51 -27.59
CA PRO D 400 5.14 14.38 -29.06
C PRO D 400 6.58 14.18 -29.48
N ASN D 401 6.78 13.37 -30.52
CA ASN D 401 8.10 13.18 -31.11
C ASN D 401 7.94 12.71 -32.56
N GLU D 402 9.06 12.36 -33.20
CA GLU D 402 9.04 12.02 -34.62
C GLU D 402 8.30 10.71 -34.90
N THR D 403 8.39 9.74 -33.98
CA THR D 403 7.75 8.46 -34.18
C THR D 403 6.23 8.57 -33.99
N ASN D 404 5.77 9.15 -32.89
CA ASN D 404 4.33 9.17 -32.65
C ASN D 404 3.61 10.29 -33.41
N THR D 405 4.31 11.14 -34.14
CA THR D 405 3.66 12.06 -35.07
C THR D 405 3.94 11.71 -36.53
N ASP D 406 4.62 10.60 -36.79
CA ASP D 406 4.94 10.17 -38.15
C ASP D 406 5.67 11.28 -38.89
N PHE D 407 6.62 11.91 -38.18
CA PHE D 407 7.56 12.90 -38.72
C PHE D 407 6.86 14.17 -39.19
N LYS D 408 5.69 14.47 -38.63
CA LYS D 408 5.17 15.83 -38.70
C LYS D 408 5.88 16.76 -37.72
N PHE D 409 6.38 16.21 -36.61
CA PHE D 409 7.15 16.95 -35.60
C PHE D 409 8.50 16.26 -35.47
N ILE D 410 9.58 16.99 -35.75
CA ILE D 410 10.90 16.33 -35.73
C ILE D 410 11.84 17.16 -34.88
N PRO D 411 11.73 17.07 -33.55
CA PRO D 411 12.57 17.93 -32.71
C PRO D 411 13.98 17.42 -32.53
N PHE D 412 14.23 16.12 -32.70
CA PHE D 412 15.54 15.56 -32.36
C PHE D 412 16.02 14.63 -33.47
N SER D 413 15.75 14.99 -34.72
CA SER D 413 16.00 14.16 -35.90
C SER D 413 15.28 12.81 -35.69
N GLY D 414 15.79 11.76 -36.30
CA GLY D 414 15.09 10.48 -36.28
C GLY D 414 15.94 9.45 -36.98
N GLY D 415 15.45 8.22 -36.99
CA GLY D 415 16.19 7.13 -37.57
C GLY D 415 17.46 6.85 -36.81
N PRO D 416 18.37 6.10 -37.43
CA PRO D 416 19.58 5.65 -36.69
C PRO D 416 20.50 6.76 -36.22
N ARG D 417 20.48 7.96 -36.81
CA ARG D 417 21.33 9.06 -36.34
C ARG D 417 20.57 10.02 -35.43
N LYS D 418 19.43 9.60 -34.90
CA LYS D 418 18.65 10.41 -33.98
C LYS D 418 19.50 10.90 -32.82
N CYS D 419 19.20 12.12 -32.36
CA CYS D 419 19.86 12.69 -31.20
C CYS D 419 19.90 11.70 -30.03
N VAL D 420 21.08 11.53 -29.42
CA VAL D 420 21.15 10.71 -28.21
C VAL D 420 20.89 11.51 -26.94
N GLY D 421 20.85 12.84 -27.03
CA GLY D 421 20.65 13.66 -25.84
C GLY D 421 19.22 14.13 -25.71
N ASP D 422 18.29 13.44 -26.39
CA ASP D 422 16.94 13.95 -26.48
C ASP D 422 16.25 13.94 -25.12
N GLN D 423 16.45 12.88 -24.34
CA GLN D 423 15.88 12.84 -23.00
CA GLN D 423 15.88 12.84 -23.00
C GLN D 423 16.62 13.80 -22.07
N PHE D 424 17.96 13.78 -22.13
CA PHE D 424 18.80 14.72 -21.37
C PHE D 424 18.39 16.15 -21.66
N ALA D 425 18.32 16.51 -22.94
CA ALA D 425 18.08 17.90 -23.32
C ALA D 425 16.72 18.38 -22.89
N LEU D 426 15.68 17.58 -23.11
CA LEU D 426 14.34 17.98 -22.72
C LEU D 426 14.24 18.15 -21.20
N MET D 427 14.93 17.30 -20.45
CA MET D 427 14.92 17.41 -19.00
C MET D 427 15.65 18.67 -18.54
N GLU D 428 16.76 19.02 -19.19
CA GLU D 428 17.45 20.26 -18.85
C GLU D 428 16.57 21.47 -19.10
N ALA D 429 15.85 21.48 -20.22
CA ALA D 429 14.98 22.62 -20.52
C ALA D 429 13.79 22.69 -19.58
N ILE D 430 13.21 21.54 -19.21
CA ILE D 430 12.08 21.54 -18.27
C ILE D 430 12.53 22.07 -16.91
N VAL D 431 13.66 21.56 -16.40
CA VAL D 431 14.14 21.96 -15.08
C VAL D 431 14.51 23.44 -15.05
N ALA D 432 15.30 23.89 -16.04
CA ALA D 432 15.73 25.29 -16.04
C ALA D 432 14.54 26.21 -16.15
N LEU D 433 13.57 25.87 -16.99
CA LEU D 433 12.44 26.77 -17.16
C LEU D 433 11.53 26.75 -15.93
N ALA D 434 11.41 25.61 -15.25
CA ALA D 434 10.59 25.56 -14.04
C ALA D 434 11.19 26.42 -12.93
N VAL D 435 12.48 26.25 -12.67
CA VAL D 435 13.19 27.07 -11.67
C VAL D 435 13.06 28.55 -12.01
N PHE D 436 13.20 28.91 -13.29
CA PHE D 436 13.07 30.31 -13.68
C PHE D 436 11.66 30.82 -13.39
N LEU D 437 10.65 30.06 -13.82
CA LEU D 437 9.27 30.48 -13.66
C LEU D 437 8.83 30.50 -12.20
N GLN D 438 9.46 29.70 -11.35
CA GLN D 438 9.11 29.76 -9.94
C GLN D 438 9.78 30.93 -9.21
N ARG D 439 10.89 31.46 -9.73
CA ARG D 439 11.57 32.53 -9.03
C ARG D 439 11.31 33.92 -9.61
N LEU D 440 11.01 34.05 -10.90
CA LEU D 440 10.97 35.37 -11.52
C LEU D 440 9.72 35.58 -12.33
N ASN D 441 9.17 36.79 -12.26
CA ASN D 441 8.28 37.27 -13.29
C ASN D 441 9.12 37.75 -14.46
N VAL D 442 8.52 37.79 -15.64
CA VAL D 442 9.27 38.10 -16.85
C VAL D 442 8.38 38.89 -17.79
N GLU D 443 8.95 39.92 -18.43
CA GLU D 443 8.23 40.68 -19.44
C GLU D 443 9.17 40.99 -20.60
N LEU D 444 8.63 40.95 -21.82
CA LEU D 444 9.44 41.27 -22.99
C LEU D 444 9.66 42.77 -23.08
N VAL D 445 10.91 43.18 -23.23
CA VAL D 445 11.18 44.62 -23.40
C VAL D 445 10.57 45.07 -24.72
N PRO D 446 9.77 46.14 -24.73
CA PRO D 446 9.07 46.53 -25.97
C PRO D 446 10.00 47.18 -26.98
N ASP D 447 9.43 47.43 -28.17
CA ASP D 447 10.10 48.06 -29.31
C ASP D 447 11.25 47.24 -29.89
N GLN D 448 11.31 45.93 -29.60
CA GLN D 448 12.37 45.09 -30.12
C GLN D 448 11.96 44.49 -31.46
N THR D 449 12.97 44.15 -32.27
CA THR D 449 12.77 43.29 -33.43
C THR D 449 13.32 41.92 -33.07
N ILE D 450 12.41 40.99 -32.80
CA ILE D 450 12.78 39.60 -32.54
C ILE D 450 12.58 38.85 -33.84
N SER D 451 13.68 38.60 -34.54
CA SER D 451 13.68 37.95 -35.84
C SER D 451 14.75 36.86 -35.82
N MET D 452 14.65 35.96 -36.79
CA MET D 452 15.50 34.78 -36.82
C MET D 452 16.77 35.03 -37.63
N THR D 453 17.88 34.55 -37.10
CA THR D 453 19.10 34.37 -37.87
C THR D 453 19.51 32.92 -37.70
N THR D 454 19.82 32.24 -38.80
CA THR D 454 20.01 30.79 -38.80
C THR D 454 21.49 30.46 -38.90
N GLY D 455 21.89 29.46 -38.12
CA GLY D 455 23.24 28.93 -38.13
C GLY D 455 23.16 27.48 -37.71
N ALA D 456 24.04 27.03 -36.81
CA ALA D 456 23.85 25.70 -36.22
C ALA D 456 22.50 25.58 -35.51
N THR D 457 22.00 26.69 -34.97
CA THR D 457 20.66 26.78 -34.40
C THR D 457 19.97 28.02 -34.96
N ILE D 458 18.69 28.17 -34.67
CA ILE D 458 18.02 29.44 -34.93
C ILE D 458 18.24 30.31 -33.71
N HIS D 459 18.91 31.44 -33.88
CA HIS D 459 19.06 32.39 -32.80
C HIS D 459 18.44 33.72 -33.23
N THR D 460 18.31 34.63 -32.26
CA THR D 460 17.74 35.95 -32.56
C THR D 460 18.75 36.81 -33.31
N THR D 461 18.24 37.73 -34.12
CA THR D 461 19.14 38.67 -34.81
C THR D 461 19.77 39.64 -33.80
N ASN D 462 18.97 40.19 -32.88
CA ASN D 462 19.42 41.30 -32.03
C ASN D 462 19.33 41.02 -30.54
N GLY D 463 19.22 39.75 -30.14
CA GLY D 463 19.11 39.39 -28.74
C GLY D 463 17.67 39.38 -28.26
N LEU D 464 17.47 38.83 -27.06
CA LEU D 464 16.14 38.67 -26.47
C LEU D 464 16.13 39.42 -25.13
N TYR D 465 15.74 40.70 -25.15
CA TYR D 465 15.86 41.53 -23.95
C TYR D 465 14.59 41.44 -23.13
N MET D 466 14.76 41.11 -21.84
CA MET D 466 13.65 40.88 -20.93
C MET D 466 13.78 41.74 -19.69
N LYS D 467 12.65 42.10 -19.10
CA LYS D 467 12.63 42.67 -17.76
C LYS D 467 12.04 41.64 -16.80
N VAL D 468 12.59 41.61 -15.59
CA VAL D 468 12.52 40.44 -14.72
C VAL D 468 12.37 40.94 -13.28
N SER D 469 11.60 40.22 -12.47
CA SER D 469 11.35 40.66 -11.10
C SER D 469 10.99 39.46 -10.23
N GLN D 470 11.34 39.55 -8.95
CA GLN D 470 11.17 38.41 -8.05
C GLN D 470 9.70 38.07 -7.87
N ARG D 471 9.41 36.79 -7.73
CA ARG D 471 8.05 36.33 -7.49
C ARG D 471 7.83 36.11 -6.00
CHA HEM E . -14.36 -17.64 35.38
CHB HEM E . -17.82 -18.46 32.09
CHC HEM E . -14.63 -20.36 28.93
CHD HEM E . -11.27 -19.99 32.42
C1A HEM E . -15.57 -17.65 34.72
C2A HEM E . -16.79 -17.02 35.18
C3A HEM E . -17.75 -17.23 34.27
C4A HEM E . -17.16 -18.02 33.21
CMA HEM E . -19.22 -16.73 34.33
CAA HEM E . -16.86 -16.20 36.48
CBA HEM E . -17.46 -16.95 37.63
CGA HEM E . -17.54 -15.93 38.77
O1A HEM E . -17.24 -14.70 38.59
O2A HEM E . -17.86 -16.41 39.87
C1B HEM E . -17.27 -19.03 30.94
C2B HEM E . -17.99 -19.39 29.73
C3B HEM E . -17.12 -19.94 28.87
C4B HEM E . -15.82 -19.91 29.49
CMB HEM E . -19.51 -19.18 29.57
CAB HEM E . -17.36 -20.47 27.44
CBB HEM E . -18.32 -20.01 26.64
C1C HEM E . -13.42 -20.41 29.60
C2C HEM E . -12.18 -20.92 29.06
C3C HEM E . -11.24 -20.84 30.03
C4C HEM E . -11.87 -20.26 31.20
CMC HEM E . -12.07 -21.47 27.63
CAC HEM E . -9.75 -21.21 29.98
CBC HEM E . -9.03 -21.19 28.84
C1D HEM E . -11.82 -19.36 33.53
C2D HEM E . -11.14 -19.15 34.79
C3D HEM E . -11.99 -18.48 35.61
C4D HEM E . -13.24 -18.28 34.90
CMD HEM E . -9.69 -19.59 35.10
CAD HEM E . -11.73 -18.01 37.06
CBD HEM E . -11.28 -16.54 37.02
CGD HEM E . -11.00 -16.00 38.41
O1D HEM E . -10.05 -15.18 38.51
O2D HEM E . -11.69 -16.37 39.41
NA HEM E . -15.83 -18.26 33.52
NB HEM E . -15.96 -19.38 30.75
NC HEM E . -13.19 -20.03 30.90
ND HEM E . -13.08 -18.82 33.64
FE HEM E . -14.45 -18.92 32.14
C1 GOL F . -37.33 -24.32 24.66
O1 GOL F . -38.45 -24.10 23.88
C2 GOL F . -37.18 -23.08 25.58
O2 GOL F . -38.39 -22.43 25.84
C3 GOL F . -36.51 -23.61 26.86
O3 GOL F . -35.28 -24.04 26.47
C1 GOL G . -35.87 -18.77 22.04
O1 GOL G . -37.03 -19.41 21.48
C2 GOL G . -35.50 -19.58 23.36
O2 GOL G . -35.29 -20.95 23.09
C3 GOL G . -36.69 -19.32 24.37
O3 GOL G . -36.40 -20.01 25.55
C1 SOG H . -27.03 -23.47 43.65
C2 SOG H . -26.31 -23.36 45.01
C3 SOG H . -24.91 -22.88 44.97
C4 SOG H . -24.16 -23.54 43.84
C5 SOG H . -24.84 -23.05 42.56
C6 SOG H . -23.96 -23.26 41.36
C1' SOG H . -29.74 -23.88 44.58
C2' SOG H . -29.90 -24.23 46.09
C3' SOG H . -30.26 -22.96 46.86
C4' SOG H . -30.78 -23.35 48.27
C5' SOG H . -32.07 -24.19 48.15
C6' SOG H . -32.78 -24.33 49.50
C7' SOG H . -31.86 -25.03 50.57
C8' SOG H . -32.72 -25.95 51.51
S1 SOG H . -28.26 -24.74 43.87
O2 SOG H . -27.08 -22.44 45.85
O3 SOG H . -24.29 -23.14 46.27
O4 SOG H . -22.74 -23.31 43.88
O5 SOG H . -26.15 -23.72 42.42
O6 SOG H . -24.27 -24.47 40.75
CHA HEM I . -6.30 -27.81 -13.92
CHB HEM I . -7.43 -23.67 -16.11
CHC HEM I . -3.03 -21.84 -15.16
CHD HEM I . -1.85 -26.02 -13.06
C1A HEM I . -7.00 -26.83 -14.59
C2A HEM I . -8.36 -26.94 -15.05
C3A HEM I . -8.67 -25.81 -15.67
C4A HEM I . -7.51 -24.94 -15.61
CMA HEM I . -10.03 -25.48 -16.31
CAA HEM I . -9.28 -28.19 -14.88
CBA HEM I . -9.02 -29.06 -16.10
CGA HEM I . -9.85 -30.31 -16.20
O1A HEM I . -10.61 -30.62 -15.26
O2A HEM I . -9.76 -31.03 -17.25
C1B HEM I . -6.34 -22.83 -16.05
C2B HEM I . -6.28 -21.50 -16.63
C3B HEM I . -5.05 -20.99 -16.38
C4B HEM I . -4.33 -21.99 -15.62
CMB HEM I . -7.46 -20.84 -17.39
CAB HEM I . -4.46 -19.61 -16.73
CBB HEM I . -5.20 -18.51 -16.81
C1C HEM I . -2.34 -22.79 -14.46
C2C HEM I . -1.02 -22.64 -13.89
C3C HEM I . -0.67 -23.80 -13.31
C4C HEM I . -1.79 -24.72 -13.49
CMC HEM I . -0.19 -21.33 -13.97
CAC HEM I . 0.62 -24.16 -12.54
CBC HEM I . 1.53 -23.28 -12.09
C1D HEM I . -2.93 -26.88 -13.16
C2D HEM I . -2.97 -28.28 -12.75
C3D HEM I . -4.20 -28.77 -12.98
C4D HEM I . -4.98 -27.70 -13.55
CMD HEM I . -1.80 -29.07 -12.16
CAD HEM I . -4.74 -30.18 -12.71
CBD HEM I . -5.20 -30.18 -11.24
CGD HEM I . -5.76 -31.54 -10.86
O1D HEM I . -5.55 -31.96 -9.69
O2D HEM I . -6.39 -32.22 -11.71
NA HEM I . -6.49 -25.60 -14.95
NB HEM I . -5.13 -23.10 -15.46
NC HEM I . -2.78 -24.07 -14.20
ND HEM I . -4.19 -26.59 -13.63
FE HEM I . -4.64 -24.80 -14.34
C1 GOL J . -17.62 -9.16 -26.58
O1 GOL J . -17.70 -8.25 -27.65
C2 GOL J . -17.07 -10.51 -27.17
O2 GOL J . -15.96 -10.34 -27.99
C3 GOL J . -18.26 -11.17 -27.89
O3 GOL J . -17.78 -12.37 -28.39
C1 GOL K . -16.32 -12.25 -31.20
O1 GOL K . -17.56 -12.10 -31.83
C2 GOL K . -15.87 -13.72 -31.41
O2 GOL K . -14.51 -13.80 -31.61
C3 GOL K . -16.29 -14.51 -30.11
O3 GOL K . -17.65 -14.92 -30.17
C1 SOG L . -11.95 -32.69 -26.36
C2 SOG L . -12.21 -31.20 -26.09
C3 SOG L . -10.98 -30.51 -25.62
C4 SOG L . -10.49 -31.16 -24.37
C5 SOG L . -10.04 -32.57 -24.78
C6 SOG L . -9.27 -33.26 -23.70
C1' SOG L . -14.20 -32.84 -28.35
C2' SOG L . -14.31 -33.92 -29.48
C3' SOG L . -15.58 -33.65 -30.30
C4' SOG L . -16.70 -34.58 -29.77
C5' SOG L . -17.49 -35.25 -30.92
C6' SOG L . -16.53 -35.60 -32.06
C7' SOG L . -16.73 -37.05 -32.63
C8' SOG L . -18.00 -37.14 -33.56
S1 SOG L . -13.45 -33.55 -26.79
O2 SOG L . -12.64 -30.55 -27.31
O3 SOG L . -11.20 -29.09 -25.42
O4 SOG L . -9.45 -30.36 -23.76
O5 SOG L . -11.21 -33.37 -25.21
O6 SOG L . -7.98 -32.78 -23.63
CHA HEM M . 8.38 27.01 14.30
CHB HEM M . 3.81 25.42 14.56
CHC HEM M . 5.37 20.93 15.64
CHD HEM M . 9.93 22.61 15.49
C1A HEM M . 7.01 26.93 14.24
C2A HEM M . 6.14 28.00 13.86
C3A HEM M . 4.87 27.58 13.92
C4A HEM M . 4.91 26.20 14.35
CMA HEM M . 3.57 28.34 13.59
CAA HEM M . 6.74 29.34 13.43
CBA HEM M . 6.22 30.53 14.19
CGA HEM M . 6.80 31.77 13.54
O1A HEM M . 6.96 32.73 14.33
O2A HEM M . 7.14 31.81 12.30
C1B HEM M . 3.83 24.08 14.88
C2B HEM M . 2.67 23.24 15.06
C3B HEM M . 3.10 22.00 15.34
C4B HEM M . 4.54 22.01 15.37
CMB HEM M . 1.24 23.78 14.89
CAB HEM M . 2.29 20.70 15.62
CBB HEM M . 1.04 20.50 15.20
C1C HEM M . 6.76 20.97 15.65
C2C HEM M . 7.70 19.86 15.83
C3C HEM M . 8.95 20.35 15.81
C4C HEM M . 8.86 21.76 15.57
CMC HEM M . 7.27 18.39 16.07
CAC HEM M . 10.31 19.61 15.94
CBC HEM M . 10.50 18.30 15.70
C1D HEM M . 9.91 23.96 15.19
C2D HEM M . 11.07 24.84 15.16
C3D HEM M . 10.64 26.07 14.84
C4D HEM M . 9.21 25.98 14.66
CMD HEM M . 12.54 24.45 15.48
CAD HEM M . 11.51 27.34 14.67
CBD HEM M . 11.82 27.51 13.18
CGD HEM M . 12.70 28.71 12.83
O1D HEM M . 12.46 29.87 13.28
O2D HEM M . 13.68 28.52 12.07
NA HEM M . 6.22 25.83 14.56
NB HEM M . 4.96 23.30 15.07
NC HEM M . 7.51 22.12 15.49
ND HEM M . 8.81 24.69 14.87
FE HEM M . 6.91 23.94 14.78
C1 GOL N . -0.65 55.28 24.53
O1 GOL N . -1.09 55.78 23.30
C2 GOL N . 0.83 55.76 24.73
O2 GOL N . 1.08 57.02 24.16
C3 GOL N . 1.07 55.72 26.28
O3 GOL N . 0.07 56.48 26.90
C1 GOL O . -15.27 24.67 16.00
O1 GOL O . -15.64 24.29 17.28
C2 GOL O . -16.54 25.17 15.36
O2 GOL O . -17.49 24.13 15.21
C3 GOL O . -16.98 26.34 16.30
O3 GOL O . -15.78 26.96 16.77
C1 GOL P . -14.60 27.52 19.97
O1 GOL P . -14.59 28.70 20.72
C2 GOL P . -15.18 26.42 20.90
O2 GOL P . -15.24 26.84 22.21
C3 GOL P . -16.60 26.05 20.33
O3 GOL P . -17.08 27.18 19.62
C1 SOG Q . -0.09 36.93 23.58
C2 SOG Q . -1.03 35.81 23.16
C3 SOG Q . -0.31 34.57 22.74
C4 SOG Q . 0.90 34.82 21.85
C5 SOG Q . 1.76 35.96 22.38
C6 SOG Q . 2.96 36.25 21.53
C1' SOG Q . 0.09 39.92 23.58
C2' SOG Q . -0.85 41.17 23.53
C3' SOG Q . -1.12 41.71 24.93
C4' SOG Q . -2.09 42.90 24.83
C5' SOG Q . -1.30 44.23 24.95
C6' SOG Q . -2.16 45.25 25.70
C7' SOG Q . -1.31 45.92 26.85
C8' SOG Q . -2.22 46.93 27.66
S1 SOG Q . -0.96 38.44 23.96
O2 SOG Q . -1.96 35.46 24.24
O3 SOG Q . -1.31 33.71 22.09
O4 SOG Q . 1.69 33.63 21.82
O5 SOG Q . 0.94 37.19 22.50
O6 SOG Q . 3.92 36.91 22.28
CHA HEM R . 22.39 14.59 -32.98
CHB HEM R . 19.21 18.05 -31.82
CHC HEM R . 20.77 18.23 -27.24
CHD HEM R . 23.98 14.82 -28.41
C1A HEM R . 21.38 15.52 -33.09
C2A HEM R . 20.62 15.85 -34.27
C3A HEM R . 19.74 16.80 -33.93
C4A HEM R . 19.92 17.10 -32.53
CMA HEM R . 18.71 17.50 -34.85
CAA HEM R . 20.80 15.22 -35.69
CBA HEM R . 21.78 16.06 -36.49
CGA HEM R . 22.07 15.55 -37.89
O1A HEM R . 21.50 14.53 -38.35
O2A HEM R . 22.91 16.20 -38.58
C1B HEM R . 19.36 18.40 -30.50
C2B HEM R . 18.59 19.41 -29.82
C3B HEM R . 19.02 19.48 -28.56
C4B HEM R . 20.07 18.49 -28.39
CMB HEM R . 17.49 20.24 -30.52
CAB HEM R . 18.52 20.37 -27.38
CBB HEM R . 17.27 20.87 -27.33
C1C HEM R . 21.77 17.28 -27.13
C2C HEM R . 22.50 16.92 -25.92
C3C HEM R . 23.39 15.98 -26.27
C4C HEM R . 23.24 15.73 -27.69
CMC HEM R . 22.23 17.55 -24.53
CAC HEM R . 24.42 15.20 -25.43
CBC HEM R . 24.33 15.12 -24.09
C1D HEM R . 23.86 14.51 -29.73
C2D HEM R . 24.74 13.64 -30.46
C3D HEM R . 24.33 13.57 -31.73
C4D HEM R . 23.13 14.40 -31.84
CMD HEM R . 25.97 12.93 -29.84
CAD HEM R . 24.95 12.75 -32.88
CBD HEM R . 24.34 11.34 -32.85
CGD HEM R . 24.68 10.49 -34.06
O1D HEM R . 24.77 9.26 -33.87
O2D HEM R . 24.86 11.01 -35.19
NA HEM R . 20.92 16.31 -32.04
NB HEM R . 20.26 17.86 -29.61
NC HEM R . 22.25 16.53 -28.18
ND HEM R . 22.88 14.97 -30.59
FE HEM R . 21.52 16.30 -30.05
C1 GOL S . 30.73 28.97 -60.91
O1 GOL S . 31.41 29.84 -61.76
C2 GOL S . 29.57 28.37 -61.71
O2 GOL S . 28.36 29.00 -61.44
C3 GOL S . 29.57 26.86 -61.37
O3 GOL S . 28.99 26.21 -62.48
C1 GOL T . 8.91 34.97 -35.75
O1 GOL T . 10.18 35.39 -35.39
C2 GOL T . 8.03 36.24 -35.98
O2 GOL T . 6.84 35.93 -36.64
C3 GOL T . 7.76 36.79 -34.57
O3 GOL T . 9.01 36.81 -33.94
C1 GOL U . 5.39 32.87 -35.12
O1 GOL U . 6.61 32.77 -35.84
C2 GOL U . 5.71 32.57 -33.60
O2 GOL U . 6.53 33.54 -33.02
C3 GOL U . 4.31 32.38 -32.87
O3 GOL U . 3.56 33.58 -32.97
C1 SOG V . 23.60 24.23 -43.51
C2 SOG V . 24.91 23.60 -43.03
C3 SOG V . 24.71 22.76 -41.81
C4 SOG V . 24.05 23.55 -40.73
C5 SOG V . 22.66 23.96 -41.23
C6 SOG V . 21.91 24.75 -40.24
C1' SOG V . 24.58 24.81 -46.16
C2' SOG V . 24.46 25.90 -47.27
C3' SOG V . 23.02 26.38 -47.31
C4' SOG V . 22.87 27.16 -48.64
C5' SOG V . 23.73 26.44 -49.69
C6' SOG V . 24.39 27.48 -50.58
C7' SOG V . 23.30 28.02 -51.57
C8' SOG V . 23.93 28.07 -53.02
S1 SOG V . 23.95 25.57 -44.60
O2 SOG V . 25.51 22.78 -44.07
O3 SOG V . 25.99 22.22 -41.34
O4 SOG V . 23.95 22.76 -39.53
O5 SOG V . 22.76 24.82 -42.42
O6 SOG V . 21.41 25.91 -40.83
#